data_7P4L
#
_entry.id   7P4L
#
_cell.length_a   262.510
_cell.length_b   111.330
_cell.length_c   68.510
_cell.angle_alpha   90.000
_cell.angle_beta   100.709
_cell.angle_gamma   90.000
#
_symmetry.space_group_name_H-M   'C 1 2 1'
#
loop_
_entity.id
_entity.type
_entity.pdbx_description
1 polymer Fusexin1
2 non-polymer 'CALCIUM ION'
3 non-polymer 'SODIUM ION'
4 non-polymer 'CHLORIDE ION'
5 water water
#
_entity_poly.entity_id   1
_entity_poly.type   'polypeptide(L)'
_entity_poly.pdbx_seq_one_letter_code
;ETGDSITYNSGTSEFFDGDVFAIEVTADQSTDEIDIYLGASELSEKTDGEVNQDLSIEFTHQDSKLKYSTSTSDELRDIV
TLTTYYEDGFDTEQDAIDAIKSDCYDLNQNGNGSGRYSRYYSVTSPVYDYEIYCFQKNEKLATPAYIDNPDEIFTAKAEL
QAGDKTIQSATLSNGDAGDGTVTDLGDSKISWNGNLDLGASEPENSRVIALYSNDFENGWRIGNKQSYEDYKTFIGGGDA
YDLLIDWQDGTYTASEVEDELVNTDANQAVEEASSSTTDLVNAKVKDSSLDTGSFVYDTPELLSYPSFTVYVDAGENGYI
EVTKPTGDPDIISTSSTEIKEGDEGTVCATVENVGDGEGEFSGRLSSCGEGFSIVDDQNTKNVGAGESVTYSFDVAFSSV
SSESKEISGSCTFEVNGVESSDSTSVSVTGIQQSECNPGDQRREKNENDRWEIYTCQDNGLTYEYDVTCAEDEKAVAQGD
NQFSCEKQDDDSGGGDNTGSDSGLFSNLFGGSGSLEHHHHHHHH
;
_entity_poly.pdbx_strand_id   A,B,C
#
loop_
_chem_comp.id
_chem_comp.type
_chem_comp.name
_chem_comp.formula
CA non-polymer 'CALCIUM ION' 'Ca 2'
CL non-polymer 'CHLORIDE ION' 'Cl -1'
NA non-polymer 'SODIUM ION' 'Na 1'
#
# COMPACT_ATOMS: atom_id res chain seq x y z
N ASP A 4 47.01 17.24 -7.48
CA ASP A 4 45.63 17.12 -7.92
C ASP A 4 45.45 15.91 -8.83
N SER A 5 44.39 15.14 -8.62
CA SER A 5 44.04 14.08 -9.55
C SER A 5 43.16 14.62 -10.67
N ILE A 6 42.11 15.36 -10.32
CA ILE A 6 41.28 16.09 -11.27
C ILE A 6 41.31 17.56 -10.88
N THR A 7 41.66 18.42 -11.84
CA THR A 7 41.77 19.84 -11.56
C THR A 7 40.39 20.48 -11.42
N TYR A 8 40.25 21.36 -10.43
CA TYR A 8 39.00 22.06 -10.16
C TYR A 8 39.22 23.56 -10.30
N ASN A 9 38.20 24.25 -10.81
CA ASN A 9 38.24 25.68 -11.04
C ASN A 9 36.97 26.34 -10.54
N SER A 10 37.10 27.59 -10.09
CA SER A 10 35.95 28.37 -9.67
C SER A 10 36.31 29.84 -9.53
N GLY A 11 35.47 30.72 -10.08
CA GLY A 11 35.69 32.15 -9.93
C GLY A 11 35.19 32.72 -8.62
N THR A 12 34.27 32.01 -7.95
CA THR A 12 33.61 32.54 -6.76
C THR A 12 34.06 31.88 -5.47
N SER A 13 34.71 30.72 -5.53
CA SER A 13 35.14 29.99 -4.34
C SER A 13 36.64 29.80 -4.38
N GLU A 14 37.33 30.22 -3.31
CA GLU A 14 38.75 29.96 -3.20
C GLU A 14 39.02 28.50 -2.92
N PHE A 15 38.11 27.82 -2.22
CA PHE A 15 38.33 26.42 -1.88
C PHE A 15 38.43 25.55 -3.14
N PHE A 16 37.55 25.76 -4.11
CA PHE A 16 37.51 24.91 -5.28
C PHE A 16 38.46 25.36 -6.38
N ASP A 17 39.18 26.46 -6.19
CA ASP A 17 40.25 26.84 -7.11
C ASP A 17 41.63 26.46 -6.60
N GLY A 18 41.74 26.09 -5.32
CA GLY A 18 43.00 25.84 -4.64
C GLY A 18 43.58 24.43 -4.57
N ASP A 19 43.54 23.67 -5.66
CA ASP A 19 44.10 22.32 -5.70
C ASP A 19 43.26 21.31 -4.92
N VAL A 20 41.95 21.36 -5.07
CA VAL A 20 41.08 20.36 -4.47
C VAL A 20 41.00 19.13 -5.36
N PHE A 21 40.74 17.97 -4.76
CA PHE A 21 40.42 16.78 -5.52
C PHE A 21 39.30 16.02 -4.80
N ALA A 22 38.50 15.29 -5.58
CA ALA A 22 37.26 14.71 -5.11
C ALA A 22 37.40 13.20 -4.92
N ILE A 23 36.98 12.71 -3.76
CA ILE A 23 36.99 11.29 -3.42
C ILE A 23 35.56 10.84 -3.23
N GLU A 24 35.22 9.69 -3.82
CA GLU A 24 33.88 9.12 -3.71
C GLU A 24 33.89 8.08 -2.59
N VAL A 25 33.02 8.27 -1.60
CA VAL A 25 32.94 7.41 -0.44
C VAL A 25 31.48 7.08 -0.15
N THR A 26 31.20 5.81 0.10
CA THR A 26 29.88 5.37 0.51
C THR A 26 29.95 4.92 1.97
N ALA A 27 29.06 5.43 2.81
CA ALA A 27 28.97 5.01 4.20
C ALA A 27 28.27 3.66 4.23
N ASP A 28 29.05 2.59 4.21
CA ASP A 28 28.54 1.23 4.00
C ASP A 28 28.93 0.28 5.12
N GLN A 29 29.21 0.78 6.32
CA GLN A 29 29.64 -0.02 7.47
C GLN A 29 31.03 -0.61 7.29
N SER A 30 31.81 -0.15 6.31
CA SER A 30 33.16 -0.66 6.14
C SER A 30 34.11 -0.03 7.16
N THR A 31 35.34 -0.54 7.17
CA THR A 31 36.40 -0.04 8.03
C THR A 31 37.28 1.00 7.34
N ASP A 32 36.98 1.38 6.11
CA ASP A 32 37.85 2.24 5.33
C ASP A 32 38.11 3.56 6.06
N GLU A 33 39.37 3.96 6.11
CA GLU A 33 39.79 5.24 6.64
C GLU A 33 40.52 5.99 5.53
N ILE A 34 40.13 7.25 5.32
CA ILE A 34 40.75 8.08 4.28
C ILE A 34 41.91 8.81 4.93
N ASP A 35 43.13 8.37 4.64
CA ASP A 35 44.34 8.96 5.22
C ASP A 35 44.82 10.10 4.33
N ILE A 36 44.98 11.29 4.93
CA ILE A 36 45.34 12.50 4.23
C ILE A 36 46.80 12.82 4.50
N TYR A 37 47.56 13.06 3.43
CA TYR A 37 48.96 13.45 3.52
C TYR A 37 49.15 14.79 2.84
N LEU A 38 49.82 15.72 3.52
CA LEU A 38 50.06 17.04 2.96
C LEU A 38 51.40 17.08 2.22
N ASN A 52 53.01 13.75 4.99
CA ASN A 52 53.07 13.97 6.44
C ASN A 52 51.85 14.75 6.90
N GLN A 53 51.87 15.16 8.18
CA GLN A 53 50.72 15.77 8.83
C GLN A 53 49.49 14.88 8.64
N ASP A 54 49.56 13.70 9.25
CA ASP A 54 48.58 12.66 8.99
CA ASP A 54 48.58 12.65 9.00
C ASP A 54 47.23 13.02 9.60
N LEU A 55 46.20 12.99 8.77
CA LEU A 55 44.81 13.17 9.18
C LEU A 55 44.00 12.08 8.52
N SER A 56 43.01 11.55 9.22
CA SER A 56 42.18 10.51 8.65
C SER A 56 40.70 10.83 8.86
N ILE A 57 39.91 10.53 7.83
CA ILE A 57 38.46 10.68 7.84
C ILE A 57 37.82 9.30 7.72
N GLU A 58 36.77 9.07 8.49
CA GLU A 58 36.05 7.80 8.45
C GLU A 58 34.59 8.02 8.82
N PHE A 59 33.72 7.20 8.26
CA PHE A 59 32.31 7.16 8.63
C PHE A 59 32.11 6.07 9.67
N THR A 60 31.57 6.46 10.82
CA THR A 60 31.46 5.56 11.98
C THR A 60 30.04 5.06 12.20
N HIS A 61 29.08 5.97 12.38
CA HIS A 61 27.74 5.62 12.81
C HIS A 61 26.71 6.05 11.77
N GLN A 62 25.79 5.15 11.48
CA GLN A 62 24.74 5.36 10.50
C GLN A 62 23.41 4.92 11.08
N ASP A 63 22.33 5.52 10.58
CA ASP A 63 21.00 5.19 11.02
C ASP A 63 20.01 5.52 9.92
N SER A 64 18.97 4.68 9.80
CA SER A 64 17.84 4.93 8.92
C SER A 64 16.60 5.15 9.77
N LYS A 65 15.82 6.19 9.45
CA LYS A 65 14.55 6.45 10.11
C LYS A 65 13.46 6.72 9.07
N LEU A 66 12.24 6.36 9.41
CA LEU A 66 11.07 6.66 8.58
C LEU A 66 10.19 7.66 9.30
N LYS A 67 9.90 8.78 8.64
CA LYS A 67 9.07 9.84 9.19
C LYS A 67 7.69 9.77 8.54
N TYR A 68 6.66 9.59 9.37
CA TYR A 68 5.29 9.42 8.91
C TYR A 68 4.49 10.69 9.12
N SER A 69 3.36 10.77 8.42
CA SER A 69 2.36 11.81 8.65
C SER A 69 0.99 11.16 8.51
N THR A 70 -0.05 11.96 8.78
CA THR A 70 -1.42 11.47 8.73
C THR A 70 -2.28 12.42 7.91
N SER A 71 -3.45 11.94 7.52
CA SER A 71 -4.39 12.73 6.74
C SER A 71 -5.82 12.43 7.19
N THR A 72 -6.55 13.47 7.58
CA THR A 72 -7.97 13.35 7.84
C THR A 72 -8.75 13.55 6.55
N SER A 73 -10.06 13.29 6.63
CA SER A 73 -10.94 13.46 5.47
C SER A 73 -12.38 13.31 5.93
N ASP A 74 -13.29 13.95 5.20
CA ASP A 74 -14.71 13.80 5.50
C ASP A 74 -15.15 12.35 5.42
N GLU A 75 -14.54 11.56 4.54
CA GLU A 75 -14.89 10.14 4.44
C GLU A 75 -14.59 9.40 5.74
N LEU A 76 -13.59 9.86 6.49
CA LEU A 76 -13.19 9.22 7.75
C LEU A 76 -13.91 9.91 8.91
N ARG A 77 -15.16 9.49 9.13
CA ARG A 77 -15.96 10.09 10.19
C ARG A 77 -15.44 9.67 11.56
N ASP A 78 -15.75 10.49 12.56
CA ASP A 78 -15.35 10.24 13.93
C ASP A 78 -15.90 8.93 14.45
N ILE A 79 -15.19 8.35 15.41
CA ILE A 79 -15.64 7.17 16.13
C ILE A 79 -16.38 7.67 17.37
N VAL A 80 -17.67 7.39 17.44
CA VAL A 80 -18.52 7.85 18.54
C VAL A 80 -19.27 6.66 19.12
N THR A 81 -19.60 6.77 20.40
CA THR A 81 -20.55 5.86 21.04
C THR A 81 -21.91 6.54 21.11
N LEU A 82 -22.96 5.73 21.14
CA LEU A 82 -24.34 6.22 21.07
C LEU A 82 -25.17 5.65 22.21
N THR A 83 -26.22 6.38 22.56
CA THR A 83 -27.29 5.88 23.41
C THR A 83 -28.61 5.98 22.66
N THR A 84 -29.63 5.29 23.16
CA THR A 84 -30.97 5.45 22.61
C THR A 84 -31.61 6.71 23.15
N TYR A 85 -32.48 7.30 22.33
CA TYR A 85 -33.26 8.47 22.71
C TYR A 85 -34.71 8.22 22.33
N TYR A 86 -35.59 8.25 23.32
CA TYR A 86 -37.03 8.06 23.12
C TYR A 86 -37.78 9.23 23.72
N GLU A 87 -38.81 9.69 23.01
CA GLU A 87 -39.72 10.66 23.57
C GLU A 87 -41.10 10.45 22.96
N ASP A 88 -42.13 10.77 23.74
CA ASP A 88 -43.52 10.67 23.31
C ASP A 88 -44.17 12.05 23.45
N GLY A 89 -45.48 12.10 23.26
CA GLY A 89 -46.23 13.32 23.47
C GLY A 89 -46.29 14.26 22.29
N PHE A 90 -45.71 13.89 21.15
CA PHE A 90 -45.79 14.74 19.97
C PHE A 90 -47.22 14.72 19.45
N ASP A 91 -47.75 15.91 19.11
CA ASP A 91 -49.15 16.01 18.71
C ASP A 91 -49.38 15.51 17.29
N THR A 92 -48.51 15.89 16.36
CA THR A 92 -48.69 15.54 14.96
C THR A 92 -47.44 14.86 14.43
N GLU A 93 -47.62 14.18 13.29
CA GLU A 93 -46.50 13.52 12.63
C GLU A 93 -45.41 14.52 12.27
N GLN A 94 -45.82 15.71 11.82
CA GLN A 94 -44.83 16.73 11.46
C GLN A 94 -44.02 17.16 12.68
N ASP A 95 -44.68 17.25 13.84
CA ASP A 95 -43.96 17.58 15.07
C ASP A 95 -42.87 16.55 15.36
N ALA A 96 -43.21 15.26 15.23
CA ALA A 96 -42.23 14.22 15.47
C ALA A 96 -41.09 14.30 14.47
N ILE A 97 -41.41 14.53 13.19
CA ILE A 97 -40.36 14.63 12.18
C ILE A 97 -39.42 15.79 12.49
N ASP A 98 -39.98 16.94 12.86
CA ASP A 98 -39.15 18.10 13.20
C ASP A 98 -38.27 17.80 14.40
N ALA A 99 -38.84 17.16 15.42
CA ALA A 99 -38.06 16.84 16.61
C ALA A 99 -36.92 15.90 16.28
N ILE A 100 -37.18 14.92 15.41
CA ILE A 100 -36.12 13.99 15.00
C ILE A 100 -35.01 14.75 14.27
N LYS A 101 -35.40 15.60 13.32
CA LYS A 101 -34.39 16.31 12.54
C LYS A 101 -33.56 17.23 13.42
N SER A 102 -34.15 17.80 14.47
CA SER A 102 -33.46 18.80 15.28
C SER A 102 -32.65 18.20 16.43
N ASP A 103 -33.17 17.18 17.11
CA ASP A 103 -32.61 16.75 18.40
C ASP A 103 -31.99 15.37 18.37
N CYS A 104 -32.05 14.66 17.24
CA CYS A 104 -31.54 13.30 17.16
C CYS A 104 -30.23 13.26 16.40
N TYR A 105 -29.42 12.26 16.72
CA TYR A 105 -28.11 12.11 16.10
C TYR A 105 -28.25 11.82 14.61
N ASP A 106 -27.38 12.45 13.81
CA ASP A 106 -27.39 12.33 12.36
C ASP A 106 -26.55 11.12 11.96
N LEU A 107 -27.21 9.97 11.82
CA LEU A 107 -26.50 8.73 11.52
C LEU A 107 -25.82 8.80 10.16
N ASN A 108 -26.51 9.32 9.15
CA ASN A 108 -26.02 9.30 7.77
C ASN A 108 -25.26 10.57 7.39
N GLN A 109 -25.01 11.47 8.35
CA GLN A 109 -24.19 12.66 8.11
C GLN A 109 -24.72 13.49 6.94
N ASN A 110 -26.04 13.74 6.93
CA ASN A 110 -26.65 14.55 5.89
C ASN A 110 -27.18 15.89 6.40
N GLY A 111 -26.82 16.28 7.63
CA GLY A 111 -27.20 17.54 8.20
C GLY A 111 -28.42 17.51 9.11
N ASN A 112 -29.22 16.45 9.06
CA ASN A 112 -30.42 16.34 9.88
C ASN A 112 -30.36 15.11 10.75
N GLY A 113 -30.98 15.19 11.92
CA GLY A 113 -31.08 14.02 12.77
C GLY A 113 -31.79 12.88 12.05
N SER A 114 -31.43 11.67 12.43
CA SER A 114 -31.99 10.44 11.87
C SER A 114 -32.86 9.76 12.91
N GLY A 115 -33.98 9.19 12.48
CA GLY A 115 -34.84 8.51 13.45
C GLY A 115 -36.12 7.99 12.83
N ARG A 116 -36.83 7.22 13.65
CA ARG A 116 -38.11 6.63 13.31
C ARG A 116 -39.18 7.19 14.22
N TYR A 117 -40.43 7.16 13.76
CA TYR A 117 -41.56 7.62 14.56
C TYR A 117 -42.73 6.66 14.40
N SER A 118 -43.56 6.57 15.45
CA SER A 118 -44.74 5.73 15.47
C SER A 118 -45.93 6.51 16.01
N ARG A 119 -47.09 6.32 15.39
CA ARG A 119 -48.33 6.92 15.86
C ARG A 119 -49.03 5.98 16.85
N TYR A 120 -49.72 6.59 17.82
CA TYR A 120 -50.53 5.81 18.74
C TYR A 120 -51.83 6.55 19.03
N TYR A 121 -52.88 5.76 19.27
CA TYR A 121 -54.21 6.32 19.51
C TYR A 121 -54.19 7.22 20.73
N SER A 122 -54.75 8.42 20.59
CA SER A 122 -54.77 9.42 21.66
C SER A 122 -56.17 9.97 21.81
N VAL A 123 -56.82 9.72 22.95
CA VAL A 123 -58.13 10.31 23.20
C VAL A 123 -58.00 11.81 23.46
N THR A 124 -56.94 12.22 24.16
CA THR A 124 -56.80 13.61 24.57
C THR A 124 -56.39 14.50 23.41
N SER A 125 -55.56 13.99 22.50
CA SER A 125 -55.09 14.73 21.32
C SER A 125 -55.38 13.86 20.09
N PRO A 126 -56.64 13.69 19.75
CA PRO A 126 -56.99 12.77 18.66
C PRO A 126 -56.62 13.35 17.30
N VAL A 127 -56.48 12.47 16.31
CA VAL A 127 -56.67 11.03 16.48
C VAL A 127 -55.44 10.34 17.09
N TYR A 128 -54.25 10.87 16.81
CA TYR A 128 -53.00 10.24 17.23
C TYR A 128 -52.08 11.24 17.91
N ASP A 129 -51.23 10.70 18.78
CA ASP A 129 -49.96 11.30 19.16
C ASP A 129 -48.84 10.41 18.61
N TYR A 130 -47.59 10.85 18.77
CA TYR A 130 -46.48 10.19 18.09
C TYR A 130 -45.29 10.01 19.02
N GLU A 131 -44.63 8.86 18.88
CA GLU A 131 -43.37 8.54 19.55
C GLU A 131 -42.22 8.62 18.55
N ILE A 132 -41.00 8.82 19.06
CA ILE A 132 -39.80 8.86 18.24
C ILE A 132 -38.76 7.90 18.80
N TYR A 133 -38.03 7.24 17.90
CA TYR A 133 -36.95 6.32 18.24
C TYR A 133 -35.68 6.82 17.57
N CYS A 134 -34.67 7.15 18.38
CA CYS A 134 -33.49 7.87 17.91
C CYS A 134 -32.25 7.37 18.62
N PHE A 135 -31.10 7.79 18.10
CA PHE A 135 -29.84 7.70 18.82
C PHE A 135 -29.43 9.09 19.29
N GLN A 136 -28.55 9.11 20.28
CA GLN A 136 -27.92 10.33 20.74
C GLN A 136 -26.45 10.04 21.02
N LYS A 137 -25.58 10.94 20.59
CA LYS A 137 -24.15 10.74 20.81
C LYS A 137 -23.83 10.88 22.29
N ASN A 138 -23.06 9.93 22.81
CA ASN A 138 -22.57 10.05 24.19
C ASN A 138 -21.18 10.70 24.20
N GLU A 139 -20.18 10.05 23.60
CA GLU A 139 -18.83 10.59 23.58
C GLU A 139 -18.14 10.25 22.26
N LYS A 140 -17.16 11.07 21.91
CA LYS A 140 -16.30 10.83 20.77
C LYS A 140 -15.05 10.09 21.21
N LEU A 141 -14.84 8.90 20.68
CA LEU A 141 -13.67 8.11 21.08
C LEU A 141 -12.41 8.55 20.35
N ALA A 142 -12.51 8.91 19.08
CA ALA A 142 -11.33 9.33 18.34
C ALA A 142 -11.74 9.95 17.00
N THR A 143 -10.84 10.81 16.49
CA THR A 143 -10.91 11.31 15.13
C THR A 143 -9.94 10.51 14.26
N PRO A 144 -10.39 9.76 13.27
CA PRO A 144 -9.48 8.94 12.48
C PRO A 144 -8.76 9.74 11.40
N ALA A 145 -7.63 9.18 10.95
CA ALA A 145 -6.85 9.78 9.88
C ALA A 145 -6.09 8.68 9.16
N TYR A 146 -5.91 8.85 7.85
CA TYR A 146 -5.01 7.98 7.11
C TYR A 146 -3.57 8.20 7.58
N ILE A 147 -2.73 7.18 7.41
CA ILE A 147 -1.30 7.26 7.66
C ILE A 147 -0.59 7.27 6.30
N ASP A 148 0.21 8.30 6.05
CA ASP A 148 0.80 8.49 4.74
C ASP A 148 2.10 7.70 4.60
N ASN A 149 2.55 7.55 3.35
CA ASN A 149 3.83 6.94 3.10
C ASN A 149 4.93 7.78 3.73
N PRO A 150 5.92 7.14 4.36
CA PRO A 150 6.96 7.89 5.07
C PRO A 150 8.08 8.38 4.15
N ASP A 151 8.74 9.44 4.61
CA ASP A 151 10.03 9.82 4.05
C ASP A 151 11.12 8.99 4.71
N GLU A 152 12.13 8.61 3.94
CA GLU A 152 13.26 7.85 4.49
C GLU A 152 14.39 8.84 4.79
N ILE A 153 14.78 8.91 6.05
CA ILE A 153 15.82 9.82 6.50
C ILE A 153 17.04 8.99 6.88
N PHE A 154 18.21 9.45 6.47
CA PHE A 154 19.46 8.84 6.87
C PHE A 154 20.23 9.81 7.74
N THR A 155 21.07 9.24 8.62
CA THR A 155 22.13 9.98 9.30
C THR A 155 23.42 9.19 9.15
N ALA A 156 24.53 9.90 8.96
CA ALA A 156 25.84 9.26 8.86
C ALA A 156 26.86 10.20 9.49
N LYS A 157 27.59 9.69 10.47
CA LYS A 157 28.56 10.48 11.21
C LYS A 157 29.96 10.27 10.63
N ALA A 158 30.62 11.37 10.29
CA ALA A 158 31.99 11.35 9.81
C ALA A 158 32.91 11.90 10.89
N GLU A 159 34.06 11.24 11.09
CA GLU A 159 34.99 11.59 12.15
C GLU A 159 36.35 11.93 11.58
N LEU A 160 36.97 12.96 12.14
CA LEU A 160 38.31 13.38 11.78
C LEU A 160 39.25 13.07 12.94
N GLN A 161 40.37 12.40 12.63
CA GLN A 161 41.39 12.06 13.63
C GLN A 161 42.72 12.62 13.18
N ALA A 162 43.32 13.49 14.02
CA ALA A 162 44.70 13.89 13.79
C ALA A 162 45.65 12.75 14.10
N GLY A 163 45.47 12.12 15.25
CA GLY A 163 46.25 10.97 15.64
C GLY A 163 45.34 9.88 16.15
N ASP A 164 45.57 9.47 17.40
CA ASP A 164 44.73 8.46 18.01
C ASP A 164 43.29 8.94 18.19
N LYS A 165 43.12 10.18 18.62
CA LYS A 165 41.82 10.67 19.09
C LYS A 165 41.03 11.37 17.99
N THR A 166 39.71 11.19 18.04
CA THR A 166 38.82 11.95 17.18
C THR A 166 38.79 13.41 17.64
N ILE A 167 39.05 14.32 16.70
CA ILE A 167 39.19 15.74 17.02
C ILE A 167 38.02 16.57 16.51
N GLN A 168 37.29 16.10 15.52
N GLN A 168 37.30 16.11 15.49
CA GLN A 168 36.11 16.81 15.03
CA GLN A 168 36.12 16.80 14.99
C GLN A 168 35.14 15.78 14.47
C GLN A 168 35.14 15.77 14.47
N SER A 169 33.85 16.05 14.66
CA SER A 169 32.79 15.19 14.16
C SER A 169 31.79 16.03 13.39
N ALA A 170 31.18 15.40 12.39
CA ALA A 170 30.08 16.01 11.65
C ALA A 170 29.10 14.91 11.29
N THR A 171 27.81 15.23 11.37
CA THR A 171 26.76 14.30 11.02
C THR A 171 26.01 14.84 9.82
N LEU A 172 25.92 14.02 8.78
CA LEU A 172 25.20 14.37 7.57
C LEU A 172 23.85 13.68 7.57
N SER A 173 22.88 14.34 6.94
CA SER A 173 21.52 13.83 6.88
C SER A 173 20.75 14.55 5.78
N ASN A 174 19.75 13.86 5.25
CA ASN A 174 18.77 14.48 4.37
C ASN A 174 17.56 14.97 5.16
N GLY A 175 17.61 14.86 6.48
CA GLY A 175 16.58 15.43 7.35
C GLY A 175 17.08 16.57 8.21
N ASP A 176 16.60 16.64 9.45
CA ASP A 176 16.87 17.77 10.33
C ASP A 176 18.06 17.55 11.27
N ALA A 177 18.55 16.33 11.41
CA ALA A 177 19.69 16.10 12.29
C ALA A 177 20.99 16.60 11.65
N GLY A 178 22.00 16.77 12.48
CA GLY A 178 23.32 17.09 11.96
C GLY A 178 23.35 18.42 11.23
N ASP A 179 24.33 18.54 10.36
CA ASP A 179 24.56 19.76 9.59
C ASP A 179 23.89 19.73 8.22
N GLY A 180 23.23 18.63 7.86
CA GLY A 180 22.57 18.53 6.57
C GLY A 180 23.32 17.71 5.54
N THR A 181 23.14 18.05 4.27
CA THR A 181 23.68 17.29 3.16
C THR A 181 25.11 17.68 2.78
N VAL A 182 25.57 18.86 3.19
CA VAL A 182 26.93 19.31 2.89
C VAL A 182 27.47 19.98 4.14
N THR A 183 28.71 19.66 4.49
CA THR A 183 29.31 20.20 5.70
C THR A 183 30.82 20.22 5.56
N ASP A 184 31.45 21.06 6.37
CA ASP A 184 32.89 21.11 6.48
C ASP A 184 33.35 20.17 7.58
N LEU A 185 34.49 19.52 7.34
CA LEU A 185 35.14 18.66 8.34
C LEU A 185 36.62 19.02 8.29
N GLY A 186 37.06 19.85 9.23
CA GLY A 186 38.41 20.38 9.13
C GLY A 186 38.53 21.21 7.87
N ASP A 187 39.60 20.96 7.12
CA ASP A 187 39.84 21.62 5.84
C ASP A 187 39.18 20.91 4.66
N SER A 188 38.53 19.77 4.88
CA SER A 188 37.87 19.04 3.80
C SER A 188 36.38 19.36 3.79
N LYS A 189 35.71 18.93 2.72
CA LYS A 189 34.29 19.15 2.54
C LYS A 189 33.60 17.87 2.07
N ILE A 190 32.44 17.58 2.66
CA ILE A 190 31.69 16.35 2.39
C ILE A 190 30.32 16.74 1.83
N SER A 191 29.94 16.11 0.72
CA SER A 191 28.70 16.43 0.02
C SER A 191 27.91 15.16 -0.30
N TRP A 192 26.65 15.12 0.15
CA TRP A 192 25.79 13.99 -0.13
C TRP A 192 25.44 13.92 -1.61
N ASN A 193 25.50 12.71 -2.17
CA ASN A 193 25.14 12.48 -3.58
C ASN A 193 23.86 11.69 -3.77
N GLY A 194 23.26 11.16 -2.71
CA GLY A 194 22.14 10.25 -2.82
C GLY A 194 22.46 8.90 -2.20
N ASN A 195 21.42 8.04 -2.16
CA ASN A 195 21.49 6.77 -1.46
C ASN A 195 21.43 5.60 -2.43
N LEU A 196 22.21 4.56 -2.12
CA LEU A 196 22.13 3.25 -2.77
C LEU A 196 21.24 2.34 -1.94
N ASP A 197 20.38 1.57 -2.60
CA ASP A 197 19.36 0.79 -1.93
C ASP A 197 19.88 -0.59 -1.52
N LEU A 198 19.41 -1.07 -0.38
CA LEU A 198 19.80 -2.39 0.12
C LEU A 198 18.75 -3.47 -0.14
N GLY A 199 17.54 -3.10 -0.53
CA GLY A 199 16.49 -4.07 -0.77
C GLY A 199 15.61 -4.37 0.43
N ALA A 200 15.91 -3.80 1.58
CA ALA A 200 15.07 -4.01 2.76
C ALA A 200 13.70 -3.38 2.58
N SER A 201 12.70 -3.98 3.22
CA SER A 201 11.32 -3.53 3.11
C SER A 201 10.98 -2.49 4.19
N GLU A 202 9.90 -1.74 3.95
CA GLU A 202 9.29 -0.84 4.91
C GLU A 202 7.98 -1.41 5.42
N PRO A 203 7.49 -0.94 6.57
CA PRO A 203 6.20 -1.42 7.06
C PRO A 203 5.06 -1.00 6.15
N GLU A 204 3.98 -1.78 6.18
CA GLU A 204 2.81 -1.51 5.36
C GLU A 204 1.86 -0.59 6.13
N ASN A 205 1.80 0.68 5.72
CA ASN A 205 0.97 1.67 6.39
C ASN A 205 -0.51 1.57 6.04
N SER A 206 -0.86 0.86 4.97
CA SER A 206 -2.23 0.84 4.49
C SER A 206 -3.17 -0.03 5.33
N ARG A 207 -2.63 -0.96 6.12
CA ARG A 207 -3.46 -1.79 6.98
C ARG A 207 -3.77 -1.14 8.32
N VAL A 208 -3.21 0.02 8.62
CA VAL A 208 -3.40 0.67 9.92
C VAL A 208 -3.93 2.08 9.69
N ILE A 209 -4.43 2.67 10.77
CA ILE A 209 -5.00 4.01 10.74
C ILE A 209 -4.56 4.73 12.01
N ALA A 210 -4.53 6.06 11.94
CA ALA A 210 -4.25 6.88 13.11
C ALA A 210 -5.54 7.29 13.80
N LEU A 211 -5.51 7.30 15.14
CA LEU A 211 -6.66 7.64 15.97
C LEU A 211 -6.26 8.74 16.93
N TYR A 212 -6.83 9.92 16.75
CA TYR A 212 -6.47 11.10 17.53
C TYR A 212 -7.44 11.27 18.70
N SER A 213 -6.89 11.31 19.91
CA SER A 213 -7.63 11.66 21.11
C SER A 213 -6.63 11.98 22.21
N ASN A 214 -6.96 12.98 23.03
CA ASN A 214 -6.09 13.34 24.15
C ASN A 214 -6.04 12.26 25.22
N ASP A 215 -6.90 11.25 25.14
CA ASP A 215 -6.79 10.09 26.01
C ASP A 215 -5.60 9.21 25.66
N PHE A 216 -5.02 9.37 24.48
CA PHE A 216 -3.95 8.49 24.01
C PHE A 216 -2.60 9.18 24.18
N GLU A 217 -1.58 8.37 24.40
CA GLU A 217 -0.23 8.90 24.59
C GLU A 217 0.17 9.73 23.38
N ASN A 218 0.63 10.95 23.64
CA ASN A 218 1.04 11.93 22.63
C ASN A 218 -0.13 12.43 21.78
N GLY A 219 -1.35 12.08 22.12
CA GLY A 219 -2.51 12.60 21.43
C GLY A 219 -3.05 11.72 20.32
N TRP A 220 -2.38 10.62 19.98
CA TRP A 220 -2.93 9.71 18.99
C TRP A 220 -2.30 8.33 19.13
N ARG A 221 -2.93 7.38 18.43
CA ARG A 221 -2.64 5.96 18.55
C ARG A 221 -2.80 5.32 17.18
N ILE A 222 -2.08 4.23 16.96
CA ILE A 222 -2.18 3.46 15.72
C ILE A 222 -3.25 2.39 15.89
N GLY A 223 -4.29 2.44 15.05
CA GLY A 223 -5.36 1.47 15.06
C GLY A 223 -5.35 0.60 13.81
N ASN A 224 -6.20 -0.43 13.85
CA ASN A 224 -6.40 -1.35 12.73
C ASN A 224 -7.43 -0.77 11.77
N LYS A 225 -7.08 -0.69 10.49
CA LYS A 225 -7.96 -0.03 9.52
C LYS A 225 -9.23 -0.86 9.28
N GLN A 226 -9.15 -2.19 9.29
CA GLN A 226 -10.32 -3.02 9.06
C GLN A 226 -11.39 -2.80 10.13
N SER A 227 -10.97 -2.73 11.39
CA SER A 227 -11.93 -2.49 12.48
C SER A 227 -12.63 -1.16 12.28
N TYR A 228 -11.87 -0.12 11.93
CA TYR A 228 -12.49 1.18 11.68
C TYR A 228 -13.46 1.10 10.51
N GLU A 229 -13.09 0.40 9.45
CA GLU A 229 -13.97 0.28 8.29
C GLU A 229 -15.29 -0.35 8.68
N ASP A 230 -15.23 -1.43 9.47
CA ASP A 230 -16.45 -2.09 9.88
C ASP A 230 -17.30 -1.18 10.75
N TYR A 231 -16.66 -0.42 11.64
CA TYR A 231 -17.41 0.57 12.42
C TYR A 231 -18.12 1.56 11.50
N LYS A 232 -17.40 2.09 10.51
CA LYS A 232 -17.99 3.09 9.64
C LYS A 232 -19.15 2.52 8.85
N THR A 233 -18.97 1.32 8.31
CA THR A 233 -20.05 0.66 7.58
C THR A 233 -21.28 0.51 8.47
N PHE A 234 -21.08 0.03 9.70
CA PHE A 234 -22.21 -0.17 10.58
C PHE A 234 -22.94 1.12 10.86
N ILE A 235 -22.21 2.15 11.30
CA ILE A 235 -22.87 3.35 11.79
C ILE A 235 -23.50 4.13 10.64
N GLY A 236 -22.84 4.19 9.48
CA GLY A 236 -23.31 5.08 8.44
C GLY A 236 -23.98 4.42 7.24
N GLY A 237 -23.97 3.09 7.18
CA GLY A 237 -24.47 2.38 6.02
C GLY A 237 -25.89 1.91 6.17
N GLY A 238 -26.47 2.03 7.36
CA GLY A 238 -27.86 1.67 7.54
C GLY A 238 -28.10 0.67 8.64
N ASP A 239 -27.06 -0.05 9.06
CA ASP A 239 -27.27 -1.10 10.07
C ASP A 239 -27.69 -0.50 11.41
N ALA A 240 -27.10 0.63 11.80
CA ALA A 240 -27.54 1.30 13.03
C ALA A 240 -28.99 1.77 12.91
N TYR A 241 -29.35 2.33 11.76
CA TYR A 241 -30.73 2.72 11.53
C TYR A 241 -31.66 1.50 11.61
N ASP A 242 -31.19 0.37 11.07
CA ASP A 242 -31.98 -0.86 11.19
C ASP A 242 -32.15 -1.25 12.65
N LEU A 243 -31.17 -0.96 13.50
CA LEU A 243 -31.38 -1.19 14.92
C LEU A 243 -32.50 -0.32 15.46
N LEU A 244 -32.59 0.92 14.98
CA LEU A 244 -33.72 1.76 15.40
C LEU A 244 -35.04 1.13 14.98
N ILE A 245 -35.11 0.61 13.75
CA ILE A 245 -36.35 -0.04 13.32
C ILE A 245 -36.64 -1.27 14.17
N ASP A 246 -35.61 -2.06 14.49
CA ASP A 246 -35.81 -3.26 15.30
C ASP A 246 -36.27 -2.90 16.70
N TRP A 247 -35.72 -1.83 17.28
CA TRP A 247 -36.17 -1.37 18.58
C TRP A 247 -37.63 -0.93 18.52
N GLN A 248 -38.00 -0.20 17.47
CA GLN A 248 -39.39 0.21 17.28
C GLN A 248 -40.30 -1.00 17.16
N ASP A 249 -39.84 -2.06 16.49
CA ASP A 249 -40.64 -3.25 16.25
C ASP A 249 -40.82 -4.12 17.49
N GLY A 250 -40.03 -3.92 18.54
CA GLY A 250 -40.03 -4.80 19.68
C GLY A 250 -39.06 -5.97 19.58
N THR A 251 -38.33 -6.08 18.47
CA THR A 251 -37.33 -7.13 18.35
C THR A 251 -36.26 -6.98 19.43
N TYR A 252 -35.87 -5.73 19.71
CA TYR A 252 -34.89 -5.43 20.76
C TYR A 252 -35.48 -4.42 21.73
N THR A 253 -34.97 -4.46 22.96
CA THR A 253 -35.22 -3.39 23.91
C THR A 253 -34.14 -2.31 23.79
N ALA A 254 -34.43 -1.13 24.35
CA ALA A 254 -33.45 -0.06 24.34
C ALA A 254 -32.18 -0.46 25.07
N SER A 255 -32.32 -1.13 26.22
CA SER A 255 -31.16 -1.58 26.97
C SER A 255 -30.34 -2.58 26.16
N GLU A 256 -31.00 -3.52 25.47
CA GLU A 256 -30.27 -4.47 24.64
C GLU A 256 -29.48 -3.75 23.55
N VAL A 257 -30.12 -2.81 22.86
CA VAL A 257 -29.44 -2.04 21.82
C VAL A 257 -28.19 -1.39 22.38
N GLU A 258 -28.36 -0.59 23.44
CA GLU A 258 -27.25 0.18 23.98
C GLU A 258 -26.13 -0.72 24.48
N ASP A 259 -26.48 -1.80 25.19
CA ASP A 259 -25.46 -2.55 25.92
C ASP A 259 -24.76 -3.58 25.04
N GLU A 260 -25.41 -4.08 24.00
CA GLU A 260 -24.89 -5.22 23.27
C GLU A 260 -24.72 -5.01 21.78
N LEU A 261 -25.32 -3.97 21.19
CA LEU A 261 -25.38 -3.89 19.73
C LEU A 261 -24.70 -2.67 19.15
N VAL A 262 -24.98 -1.48 19.69
CA VAL A 262 -24.74 -0.28 18.90
C VAL A 262 -23.29 0.18 18.97
N ASN A 263 -22.58 -0.03 20.09
CA ASN A 263 -21.25 0.51 20.30
C ASN A 263 -20.13 -0.53 20.19
N THR A 264 -20.45 -1.78 19.84
CA THR A 264 -19.43 -2.82 19.79
C THR A 264 -18.34 -2.46 18.80
N ASP A 265 -18.74 -2.04 17.60
CA ASP A 265 -17.75 -1.73 16.57
C ASP A 265 -16.89 -0.55 16.96
N ALA A 266 -17.49 0.50 17.52
CA ALA A 266 -16.71 1.67 17.93
C ALA A 266 -15.65 1.27 18.96
N ASN A 267 -16.10 0.52 19.97
CA ASN A 267 -15.19 0.16 21.06
C ASN A 267 -14.09 -0.76 20.58
N GLN A 268 -14.37 -1.65 19.62
CA GLN A 268 -13.31 -2.46 19.04
C GLN A 268 -12.39 -1.58 18.19
N ALA A 269 -12.95 -0.59 17.51
CA ALA A 269 -12.20 0.17 16.54
C ALA A 269 -11.12 1.02 17.20
N VAL A 270 -11.37 1.52 18.42
CA VAL A 270 -10.34 2.37 19.03
C VAL A 270 -9.21 1.58 19.68
N GLU A 271 -9.24 0.25 19.66
CA GLU A 271 -8.13 -0.52 20.19
C GLU A 271 -6.87 -0.35 19.34
N GLU A 272 -5.71 -0.39 20.00
CA GLU A 272 -4.45 -0.31 19.27
C GLU A 272 -4.21 -1.56 18.45
N ALA A 273 -3.61 -1.39 17.27
CA ALA A 273 -3.30 -2.52 16.42
C ALA A 273 -2.33 -3.48 17.11
N SER A 274 -2.50 -4.77 16.87
CA SER A 274 -1.62 -5.76 17.47
C SER A 274 -0.25 -5.72 16.81
N SER A 275 0.76 -6.14 17.57
CA SER A 275 2.13 -6.14 17.05
C SER A 275 2.28 -7.08 15.86
N SER A 276 1.50 -8.17 15.83
CA SER A 276 1.55 -9.07 14.69
C SER A 276 0.99 -8.39 13.44
N THR A 277 0.07 -7.45 13.61
CA THR A 277 -0.53 -6.78 12.46
C THR A 277 0.47 -5.88 11.75
N THR A 278 1.32 -5.17 12.50
CA THR A 278 2.17 -4.16 11.89
C THR A 278 3.48 -4.04 12.65
N ASP A 279 4.57 -3.84 11.91
CA ASP A 279 5.85 -3.52 12.52
C ASP A 279 5.85 -2.15 13.20
N LEU A 280 4.83 -1.33 12.92
CA LEU A 280 4.75 -0.01 13.53
C LEU A 280 4.35 -0.06 15.00
N VAL A 281 3.98 -1.22 15.53
CA VAL A 281 3.67 -1.39 16.94
C VAL A 281 4.62 -2.42 17.52
N ASN A 282 5.29 -2.07 18.60
CA ASN A 282 6.32 -2.93 19.16
C ASN A 282 5.67 -4.03 19.99
N ALA A 283 6.08 -5.28 19.74
CA ALA A 283 5.67 -6.37 20.62
C ALA A 283 6.34 -6.24 21.98
N LYS A 284 7.66 -6.29 22.00
CA LYS A 284 8.43 -6.12 23.23
C LYS A 284 8.82 -4.65 23.42
N VAL A 285 9.21 -4.34 24.65
CA VAL A 285 9.62 -2.97 24.99
C VAL A 285 10.84 -2.56 24.18
N LYS A 286 11.81 -3.46 24.00
CA LYS A 286 13.03 -3.07 23.31
C LYS A 286 12.79 -2.85 21.82
N ASP A 287 11.78 -3.49 21.25
CA ASP A 287 11.51 -3.36 19.83
C ASP A 287 11.08 -1.94 19.48
N SER A 288 11.40 -1.53 18.26
CA SER A 288 11.06 -0.20 17.81
C SER A 288 9.60 -0.14 17.36
N SER A 289 9.09 1.08 17.25
CA SER A 289 7.72 1.31 16.83
C SER A 289 7.62 2.75 16.36
N LEU A 290 6.46 3.09 15.81
CA LEU A 290 6.19 4.46 15.38
C LEU A 290 5.86 5.29 16.62
N ASP A 291 6.80 6.14 17.03
CA ASP A 291 6.60 7.03 18.17
C ASP A 291 5.60 8.12 17.78
N THR A 292 4.42 8.10 18.41
CA THR A 292 3.38 9.06 18.06
C THR A 292 3.73 10.48 18.48
N GLY A 293 4.67 10.64 19.41
CA GLY A 293 5.14 11.96 19.79
C GLY A 293 6.17 12.58 18.87
N SER A 294 6.68 11.81 17.91
CA SER A 294 7.69 12.31 16.98
C SER A 294 7.42 11.92 15.54
N PHE A 295 6.43 11.06 15.28
CA PHE A 295 6.07 10.60 13.94
C PHE A 295 7.20 9.82 13.28
N VAL A 296 8.14 9.31 14.07
CA VAL A 296 9.33 8.64 13.56
C VAL A 296 9.27 7.16 13.93
N TYR A 297 9.55 6.30 12.95
CA TYR A 297 9.77 4.88 13.17
C TYR A 297 11.26 4.61 12.91
N ASP A 298 12.00 4.32 13.97
CA ASP A 298 13.45 4.09 13.90
C ASP A 298 13.69 2.65 13.47
N THR A 299 13.93 2.46 12.17
CA THR A 299 14.05 1.12 11.65
C THR A 299 15.20 0.38 12.31
N PRO A 300 15.01 -0.88 12.71
CA PRO A 300 16.12 -1.62 13.35
C PRO A 300 17.27 -1.92 12.42
N GLU A 301 17.07 -1.78 11.12
CA GLU A 301 18.05 -2.12 10.10
C GLU A 301 18.31 -0.91 9.20
N LEU A 302 19.45 -0.92 8.53
CA LEU A 302 19.73 0.11 7.53
C LEU A 302 18.96 -0.19 6.25
N LEU A 303 18.40 0.87 5.65
CA LEU A 303 17.62 0.72 4.43
C LEU A 303 18.39 1.12 3.18
N SER A 304 19.47 1.86 3.33
CA SER A 304 20.25 2.32 2.20
C SER A 304 21.63 2.72 2.68
N TYR A 305 22.57 2.77 1.74
CA TYR A 305 23.89 3.33 2.01
C TYR A 305 23.99 4.70 1.37
N PRO A 306 24.17 5.77 2.14
CA PRO A 306 24.37 7.08 1.52
C PRO A 306 25.76 7.17 0.90
N SER A 307 25.83 7.83 -0.26
CA SER A 307 27.08 8.03 -0.97
C SER A 307 27.47 9.49 -0.90
N PHE A 308 28.76 9.74 -0.73
CA PHE A 308 29.27 11.09 -0.53
C PHE A 308 30.45 11.37 -1.45
N THR A 309 30.59 12.62 -1.82
CA THR A 309 31.82 13.13 -2.42
C THR A 309 32.56 13.90 -1.35
N VAL A 310 33.82 13.53 -1.12
CA VAL A 310 34.68 14.18 -0.16
C VAL A 310 35.70 15.00 -0.94
N TYR A 311 35.64 16.32 -0.79
CA TYR A 311 36.59 17.23 -1.41
C TYR A 311 37.73 17.47 -0.43
N VAL A 312 38.92 17.00 -0.78
CA VAL A 312 40.10 17.11 0.08
C VAL A 312 41.04 18.12 -0.53
N ASP A 313 41.40 19.13 0.25
CA ASP A 313 42.41 20.13 -0.11
C ASP A 313 43.63 19.88 0.76
N ALA A 314 44.58 19.12 0.24
CA ALA A 314 45.80 18.79 0.97
C ALA A 314 47.01 19.53 0.40
N GLY A 315 46.77 20.69 -0.23
CA GLY A 315 47.85 21.50 -0.73
C GLY A 315 48.43 20.94 -2.03
N GLU A 316 49.58 21.50 -2.40
CA GLU A 316 50.28 21.05 -3.59
C GLU A 316 50.82 19.64 -3.36
N ASN A 317 50.64 18.79 -4.36
CA ASN A 317 51.11 17.40 -4.30
C ASN A 317 50.49 16.63 -3.14
N GLY A 318 49.32 17.05 -2.65
CA GLY A 318 48.67 16.34 -1.57
C GLY A 318 47.92 15.13 -2.11
N TYR A 319 48.04 14.02 -1.39
CA TYR A 319 47.47 12.75 -1.85
C TYR A 319 46.73 12.05 -0.71
N ILE A 320 46.08 10.94 -1.08
CA ILE A 320 45.24 10.17 -0.19
C ILE A 320 45.69 8.72 -0.22
N GLU A 321 45.54 8.04 0.91
CA GLU A 321 45.64 6.60 0.98
C GLU A 321 44.45 6.08 1.76
N VAL A 322 44.21 4.77 1.67
CA VAL A 322 43.12 4.12 2.36
C VAL A 322 43.70 3.06 3.28
N THR A 323 43.30 3.09 4.54
CA THR A 323 43.63 2.04 5.50
C THR A 323 42.37 1.21 5.75
N LYS A 324 42.47 -0.10 5.53
CA LYS A 324 41.33 -1.02 5.65
C LYS A 324 41.67 -2.10 6.66
N PRO A 325 41.32 -1.93 7.94
CA PRO A 325 41.42 -3.02 8.89
C PRO A 325 40.46 -4.15 8.53
N THR A 326 40.84 -5.37 8.92
CA THR A 326 39.99 -6.54 8.73
C THR A 326 39.94 -7.34 10.02
N GLY A 327 38.84 -8.07 10.20
CA GLY A 327 38.65 -8.88 11.39
C GLY A 327 38.48 -10.35 11.08
N ASP A 328 38.02 -11.12 12.07
CA ASP A 328 37.78 -12.55 11.89
C ASP A 328 36.49 -12.95 12.62
N PRO A 329 35.43 -13.30 11.90
CA PRO A 329 34.16 -13.64 12.58
C PRO A 329 34.21 -15.02 13.22
N ASP A 330 33.68 -15.10 14.43
CA ASP A 330 33.55 -16.37 15.14
C ASP A 330 32.14 -16.43 15.72
N ILE A 331 31.36 -17.40 15.26
CA ILE A 331 30.01 -17.58 15.78
C ILE A 331 30.09 -18.14 17.20
N ILE A 332 29.43 -17.46 18.13
CA ILE A 332 29.50 -17.80 19.54
C ILE A 332 28.29 -18.63 19.97
N SER A 333 27.12 -18.34 19.41
CA SER A 333 25.90 -19.06 19.75
C SER A 333 24.89 -18.85 18.64
N THR A 334 23.87 -19.69 18.62
CA THR A 334 22.75 -19.55 17.70
C THR A 334 21.46 -19.91 18.42
N SER A 335 20.35 -19.41 17.90
CA SER A 335 19.04 -19.66 18.49
C SER A 335 17.97 -19.47 17.42
N SER A 336 16.78 -19.98 17.69
CA SER A 336 15.64 -19.76 16.81
C SER A 336 14.35 -19.84 17.62
N THR A 337 13.35 -19.10 17.16
CA THR A 337 12.02 -19.12 17.71
C THR A 337 11.15 -20.10 16.93
N GLU A 338 10.13 -20.65 17.60
CA GLU A 338 9.14 -21.44 16.90
C GLU A 338 8.54 -20.62 15.76
N ILE A 339 8.50 -21.22 14.58
CA ILE A 339 7.96 -20.57 13.38
C ILE A 339 6.55 -21.10 13.19
N LYS A 340 5.55 -20.23 13.34
CA LYS A 340 4.16 -20.62 13.20
C LYS A 340 3.70 -20.30 11.80
N GLU A 341 3.23 -21.32 11.08
CA GLU A 341 2.66 -21.16 9.75
C GLU A 341 1.74 -19.95 9.73
N GLY A 342 2.03 -19.00 8.83
CA GLY A 342 1.28 -17.75 8.73
C GLY A 342 2.00 -16.54 9.29
N ASP A 343 3.03 -16.74 10.10
CA ASP A 343 3.89 -15.67 10.59
C ASP A 343 5.34 -16.12 10.55
N GLU A 344 6.22 -15.26 10.07
CA GLU A 344 7.63 -15.61 10.03
C GLU A 344 8.18 -15.68 11.45
N GLY A 345 9.06 -16.66 11.69
CA GLY A 345 9.87 -16.71 12.88
C GLY A 345 11.23 -16.09 12.63
N THR A 346 12.13 -16.29 13.59
CA THR A 346 13.46 -15.70 13.51
C THR A 346 14.54 -16.73 13.82
N VAL A 347 15.67 -16.58 13.14
CA VAL A 347 16.91 -17.29 13.46
C VAL A 347 17.91 -16.22 13.87
N CYS A 348 18.58 -16.44 15.00
CA CYS A 348 19.51 -15.47 15.54
C CYS A 348 20.87 -16.12 15.74
N ALA A 349 21.91 -15.30 15.65
CA ALA A 349 23.27 -15.75 15.87
C ALA A 349 24.05 -14.63 16.54
N THR A 350 24.91 -15.00 17.48
CA THR A 350 25.83 -14.06 18.11
C THR A 350 27.22 -14.29 17.51
N VAL A 351 27.82 -13.23 16.98
CA VAL A 351 29.10 -13.31 16.29
C VAL A 351 30.07 -12.37 16.98
N GLU A 352 31.26 -12.90 17.29
CA GLU A 352 32.35 -12.12 17.87
C GLU A 352 33.45 -11.94 16.85
N ASN A 353 34.10 -10.77 16.88
CA ASN A 353 35.27 -10.49 16.06
C ASN A 353 36.51 -10.89 16.87
N VAL A 354 37.07 -12.06 16.57
CA VAL A 354 38.22 -12.55 17.31
C VAL A 354 39.55 -12.08 16.70
N GLY A 355 39.50 -11.25 15.67
CA GLY A 355 40.70 -10.71 15.08
C GLY A 355 41.21 -9.50 15.83
N ASP A 356 42.34 -9.00 15.37
CA ASP A 356 42.97 -7.84 15.97
C ASP A 356 42.49 -6.52 15.38
N GLY A 357 41.80 -6.56 14.24
CA GLY A 357 41.36 -5.35 13.59
C GLY A 357 39.85 -5.26 13.48
N GLU A 358 39.36 -4.05 13.30
CA GLU A 358 37.93 -3.84 13.06
C GLU A 358 37.48 -4.64 11.85
N GLY A 359 36.23 -5.06 11.86
CA GLY A 359 35.71 -5.93 10.83
C GLY A 359 34.40 -5.41 10.26
N GLU A 360 34.09 -5.89 9.06
CA GLU A 360 32.83 -5.61 8.37
C GLU A 360 32.19 -6.96 8.09
N PHE A 361 31.20 -7.33 8.91
CA PHE A 361 30.65 -8.68 8.90
C PHE A 361 29.24 -8.67 8.33
N SER A 362 29.05 -9.37 7.22
CA SER A 362 27.74 -9.55 6.60
C SER A 362 27.18 -10.89 7.05
N GLY A 363 26.14 -10.84 7.87
CA GLY A 363 25.44 -12.04 8.27
C GLY A 363 24.24 -12.31 7.37
N ARG A 364 23.93 -13.58 7.21
CA ARG A 364 22.77 -13.96 6.40
C ARG A 364 22.44 -15.41 6.70
N LEU A 365 21.25 -15.81 6.26
CA LEU A 365 20.92 -17.22 6.13
C LEU A 365 21.22 -17.63 4.69
N SER A 366 22.01 -18.69 4.53
CA SER A 366 22.40 -19.15 3.21
C SER A 366 21.54 -20.28 2.69
N SER A 367 20.84 -20.99 3.57
CA SER A 367 19.91 -22.03 3.13
C SER A 367 18.95 -22.38 4.26
N CYS A 368 17.84 -22.99 3.87
CA CYS A 368 16.90 -23.59 4.80
C CYS A 368 16.36 -24.87 4.18
N GLY A 369 16.10 -25.85 5.02
CA GLY A 369 15.61 -27.13 4.54
C GLY A 369 14.15 -27.09 4.13
N GLU A 370 13.65 -28.25 3.72
CA GLU A 370 12.32 -28.34 3.14
C GLU A 370 11.27 -27.87 4.14
N GLY A 371 10.31 -27.08 3.65
CA GLY A 371 9.28 -26.50 4.47
C GLY A 371 9.59 -25.11 4.97
N PHE A 372 10.86 -24.71 4.97
CA PHE A 372 11.30 -23.43 5.50
C PHE A 372 11.86 -22.57 4.38
N SER A 373 11.52 -21.30 4.40
CA SER A 373 11.92 -20.34 3.37
C SER A 373 12.49 -19.11 4.04
N ILE A 374 13.60 -18.63 3.52
CA ILE A 374 14.21 -17.39 4.00
C ILE A 374 13.43 -16.22 3.39
N VAL A 375 12.93 -15.34 4.24
CA VAL A 375 12.13 -14.20 3.80
C VAL A 375 12.78 -12.92 4.30
N ASP A 376 14.11 -12.90 4.32
CA ASP A 376 14.89 -11.76 4.79
C ASP A 376 16.11 -11.60 3.90
N ASP A 377 16.72 -10.42 3.96
CA ASP A 377 17.97 -10.13 3.30
C ASP A 377 19.13 -10.23 4.28
N GLN A 378 20.34 -10.06 3.77
CA GLN A 378 21.52 -10.04 4.63
C GLN A 378 21.53 -8.77 5.47
N ASN A 379 22.36 -8.79 6.51
CA ASN A 379 22.62 -7.60 7.32
C ASN A 379 24.12 -7.50 7.57
N THR A 380 24.69 -6.33 7.35
CA THR A 380 26.11 -6.07 7.57
C THR A 380 26.31 -5.15 8.76
N LYS A 381 27.20 -5.54 9.67
CA LYS A 381 27.49 -4.78 10.87
C LYS A 381 28.99 -4.52 10.98
N ASN A 382 29.33 -3.33 11.47
CA ASN A 382 30.70 -2.97 11.77
C ASN A 382 31.02 -3.43 13.19
N VAL A 383 32.01 -4.30 13.34
CA VAL A 383 32.31 -4.94 14.61
C VAL A 383 33.75 -4.62 14.99
N GLY A 384 33.94 -4.01 16.15
CA GLY A 384 35.27 -3.75 16.65
C GLY A 384 35.95 -5.03 17.11
N ALA A 385 37.29 -4.97 17.14
CA ALA A 385 38.07 -6.11 17.60
C ALA A 385 37.68 -6.46 19.03
N GLY A 386 37.40 -7.75 19.27
CA GLY A 386 37.01 -8.21 20.58
C GLY A 386 35.55 -8.02 20.93
N GLU A 387 34.80 -7.28 20.12
CA GLU A 387 33.40 -7.00 20.36
C GLU A 387 32.52 -8.07 19.69
N SER A 388 31.24 -8.06 20.05
CA SER A 388 30.28 -9.02 19.55
C SER A 388 29.02 -8.30 19.05
N VAL A 389 28.36 -8.93 18.07
CA VAL A 389 27.08 -8.46 17.56
C VAL A 389 26.15 -9.67 17.42
N THR A 390 24.86 -9.37 17.34
CA THR A 390 23.83 -10.39 17.16
C THR A 390 23.07 -10.10 15.87
N TYR A 391 22.84 -11.14 15.09
CA TYR A 391 22.05 -11.07 13.87
C TYR A 391 20.70 -11.75 14.08
N SER A 392 19.73 -11.32 13.28
CA SER A 392 18.37 -11.87 13.35
C SER A 392 17.76 -11.84 11.95
N PHE A 393 17.21 -12.99 11.52
CA PHE A 393 16.69 -13.12 10.17
C PHE A 393 15.33 -13.80 10.19
N ASP A 394 14.43 -13.31 9.31
CA ASP A 394 13.07 -13.82 9.25
C ASP A 394 13.00 -15.09 8.41
N VAL A 395 12.39 -16.13 8.97
CA VAL A 395 12.20 -17.40 8.28
C VAL A 395 10.72 -17.73 8.34
N ALA A 396 10.16 -18.14 7.20
CA ALA A 396 8.77 -18.51 7.08
C ALA A 396 8.64 -20.01 6.94
N PHE A 397 7.51 -20.55 7.38
CA PHE A 397 7.25 -21.99 7.35
C PHE A 397 5.90 -22.28 6.72
N SER A 398 5.86 -23.32 5.88
CA SER A 398 4.62 -23.75 5.26
C SER A 398 4.69 -25.25 5.00
N SER A 399 3.54 -25.91 5.06
CA SER A 399 3.48 -27.36 4.90
C SER A 399 2.03 -27.78 4.63
N VAL A 400 1.88 -28.91 3.94
CA VAL A 400 0.58 -29.54 3.73
C VAL A 400 0.51 -30.92 4.35
N SER A 401 1.46 -31.27 5.20
CA SER A 401 1.46 -32.60 5.82
C SER A 401 0.19 -32.81 6.64
N SER A 402 -0.39 -33.98 6.49
CA SER A 402 -1.54 -34.40 7.29
C SER A 402 -1.15 -35.26 8.48
N GLU A 403 0.15 -35.53 8.67
CA GLU A 403 0.63 -36.46 9.68
C GLU A 403 1.27 -35.80 10.88
N SER A 404 1.89 -34.64 10.72
CA SER A 404 2.61 -33.98 11.81
C SER A 404 2.30 -32.49 11.80
N LYS A 405 1.86 -31.98 12.94
CA LYS A 405 1.67 -30.53 13.08
C LYS A 405 2.98 -29.80 13.37
N GLU A 406 3.95 -30.47 13.97
CA GLU A 406 5.25 -29.89 14.26
C GLU A 406 6.31 -30.57 13.40
N ILE A 407 7.12 -29.76 12.71
CA ILE A 407 8.17 -30.25 11.84
C ILE A 407 9.48 -29.58 12.20
N SER A 408 10.53 -30.38 12.42
CA SER A 408 11.86 -29.89 12.73
C SER A 408 12.71 -29.86 11.46
N GLY A 409 13.59 -28.86 11.39
CA GLY A 409 14.43 -28.68 10.24
C GLY A 409 15.66 -27.89 10.58
N SER A 410 16.36 -27.44 9.55
CA SER A 410 17.60 -26.70 9.76
C SER A 410 17.74 -25.60 8.73
N CYS A 411 18.38 -24.51 9.16
CA CYS A 411 18.82 -23.43 8.29
C CYS A 411 20.30 -23.19 8.53
N THR A 412 20.98 -22.63 7.54
CA THR A 412 22.40 -22.36 7.63
C THR A 412 22.61 -20.86 7.86
N PHE A 413 23.29 -20.52 8.94
CA PHE A 413 23.71 -19.16 9.19
C PHE A 413 25.16 -19.00 8.74
N GLU A 414 25.40 -17.98 7.93
CA GLU A 414 26.74 -17.68 7.43
C GLU A 414 27.05 -16.22 7.75
N VAL A 415 28.27 -15.97 8.21
CA VAL A 415 28.76 -14.62 8.43
C VAL A 415 30.07 -14.47 7.66
N ASN A 416 30.12 -13.50 6.76
CA ASN A 416 31.29 -13.27 5.93
C ASN A 416 31.91 -11.93 6.30
N GLY A 417 33.14 -11.99 6.82
CA GLY A 417 33.98 -10.81 6.84
C GLY A 417 34.58 -10.60 5.47
N VAL A 418 35.32 -9.51 5.34
CA VAL A 418 35.98 -9.24 4.06
C VAL A 418 37.02 -10.31 3.74
N GLU A 419 37.72 -10.81 4.77
CA GLU A 419 38.82 -11.76 4.59
C GLU A 419 38.44 -13.20 4.91
N SER A 420 37.71 -13.41 6.00
CA SER A 420 37.37 -14.74 6.48
C SER A 420 35.87 -14.79 6.74
N SER A 421 35.39 -15.98 7.11
CA SER A 421 33.98 -16.24 7.28
C SER A 421 33.79 -17.36 8.30
N ASP A 422 32.55 -17.52 8.73
CA ASP A 422 32.17 -18.65 9.58
C ASP A 422 30.73 -18.99 9.27
N SER A 423 30.37 -20.25 9.49
CA SER A 423 29.01 -20.69 9.24
C SER A 423 28.69 -21.85 10.18
N THR A 424 27.39 -22.05 10.42
CA THR A 424 26.94 -23.14 11.26
C THR A 424 25.48 -23.42 10.95
N SER A 425 25.03 -24.60 11.34
CA SER A 425 23.65 -25.01 11.15
C SER A 425 22.84 -24.69 12.39
N VAL A 426 21.58 -24.31 12.18
CA VAL A 426 20.68 -23.92 13.24
C VAL A 426 19.40 -24.71 13.08
N SER A 427 19.01 -25.44 14.13
CA SER A 427 17.75 -26.16 14.09
C SER A 427 16.58 -25.18 14.15
N VAL A 428 15.55 -25.46 13.35
CA VAL A 428 14.31 -24.68 13.36
C VAL A 428 13.14 -25.64 13.46
N THR A 429 12.05 -25.14 14.05
CA THR A 429 10.82 -25.91 14.24
C THR A 429 9.65 -25.15 13.64
N GLY A 430 8.85 -25.85 12.84
CA GLY A 430 7.65 -25.27 12.23
C GLY A 430 6.41 -25.85 12.85
N ILE A 431 5.41 -24.98 13.07
CA ILE A 431 4.12 -25.38 13.62
C ILE A 431 3.06 -25.04 12.59
N GLN A 432 2.28 -26.03 12.19
CA GLN A 432 1.23 -25.79 11.21
C GLN A 432 0.03 -25.10 11.86
N GLN A 433 -0.71 -24.35 11.05
CA GLN A 433 -2.07 -23.99 11.43
C GLN A 433 -2.91 -25.26 11.48
N SER A 434 -3.78 -25.37 12.48
CA SER A 434 -4.69 -26.49 12.53
C SER A 434 -5.72 -26.34 11.42
N GLU A 435 -6.10 -27.47 10.82
CA GLU A 435 -7.19 -27.48 9.86
C GLU A 435 -8.55 -27.54 10.52
N CYS A 436 -8.61 -28.03 11.76
CA CYS A 436 -9.88 -28.20 12.46
C CYS A 436 -9.58 -28.34 13.94
N ASN A 437 -10.61 -28.14 14.77
CA ASN A 437 -10.45 -28.27 16.21
C ASN A 437 -10.74 -29.71 16.62
N PRO A 438 -9.81 -30.39 17.32
CA PRO A 438 -10.03 -31.81 17.62
C PRO A 438 -11.34 -32.04 18.35
N GLY A 439 -12.06 -33.07 17.91
CA GLY A 439 -13.36 -33.42 18.45
C GLY A 439 -14.54 -32.81 17.71
N ASP A 440 -14.34 -31.67 17.07
CA ASP A 440 -15.42 -31.04 16.29
C ASP A 440 -15.81 -31.92 15.12
N GLN A 441 -17.07 -31.82 14.72
CA GLN A 441 -17.59 -32.60 13.60
C GLN A 441 -18.00 -31.68 12.46
N ARG A 442 -18.06 -32.27 11.26
CA ARG A 442 -18.45 -31.57 10.06
C ARG A 442 -19.35 -32.51 9.27
N ARG A 443 -20.19 -31.92 8.41
CA ARG A 443 -21.12 -32.69 7.60
C ARG A 443 -20.95 -32.32 6.13
N GLU A 444 -21.25 -33.30 5.27
CA GLU A 444 -21.16 -33.12 3.83
C GLU A 444 -22.22 -33.98 3.16
N LYS A 445 -22.80 -33.44 2.08
CA LYS A 445 -23.77 -34.17 1.25
C LYS A 445 -23.06 -34.64 -0.02
N ASN A 446 -23.11 -35.94 -0.29
CA ASN A 446 -22.39 -36.50 -1.41
C ASN A 446 -23.21 -36.38 -2.70
N GLU A 447 -22.60 -36.81 -3.82
CA GLU A 447 -23.31 -36.79 -5.10
C GLU A 447 -24.51 -37.72 -5.08
N ASN A 448 -24.57 -38.65 -4.13
CA ASN A 448 -25.67 -39.59 -4.00
C ASN A 448 -26.77 -39.03 -3.09
N ASP A 449 -26.78 -37.72 -2.87
CA ASP A 449 -27.79 -37.03 -2.07
C ASP A 449 -27.99 -37.71 -0.71
N ARG A 450 -26.86 -38.02 -0.06
CA ARG A 450 -26.87 -38.54 1.30
C ARG A 450 -25.83 -37.82 2.13
N TRP A 451 -26.15 -37.61 3.40
CA TRP A 451 -25.31 -36.83 4.31
C TRP A 451 -24.25 -37.71 4.97
N GLU A 452 -23.06 -37.14 5.11
CA GLU A 452 -21.93 -37.82 5.75
C GLU A 452 -21.41 -36.96 6.90
N ILE A 453 -20.93 -37.63 7.94
CA ILE A 453 -20.43 -36.97 9.15
C ILE A 453 -19.00 -37.41 9.40
N TYR A 454 -18.12 -36.46 9.68
CA TYR A 454 -16.71 -36.73 9.98
C TYR A 454 -16.31 -36.02 11.27
N THR A 455 -15.31 -36.59 11.96
CA THR A 455 -14.80 -36.03 13.20
C THR A 455 -13.34 -35.63 13.04
N CYS A 456 -12.99 -34.45 13.56
CA CYS A 456 -11.62 -33.97 13.52
C CYS A 456 -10.75 -34.78 14.46
N GLN A 457 -9.59 -35.21 13.97
CA GLN A 457 -8.73 -36.09 14.75
C GLN A 457 -7.87 -35.29 15.73
N ASP A 458 -7.12 -36.02 16.56
CA ASP A 458 -6.43 -35.41 17.69
C ASP A 458 -5.36 -34.43 17.24
N ASN A 459 -4.79 -34.63 16.06
CA ASN A 459 -3.72 -33.75 15.59
C ASN A 459 -4.26 -32.48 14.96
N GLY A 460 -5.57 -32.33 14.82
CA GLY A 460 -6.13 -31.11 14.30
C GLY A 460 -5.82 -30.86 12.85
N LEU A 461 -5.50 -31.91 12.09
CA LEU A 461 -5.13 -31.78 10.70
C LEU A 461 -6.06 -32.53 9.75
N THR A 462 -6.78 -33.54 10.24
CA THR A 462 -7.57 -34.41 9.38
C THR A 462 -8.90 -34.72 10.03
N TYR A 463 -9.82 -35.21 9.20
CA TYR A 463 -11.11 -35.74 9.62
C TYR A 463 -11.15 -37.23 9.34
N GLU A 464 -11.82 -37.98 10.20
CA GLU A 464 -12.03 -39.40 9.95
C GLU A 464 -13.53 -39.68 9.89
N TYR A 465 -13.92 -40.48 8.91
CA TYR A 465 -15.32 -40.81 8.68
C TYR A 465 -15.96 -41.44 9.91
N ASP A 466 -17.20 -41.02 10.20
CA ASP A 466 -17.98 -41.59 11.30
C ASP A 466 -19.14 -42.42 10.78
N VAL A 467 -20.03 -41.85 9.97
CA VAL A 467 -21.22 -42.55 9.50
C VAL A 467 -21.79 -41.82 8.30
N THR A 468 -22.59 -42.53 7.51
CA THR A 468 -23.38 -41.97 6.43
C THR A 468 -24.84 -42.15 6.79
N CYS A 469 -25.61 -41.06 6.73
CA CYS A 469 -27.01 -41.14 7.11
C CYS A 469 -27.83 -41.83 6.03
N ALA A 470 -29.00 -42.34 6.43
CA ALA A 470 -29.88 -43.03 5.50
C ALA A 470 -30.50 -42.02 4.52
N GLU A 471 -31.20 -42.57 3.53
CA GLU A 471 -31.76 -41.73 2.47
C GLU A 471 -32.75 -40.71 3.03
N ASP A 472 -33.61 -41.14 3.95
CA ASP A 472 -34.61 -40.27 4.54
C ASP A 472 -34.06 -39.40 5.68
N GLU A 473 -32.80 -39.58 6.07
CA GLU A 473 -32.22 -38.88 7.20
C GLU A 473 -31.39 -37.69 6.74
N LYS A 474 -31.07 -36.82 7.71
CA LYS A 474 -30.24 -35.64 7.47
C LYS A 474 -29.28 -35.48 8.64
N ALA A 475 -28.09 -34.94 8.34
CA ALA A 475 -27.10 -34.66 9.37
C ALA A 475 -27.43 -33.32 10.02
N VAL A 476 -27.83 -33.34 11.29
CA VAL A 476 -28.43 -32.19 11.96
C VAL A 476 -27.55 -31.78 13.14
N ALA A 477 -27.31 -30.48 13.26
CA ALA A 477 -26.49 -29.95 14.35
C ALA A 477 -27.14 -30.21 15.71
N GLN A 478 -26.29 -30.45 16.71
CA GLN A 478 -26.72 -30.73 18.07
C GLN A 478 -26.05 -29.81 19.08
N GLY A 479 -25.34 -28.80 18.64
CA GLY A 479 -24.59 -27.93 19.53
C GLY A 479 -23.20 -28.45 19.81
N ASP A 480 -22.31 -27.52 20.17
CA ASP A 480 -20.90 -27.85 20.44
C ASP A 480 -20.30 -28.70 19.33
N ASN A 481 -20.55 -28.27 18.10
CA ASN A 481 -19.87 -28.82 16.92
C ASN A 481 -20.15 -30.31 16.72
N GLN A 482 -21.29 -30.81 17.16
CA GLN A 482 -21.66 -32.20 16.97
C GLN A 482 -22.82 -32.31 15.99
N PHE A 483 -22.84 -33.41 15.23
CA PHE A 483 -23.90 -33.68 14.27
C PHE A 483 -24.45 -35.08 14.50
N SER A 484 -25.72 -35.25 14.15
CA SER A 484 -26.39 -36.55 14.25
C SER A 484 -27.36 -36.71 13.08
N CYS A 485 -27.61 -37.97 12.71
CA CYS A 485 -28.58 -38.28 11.67
C CYS A 485 -29.99 -38.25 12.25
N GLU A 486 -30.89 -37.51 11.59
CA GLU A 486 -32.28 -37.41 12.02
C GLU A 486 -33.17 -37.54 10.80
N LYS A 487 -34.31 -38.20 10.98
CA LYS A 487 -35.27 -38.42 9.90
C LYS A 487 -35.93 -37.12 9.45
N GLU A 516 -39.42 -26.20 12.99
CA GLU A 516 -38.49 -25.51 13.94
C GLU A 516 -39.11 -24.27 14.56
N HIS A 517 -40.45 -24.22 14.62
CA HIS A 517 -41.16 -23.05 15.13
C HIS A 517 -42.37 -23.50 15.94
N HIS A 518 -42.17 -23.72 17.24
CA HIS A 518 -43.28 -23.92 18.15
C HIS A 518 -44.03 -22.63 18.44
N HIS A 519 -43.32 -21.50 18.50
CA HIS A 519 -43.98 -20.23 18.76
C HIS A 519 -44.88 -19.80 17.61
N HIS A 520 -44.67 -20.32 16.40
CA HIS A 520 -45.57 -20.01 15.30
C HIS A 520 -46.83 -20.87 15.32
N HIS A 521 -46.89 -21.88 16.20
CA HIS A 521 -48.09 -22.69 16.40
C HIS A 521 -48.72 -23.11 15.08
N SER B 5 46.36 2.09 -8.32
CA SER B 5 46.13 3.50 -8.56
C SER B 5 45.86 4.25 -7.25
N ILE B 6 45.28 3.55 -6.29
CA ILE B 6 45.07 4.08 -4.94
C ILE B 6 45.81 3.17 -3.98
N THR B 7 46.67 3.75 -3.15
CA THR B 7 47.44 2.95 -2.20
C THR B 7 46.57 2.50 -1.04
N TYR B 8 46.72 1.24 -0.66
CA TYR B 8 45.99 0.64 0.44
C TYR B 8 46.94 0.16 1.51
N ASN B 9 46.53 0.29 2.77
CA ASN B 9 47.31 -0.14 3.92
C ASN B 9 46.42 -0.92 4.87
N SER B 10 47.03 -1.88 5.57
CA SER B 10 46.31 -2.65 6.55
C SER B 10 47.28 -3.43 7.43
N GLY B 11 47.07 -3.40 8.75
CA GLY B 11 47.90 -4.19 9.64
C GLY B 11 47.50 -5.64 9.75
N THR B 12 46.25 -5.97 9.39
CA THR B 12 45.70 -7.30 9.60
C THR B 12 45.51 -8.11 8.32
N SER B 13 45.55 -7.47 7.15
CA SER B 13 45.31 -8.15 5.88
C SER B 13 46.50 -7.92 4.95
N GLU B 14 47.09 -9.01 4.47
CA GLU B 14 48.14 -8.91 3.47
C GLU B 14 47.58 -8.48 2.11
N PHE B 15 46.33 -8.86 1.81
CA PHE B 15 45.74 -8.51 0.52
C PHE B 15 45.62 -6.99 0.39
N PHE B 16 45.15 -6.33 1.42
CA PHE B 16 44.94 -4.89 1.41
C PHE B 16 46.15 -4.09 1.87
N ASP B 17 47.28 -4.75 2.17
CA ASP B 17 48.51 -4.05 2.53
C ASP B 17 49.46 -3.83 1.37
N GLY B 18 49.24 -4.46 0.22
CA GLY B 18 50.18 -4.34 -0.86
C GLY B 18 49.87 -3.15 -1.74
N ASP B 19 49.83 -3.37 -3.06
CA ASP B 19 49.54 -2.31 -4.02
C ASP B 19 48.27 -2.65 -4.78
N VAL B 20 47.23 -3.03 -4.06
CA VAL B 20 45.93 -3.30 -4.66
C VAL B 20 45.27 -1.97 -4.99
N PHE B 21 44.38 -2.00 -5.98
CA PHE B 21 43.59 -0.83 -6.33
C PHE B 21 42.15 -1.23 -6.61
N ALA B 22 41.24 -0.29 -6.39
CA ALA B 22 39.81 -0.55 -6.38
C ALA B 22 39.19 0.00 -7.67
N ILE B 23 38.37 -0.83 -8.30
CA ILE B 23 37.66 -0.49 -9.54
C ILE B 23 36.17 -0.50 -9.24
N GLU B 24 35.46 0.53 -9.71
CA GLU B 24 34.02 0.63 -9.51
C GLU B 24 33.32 0.08 -10.75
N VAL B 25 32.48 -0.93 -10.55
CA VAL B 25 31.79 -1.61 -11.63
C VAL B 25 30.32 -1.78 -11.24
N THR B 26 29.42 -1.48 -12.17
CA THR B 26 27.99 -1.71 -11.99
C THR B 26 27.54 -2.80 -12.96
N ALA B 27 26.86 -3.82 -12.43
CA ALA B 27 26.28 -4.87 -13.26
C ALA B 27 25.01 -4.30 -13.90
N ASP B 28 25.16 -3.73 -15.11
CA ASP B 28 24.11 -2.95 -15.75
C ASP B 28 23.72 -3.46 -17.11
N GLN B 29 23.94 -4.74 -17.40
CA GLN B 29 23.66 -5.36 -18.69
C GLN B 29 24.60 -4.87 -19.80
N SER B 30 25.66 -4.15 -19.45
CA SER B 30 26.61 -3.69 -20.46
C SER B 30 27.54 -4.83 -20.88
N THR B 31 28.35 -4.55 -21.89
CA THR B 31 29.32 -5.52 -22.40
C THR B 31 30.71 -5.35 -21.78
N ASP B 32 30.88 -4.43 -20.84
CA ASP B 32 32.20 -4.08 -20.32
C ASP B 32 32.93 -5.30 -19.76
N GLU B 33 34.20 -5.44 -20.13
CA GLU B 33 35.08 -6.46 -19.58
C GLU B 33 36.30 -5.77 -18.96
N ILE B 34 36.62 -6.15 -17.73
CA ILE B 34 37.75 -5.57 -17.01
C ILE B 34 38.97 -6.41 -17.35
N ASP B 35 39.84 -5.88 -18.21
CA ASP B 35 41.04 -6.58 -18.65
C ASP B 35 42.19 -6.28 -17.69
N ILE B 36 42.77 -7.33 -17.12
CA ILE B 36 43.81 -7.23 -16.11
C ILE B 36 45.16 -7.52 -16.76
N TYR B 37 46.11 -6.61 -16.57
CA TYR B 37 47.46 -6.77 -17.11
C TYR B 37 48.48 -6.73 -15.99
N LEU B 38 49.37 -7.72 -15.97
CA LEU B 38 50.45 -7.77 -14.99
C LEU B 38 51.70 -7.12 -15.59
N GLY B 39 52.36 -6.29 -14.79
CA GLY B 39 53.62 -5.72 -15.20
C GLY B 39 53.47 -4.56 -16.17
N ALA B 40 54.61 -4.09 -16.67
CA ALA B 40 54.64 -3.00 -17.63
C ALA B 40 56.03 -2.89 -18.26
N ASN B 52 51.63 -8.53 -19.27
CA ASN B 52 50.37 -8.91 -19.90
C ASN B 52 49.64 -9.95 -19.04
N GLN B 53 49.67 -11.22 -19.44
CA GLN B 53 48.96 -12.28 -18.71
C GLN B 53 47.49 -11.91 -18.53
N ASP B 54 46.81 -11.83 -19.68
N ASP B 54 46.91 -11.82 -19.68
CA ASP B 54 45.50 -11.20 -19.76
CA ASP B 54 45.60 -11.19 -19.76
C ASP B 54 44.45 -12.03 -19.02
C ASP B 54 44.55 -12.02 -19.02
N LEU B 55 43.93 -11.48 -17.93
CA LEU B 55 42.73 -11.97 -17.27
C LEU B 55 41.64 -10.93 -17.45
N SER B 56 40.41 -11.40 -17.63
CA SER B 56 39.28 -10.49 -17.78
C SER B 56 38.14 -10.90 -16.87
N ILE B 57 37.51 -9.92 -16.25
CA ILE B 57 36.36 -10.09 -15.37
C ILE B 57 35.15 -9.42 -16.01
N GLU B 58 34.01 -10.10 -15.94
CA GLU B 58 32.78 -9.58 -16.49
C GLU B 58 31.61 -10.13 -15.67
N PHE B 59 30.53 -9.36 -15.62
CA PHE B 59 29.28 -9.82 -15.02
C PHE B 59 28.40 -10.42 -16.10
N THR B 60 27.94 -11.65 -15.88
CA THR B 60 27.23 -12.42 -16.91
C THR B 60 25.72 -12.40 -16.72
N HIS B 61 25.24 -12.87 -15.57
CA HIS B 61 23.81 -13.07 -15.35
C HIS B 61 23.35 -12.31 -14.12
N GLN B 62 22.20 -11.66 -14.25
CA GLN B 62 21.61 -10.88 -13.18
C GLN B 62 20.14 -11.25 -13.05
N ASP B 63 19.60 -11.07 -11.85
CA ASP B 63 18.20 -11.38 -11.62
C ASP B 63 17.70 -10.56 -10.45
N SER B 64 16.44 -10.16 -10.53
CA SER B 64 15.73 -9.52 -9.43
C SER B 64 14.64 -10.47 -8.96
N LYS B 65 14.55 -10.66 -7.65
CA LYS B 65 13.47 -11.41 -7.03
C LYS B 65 12.92 -10.63 -5.83
N LEU B 66 11.63 -10.80 -5.57
CA LEU B 66 11.00 -10.22 -4.40
C LEU B 66 10.59 -11.35 -3.46
N LYS B 67 11.01 -11.26 -2.20
CA LYS B 67 10.69 -12.26 -1.19
C LYS B 67 9.60 -11.70 -0.27
N TYR B 68 8.48 -12.39 -0.22
CA TYR B 68 7.33 -11.98 0.57
C TYR B 68 7.23 -12.80 1.85
N SER B 69 6.47 -12.26 2.79
CA SER B 69 6.09 -12.97 4.01
C SER B 69 4.64 -12.61 4.29
N THR B 70 4.08 -13.21 5.34
CA THR B 70 2.69 -12.99 5.71
C THR B 70 2.62 -12.63 7.19
N SER B 71 1.47 -12.10 7.59
CA SER B 71 1.23 -11.72 8.98
C SER B 71 -0.21 -12.04 9.34
N THR B 72 -0.39 -12.85 10.38
CA THR B 72 -1.72 -13.13 10.93
C THR B 72 -2.12 -12.08 11.95
N SER B 73 -3.38 -12.16 12.38
CA SER B 73 -3.92 -11.20 13.34
C SER B 73 -5.27 -11.68 13.85
N ASP B 74 -5.60 -11.28 15.08
CA ASP B 74 -6.92 -11.57 15.62
C ASP B 74 -8.01 -10.91 14.78
N GLU B 75 -7.71 -9.75 14.19
CA GLU B 75 -8.69 -9.08 13.34
C GLU B 75 -9.02 -9.91 12.12
N LEU B 76 -8.09 -10.74 11.64
CA LEU B 76 -8.32 -11.56 10.46
C LEU B 76 -8.84 -12.92 10.92
N ARG B 77 -10.15 -12.98 11.19
CA ARG B 77 -10.76 -14.20 11.67
C ARG B 77 -10.79 -15.25 10.57
N ASP B 78 -10.85 -16.51 11.01
CA ASP B 78 -10.89 -17.62 10.08
C ASP B 78 -12.10 -17.52 9.15
N ILE B 79 -11.96 -18.09 7.96
CA ILE B 79 -13.06 -18.23 7.02
C ILE B 79 -13.69 -19.58 7.32
N VAL B 80 -14.93 -19.54 7.80
CA VAL B 80 -15.65 -20.75 8.20
C VAL B 80 -16.99 -20.79 7.49
N THR B 81 -17.48 -22.01 7.28
CA THR B 81 -18.85 -22.25 6.85
C THR B 81 -19.69 -22.63 8.04
N LEU B 82 -20.99 -22.35 7.95
CA LEU B 82 -21.91 -22.53 9.06
C LEU B 82 -23.11 -23.36 8.63
N THR B 83 -23.72 -24.01 9.61
CA THR B 83 -25.05 -24.59 9.50
C THR B 83 -25.94 -23.98 10.56
N THR B 84 -27.24 -24.20 10.42
CA THR B 84 -28.18 -23.80 11.46
C THR B 84 -28.17 -24.83 12.59
N TYR B 85 -28.46 -24.36 13.79
CA TYR B 85 -28.61 -25.22 14.95
C TYR B 85 -29.90 -24.82 15.67
N TYR B 86 -30.81 -25.77 15.81
CA TYR B 86 -32.09 -25.55 16.48
C TYR B 86 -32.26 -26.60 17.58
N GLU B 87 -32.76 -26.16 18.73
CA GLU B 87 -33.16 -27.09 19.78
C GLU B 87 -34.32 -26.47 20.56
N ASP B 88 -35.19 -27.34 21.07
CA ASP B 88 -36.34 -26.92 21.85
C ASP B 88 -36.28 -27.57 23.23
N GLY B 89 -37.36 -27.39 24.00
CA GLY B 89 -37.51 -28.05 25.28
C GLY B 89 -36.87 -27.32 26.44
N PHE B 90 -36.25 -26.17 26.23
CA PHE B 90 -35.67 -25.43 27.35
C PHE B 90 -36.77 -24.91 28.26
N ASP B 91 -36.57 -25.09 29.58
CA ASP B 91 -37.61 -24.79 30.56
C ASP B 91 -37.88 -23.29 30.68
N THR B 92 -36.83 -22.50 30.87
CA THR B 92 -36.98 -21.07 31.10
C THR B 92 -36.13 -20.27 30.14
N GLU B 93 -36.37 -18.95 30.14
CA GLU B 93 -35.60 -18.04 29.30
C GLU B 93 -34.11 -18.12 29.63
N GLN B 94 -33.77 -18.22 30.92
CA GLN B 94 -32.38 -18.29 31.32
C GLN B 94 -31.72 -19.55 30.80
N ASP B 95 -32.44 -20.67 30.80
CA ASP B 95 -31.88 -21.91 30.25
C ASP B 95 -31.52 -21.72 28.79
N ALA B 96 -32.42 -21.10 28.02
CA ALA B 96 -32.15 -20.85 26.61
C ALA B 96 -30.96 -19.91 26.44
N ILE B 97 -30.88 -18.87 27.27
CA ILE B 97 -29.78 -17.90 27.14
C ILE B 97 -28.44 -18.60 27.40
N ASP B 98 -28.38 -19.40 28.46
CA ASP B 98 -27.14 -20.11 28.78
C ASP B 98 -26.77 -21.09 27.67
N ALA B 99 -27.75 -21.82 27.13
CA ALA B 99 -27.47 -22.78 26.08
C ALA B 99 -26.93 -22.07 24.84
N ILE B 100 -27.49 -20.90 24.51
CA ILE B 100 -26.98 -20.15 23.37
C ILE B 100 -25.54 -19.75 23.62
N LYS B 101 -25.26 -19.20 24.80
CA LYS B 101 -23.91 -18.75 25.09
C LYS B 101 -22.92 -19.91 25.10
N SER B 102 -23.37 -21.09 25.50
CA SER B 102 -22.46 -22.22 25.71
C SER B 102 -22.22 -23.05 24.45
N ASP B 103 -23.26 -23.32 23.66
CA ASP B 103 -23.19 -24.32 22.59
C ASP B 103 -23.32 -23.75 21.19
N CYS B 104 -23.52 -22.44 21.04
CA CYS B 104 -23.74 -21.84 19.73
C CYS B 104 -22.50 -21.08 19.27
N TYR B 105 -22.35 -20.97 17.95
CA TYR B 105 -21.20 -20.30 17.36
C TYR B 105 -21.19 -18.81 17.72
N ASP B 106 -19.99 -18.31 18.03
CA ASP B 106 -19.79 -16.92 18.46
C ASP B 106 -19.59 -16.06 17.22
N LEU B 107 -20.70 -15.50 16.71
CA LEU B 107 -20.63 -14.75 15.46
C LEU B 107 -19.80 -13.49 15.61
N ASN B 108 -19.98 -12.75 16.70
CA ASN B 108 -19.35 -11.45 16.86
C ASN B 108 -18.01 -11.53 17.58
N GLN B 109 -17.55 -12.75 17.89
CA GLN B 109 -16.25 -12.95 18.51
C GLN B 109 -16.13 -12.17 19.82
N ASN B 110 -17.15 -12.31 20.67
CA ASN B 110 -17.16 -11.66 21.97
C ASN B 110 -17.01 -12.65 23.11
N GLY B 111 -16.68 -13.90 22.81
CA GLY B 111 -16.48 -14.92 23.81
C GLY B 111 -17.69 -15.77 24.11
N ASN B 112 -18.89 -15.33 23.72
CA ASN B 112 -20.12 -16.06 23.99
C ASN B 112 -20.83 -16.41 22.69
N GLY B 113 -21.48 -17.57 22.69
CA GLY B 113 -22.27 -17.96 21.54
C GLY B 113 -23.35 -16.94 21.22
N SER B 114 -23.71 -16.85 19.95
CA SER B 114 -24.72 -15.92 19.47
C SER B 114 -25.97 -16.70 19.05
N GLY B 115 -27.13 -16.14 19.35
CA GLY B 115 -28.37 -16.81 18.95
C GLY B 115 -29.60 -16.08 19.44
N ARG B 116 -30.73 -16.55 18.94
CA ARG B 116 -32.04 -16.02 19.30
C ARG B 116 -32.85 -17.09 20.00
N TYR B 117 -33.82 -16.67 20.81
CA TYR B 117 -34.71 -17.61 21.48
C TYR B 117 -36.15 -17.11 21.45
N SER B 118 -37.07 -18.07 21.46
CA SER B 118 -38.49 -17.78 21.45
C SER B 118 -39.19 -18.64 22.49
N ARG B 119 -40.16 -18.04 23.19
CA ARG B 119 -40.99 -18.79 24.11
C ARG B 119 -42.21 -19.37 23.38
N TYR B 120 -42.66 -20.52 23.85
CA TYR B 120 -43.88 -21.13 23.34
C TYR B 120 -44.62 -21.80 24.50
N TYR B 121 -45.94 -21.84 24.38
CA TYR B 121 -46.80 -22.39 25.42
C TYR B 121 -46.49 -23.87 25.66
N SER B 122 -46.35 -24.25 26.92
CA SER B 122 -46.01 -25.61 27.32
C SER B 122 -46.96 -26.07 28.40
N VAL B 123 -47.76 -27.10 28.11
CA VAL B 123 -48.67 -27.63 29.12
C VAL B 123 -47.90 -28.37 30.22
N THR B 124 -46.86 -29.12 29.84
CA THR B 124 -46.13 -29.91 30.82
C THR B 124 -45.21 -29.07 31.69
N SER B 125 -44.65 -27.99 31.14
CA SER B 125 -43.73 -27.11 31.85
C SER B 125 -44.23 -25.68 31.76
N PRO B 126 -45.32 -25.36 32.46
CA PRO B 126 -45.93 -24.03 32.32
C PRO B 126 -45.07 -22.94 32.93
N VAL B 127 -45.26 -21.71 32.44
CA VAL B 127 -46.22 -21.40 31.38
C VAL B 127 -45.62 -21.65 30.00
N TYR B 128 -44.30 -21.45 29.86
CA TYR B 128 -43.65 -21.53 28.56
C TYR B 128 -42.44 -22.45 28.61
N ASP B 129 -42.13 -23.03 27.45
CA ASP B 129 -40.81 -23.55 27.10
C ASP B 129 -40.19 -22.64 26.04
N TYR B 130 -38.95 -22.94 25.67
CA TYR B 130 -38.19 -22.04 24.81
C TYR B 130 -37.48 -22.79 23.70
N GLU B 131 -37.44 -22.18 22.52
CA GLU B 131 -36.65 -22.60 21.37
C GLU B 131 -35.47 -21.65 21.19
N ILE B 132 -34.40 -22.14 20.54
CA ILE B 132 -33.24 -21.31 20.22
C ILE B 132 -32.89 -21.45 18.75
N TYR B 133 -32.46 -20.36 18.14
CA TYR B 133 -32.04 -20.32 16.75
C TYR B 133 -30.59 -19.86 16.70
N CYS B 134 -29.72 -20.72 16.17
CA CYS B 134 -28.28 -20.54 16.26
C CYS B 134 -27.61 -21.00 14.99
N PHE B 135 -26.35 -20.64 14.84
CA PHE B 135 -25.46 -21.23 13.87
C PHE B 135 -24.50 -22.19 14.56
N GLN B 136 -23.93 -23.09 13.77
CA GLN B 136 -22.88 -23.99 14.23
C GLN B 136 -21.80 -24.08 13.15
N LYS B 137 -20.55 -24.05 13.59
CA LYS B 137 -19.44 -24.14 12.64
C LYS B 137 -19.44 -25.51 11.98
N ASN B 138 -19.35 -25.52 10.66
CA ASN B 138 -19.18 -26.76 9.91
C ASN B 138 -17.71 -27.03 9.60
N GLU B 139 -17.07 -26.14 8.83
CA GLU B 139 -15.69 -26.34 8.43
C GLU B 139 -14.96 -25.01 8.44
N LYS B 140 -13.64 -25.09 8.61
CA LYS B 140 -12.74 -23.95 8.45
C LYS B 140 -12.17 -24.02 7.04
N LEU B 141 -12.47 -23.02 6.22
CA LEU B 141 -12.01 -23.04 4.85
C LEU B 141 -10.56 -22.56 4.73
N ALA B 142 -10.17 -21.58 5.54
CA ALA B 142 -8.80 -21.06 5.48
C ALA B 142 -8.55 -20.16 6.69
N THR B 143 -7.27 -20.07 7.07
CA THR B 143 -6.80 -19.07 8.02
C THR B 143 -6.18 -17.92 7.24
N PRO B 144 -6.73 -16.72 7.29
CA PRO B 144 -6.19 -15.62 6.48
C PRO B 144 -4.99 -14.95 7.12
N ALA B 145 -4.21 -14.27 6.27
CA ALA B 145 -3.05 -13.51 6.72
C ALA B 145 -2.79 -12.37 5.74
N TYR B 146 -2.33 -11.25 6.28
CA TYR B 146 -1.86 -10.16 5.43
C TYR B 146 -0.64 -10.63 4.65
N ILE B 147 -0.41 -9.99 3.52
CA ILE B 147 0.81 -10.19 2.74
C ILE B 147 1.67 -8.94 2.93
N ASP B 148 2.90 -9.12 3.40
CA ASP B 148 3.77 -8.02 3.76
C ASP B 148 4.50 -7.47 2.54
N ASN B 149 5.06 -6.27 2.70
CA ASN B 149 5.93 -5.73 1.68
C ASN B 149 7.15 -6.63 1.52
N PRO B 150 7.60 -6.87 0.28
CA PRO B 150 8.71 -7.81 0.07
C PRO B 150 10.08 -7.17 0.21
N ASP B 151 11.05 -8.02 0.54
CA ASP B 151 12.45 -7.65 0.38
C ASP B 151 12.86 -7.90 -1.07
N GLU B 152 13.70 -7.01 -1.60
CA GLU B 152 14.19 -7.13 -2.97
C GLU B 152 15.57 -7.75 -2.95
N ILE B 153 15.71 -8.90 -3.61
CA ILE B 153 16.94 -9.66 -3.65
C ILE B 153 17.52 -9.58 -5.06
N PHE B 154 18.83 -9.37 -5.15
CA PHE B 154 19.53 -9.41 -6.42
C PHE B 154 20.50 -10.57 -6.44
N THR B 155 20.76 -11.08 -7.65
CA THR B 155 21.88 -11.96 -7.92
C THR B 155 22.64 -11.41 -9.12
N ALA B 156 23.96 -11.53 -9.09
CA ALA B 156 24.80 -11.07 -10.19
C ALA B 156 26.00 -12.01 -10.26
N LYS B 157 26.20 -12.60 -11.43
CA LYS B 157 27.24 -13.59 -11.64
C LYS B 157 28.47 -12.90 -12.24
N ALA B 158 29.62 -13.08 -11.61
CA ALA B 158 30.88 -12.56 -12.11
C ALA B 158 31.73 -13.72 -12.59
N GLU B 159 32.34 -13.57 -13.76
CA GLU B 159 33.15 -14.60 -14.39
C GLU B 159 34.56 -14.09 -14.67
N LEU B 160 35.55 -14.96 -14.44
CA LEU B 160 36.95 -14.70 -14.76
C LEU B 160 37.37 -15.60 -15.90
N GLN B 161 37.89 -15.02 -16.98
CA GLN B 161 38.27 -15.78 -18.16
C GLN B 161 39.76 -15.63 -18.41
N ALA B 162 40.46 -16.76 -18.50
CA ALA B 162 41.83 -16.82 -19.02
C ALA B 162 41.75 -17.23 -20.48
N GLY B 163 42.19 -16.35 -21.37
CA GLY B 163 42.03 -16.61 -22.79
C GLY B 163 40.55 -16.63 -23.14
N ASP B 164 40.11 -17.70 -23.80
CA ASP B 164 38.71 -17.88 -24.15
C ASP B 164 37.95 -18.78 -23.17
N LYS B 165 38.59 -19.27 -22.13
CA LYS B 165 37.97 -20.21 -21.20
C LYS B 165 37.68 -19.52 -19.87
N THR B 166 36.50 -19.79 -19.33
CA THR B 166 36.15 -19.34 -17.99
C THR B 166 36.77 -20.28 -16.95
N ILE B 167 37.60 -19.73 -16.07
CA ILE B 167 38.30 -20.54 -15.08
C ILE B 167 37.71 -20.41 -13.69
N GLN B 168 36.94 -19.36 -13.41
CA GLN B 168 36.34 -19.15 -12.09
C GLN B 168 35.04 -18.39 -12.26
N SER B 169 34.05 -18.73 -11.43
CA SER B 169 32.78 -18.03 -11.36
C SER B 169 32.47 -17.70 -9.91
N ALA B 170 31.77 -16.59 -9.72
CA ALA B 170 31.23 -16.23 -8.41
C ALA B 170 29.89 -15.52 -8.60
N THR B 171 28.95 -15.82 -7.71
CA THR B 171 27.64 -15.17 -7.71
C THR B 171 27.52 -14.34 -6.45
N LEU B 172 27.20 -13.07 -6.61
CA LEU B 172 26.99 -12.16 -5.50
C LEU B 172 25.50 -11.92 -5.30
N SER B 173 25.10 -11.68 -4.06
CA SER B 173 23.70 -11.43 -3.74
C SER B 173 23.60 -10.82 -2.36
N ASN B 174 22.51 -10.09 -2.15
CA ASN B 174 22.14 -9.63 -0.83
C ASN B 174 21.21 -10.62 -0.14
N GLY B 175 20.95 -11.77 -0.76
CA GLY B 175 20.17 -12.83 -0.16
C GLY B 175 20.99 -14.09 0.10
N ASP B 176 20.38 -15.24 -0.12
CA ASP B 176 21.00 -16.52 0.23
C ASP B 176 21.75 -17.17 -0.93
N ALA B 177 21.56 -16.71 -2.15
CA ALA B 177 22.23 -17.31 -3.29
C ALA B 177 23.71 -16.93 -3.30
N GLY B 178 24.49 -17.71 -4.06
CA GLY B 178 25.86 -17.34 -4.30
C GLY B 178 26.66 -17.28 -3.01
N ASP B 179 27.72 -16.47 -3.05
CA ASP B 179 28.63 -16.30 -1.93
C ASP B 179 28.29 -15.09 -1.07
N GLY B 180 27.26 -14.33 -1.43
CA GLY B 180 26.87 -13.19 -0.62
C GLY B 180 27.34 -11.85 -1.16
N THR B 181 27.58 -10.91 -0.24
CA THR B 181 27.93 -9.55 -0.62
C THR B 181 29.40 -9.37 -0.91
N VAL B 182 30.27 -10.28 -0.47
CA VAL B 182 31.70 -10.19 -0.73
C VAL B 182 32.23 -11.59 -1.02
N THR B 183 33.05 -11.70 -2.06
CA THR B 183 33.60 -13.00 -2.44
C THR B 183 34.90 -12.77 -3.19
N ASP B 184 35.72 -13.82 -3.23
CA ASP B 184 36.95 -13.82 -4.01
C ASP B 184 36.70 -14.40 -5.39
N LEU B 185 37.38 -13.83 -6.39
CA LEU B 185 37.32 -14.31 -7.76
C LEU B 185 38.77 -14.36 -8.25
N GLY B 186 39.36 -15.56 -8.22
CA GLY B 186 40.78 -15.67 -8.48
C GLY B 186 41.55 -14.93 -7.40
N ASP B 187 42.51 -14.10 -7.81
CA ASP B 187 43.26 -13.28 -6.89
C ASP B 187 42.57 -11.96 -6.57
N SER B 188 41.45 -11.66 -7.22
CA SER B 188 40.74 -10.41 -7.01
C SER B 188 39.59 -10.61 -6.02
N LYS B 189 39.02 -9.48 -5.59
CA LYS B 189 37.93 -9.48 -4.61
C LYS B 189 36.85 -8.53 -5.08
N ILE B 190 35.59 -8.94 -4.92
CA ILE B 190 34.43 -8.17 -5.36
C ILE B 190 33.55 -7.90 -4.14
N SER B 191 33.16 -6.63 -3.97
CA SER B 191 32.41 -6.19 -2.80
C SER B 191 31.18 -5.41 -3.25
N TRP B 192 30.00 -5.84 -2.80
CA TRP B 192 28.75 -5.15 -3.12
C TRP B 192 28.70 -3.81 -2.41
N ASN B 193 28.31 -2.76 -3.13
CA ASN B 193 28.19 -1.42 -2.55
C ASN B 193 26.75 -0.94 -2.39
N GLY B 194 25.77 -1.68 -2.88
CA GLY B 194 24.40 -1.21 -2.94
C GLY B 194 23.89 -1.16 -4.37
N ASN B 195 22.59 -0.86 -4.48
CA ASN B 195 21.89 -0.93 -5.76
C ASN B 195 21.48 0.45 -6.25
N LEU B 196 21.57 0.64 -7.56
CA LEU B 196 21.02 1.80 -8.24
C LEU B 196 19.63 1.43 -8.75
N ASP B 197 18.68 2.35 -8.59
CA ASP B 197 17.28 2.07 -8.87
C ASP B 197 16.95 2.36 -10.34
N LEU B 198 16.07 1.53 -10.92
CA LEU B 198 15.64 1.70 -12.30
C LEU B 198 14.28 2.37 -12.44
N GLY B 199 13.52 2.51 -11.35
CA GLY B 199 12.21 3.13 -11.41
C GLY B 199 11.05 2.19 -11.67
N ALA B 200 11.32 0.91 -11.92
CA ALA B 200 10.25 -0.06 -12.17
C ALA B 200 9.43 -0.27 -10.90
N SER B 201 8.16 -0.61 -11.09
CA SER B 201 7.22 -0.77 -9.98
C SER B 201 7.24 -2.21 -9.46
N GLU B 202 6.75 -2.36 -8.23
CA GLU B 202 6.50 -3.66 -7.62
C GLU B 202 4.99 -3.92 -7.55
N PRO B 203 4.59 -5.18 -7.40
CA PRO B 203 3.15 -5.47 -7.29
C PRO B 203 2.56 -4.92 -6.01
N GLU B 204 1.25 -4.65 -6.05
CA GLU B 204 0.53 -4.08 -4.90
C GLU B 204 0.04 -5.21 -4.00
N ASN B 205 0.68 -5.37 -2.85
CA ASN B 205 0.33 -6.43 -1.91
C ASN B 205 -0.93 -6.12 -1.10
N SER B 206 -1.36 -4.86 -1.06
CA SER B 206 -2.50 -4.49 -0.21
C SER B 206 -3.82 -4.96 -0.79
N ARG B 207 -3.88 -5.32 -2.08
CA ARG B 207 -5.10 -5.81 -2.71
C ARG B 207 -5.37 -7.28 -2.44
N VAL B 208 -4.41 -8.01 -1.90
CA VAL B 208 -4.52 -9.46 -1.77
C VAL B 208 -4.26 -9.86 -0.33
N ILE B 209 -4.63 -11.10 -0.03
CA ILE B 209 -4.47 -11.68 1.29
C ILE B 209 -4.03 -13.11 1.06
N ALA B 210 -3.33 -13.68 2.04
CA ALA B 210 -2.93 -15.07 2.01
C ALA B 210 -3.99 -15.91 2.70
N LEU B 211 -4.24 -17.10 2.17
CA LEU B 211 -5.24 -18.02 2.70
C LEU B 211 -4.57 -19.36 2.95
N TYR B 212 -4.40 -19.71 4.23
CA TYR B 212 -3.67 -20.91 4.60
C TYR B 212 -4.63 -22.09 4.78
N SER B 213 -4.38 -23.17 4.05
CA SER B 213 -5.09 -24.43 4.24
C SER B 213 -4.32 -25.54 3.51
N ASN B 214 -4.30 -26.74 4.10
CA ASN B 214 -3.66 -27.88 3.44
C ASN B 214 -4.40 -28.30 2.19
N ASP B 215 -5.60 -27.77 1.95
CA ASP B 215 -6.30 -28.01 0.69
C ASP B 215 -5.65 -27.29 -0.49
N PHE B 216 -4.79 -26.31 -0.23
CA PHE B 216 -4.19 -25.48 -1.27
C PHE B 216 -2.75 -25.90 -1.54
N GLU B 217 -2.32 -25.70 -2.79
CA GLU B 217 -0.97 -26.07 -3.19
C GLU B 217 0.05 -25.36 -2.31
N ASN B 218 0.97 -26.14 -1.73
CA ASN B 218 2.01 -25.67 -0.81
C ASN B 218 1.45 -25.13 0.50
N GLY B 219 0.16 -25.31 0.77
CA GLY B 219 -0.42 -24.95 2.04
C GLY B 219 -1.07 -23.58 2.10
N TRP B 220 -1.00 -22.77 1.05
CA TRP B 220 -1.69 -21.50 1.07
C TRP B 220 -1.87 -20.98 -0.35
N ARG B 221 -2.73 -19.96 -0.46
CA ARG B 221 -3.20 -19.45 -1.75
C ARG B 221 -3.38 -17.95 -1.62
N ILE B 222 -3.28 -17.25 -2.75
CA ILE B 222 -3.45 -15.80 -2.79
C ILE B 222 -4.92 -15.52 -3.07
N GLY B 223 -5.57 -14.79 -2.15
CA GLY B 223 -6.95 -14.41 -2.29
C GLY B 223 -7.13 -12.91 -2.47
N ASN B 224 -8.36 -12.54 -2.80
CA ASN B 224 -8.76 -11.14 -2.96
C ASN B 224 -9.13 -10.56 -1.60
N LYS B 225 -8.53 -9.42 -1.26
CA LYS B 225 -8.79 -8.86 0.06
C LYS B 225 -10.22 -8.36 0.19
N GLN B 226 -10.80 -7.81 -0.89
CA GLN B 226 -12.17 -7.30 -0.80
C GLN B 226 -13.16 -8.41 -0.47
N SER B 227 -13.01 -9.57 -1.11
CA SER B 227 -13.92 -10.69 -0.83
C SER B 227 -13.82 -11.09 0.64
N TYR B 228 -12.59 -11.18 1.17
CA TYR B 228 -12.46 -11.51 2.58
C TYR B 228 -13.08 -10.45 3.45
N GLU B 229 -12.90 -9.17 3.10
CA GLU B 229 -13.48 -8.10 3.89
C GLU B 229 -14.99 -8.22 3.94
N ASP B 230 -15.61 -8.49 2.79
CA ASP B 230 -17.07 -8.62 2.76
C ASP B 230 -17.51 -9.82 3.58
N TYR B 231 -16.78 -10.93 3.50
CA TYR B 231 -17.11 -12.09 4.33
C TYR B 231 -17.06 -11.73 5.81
N LYS B 232 -15.98 -11.06 6.22
CA LYS B 232 -15.80 -10.73 7.63
C LYS B 232 -16.88 -9.76 8.10
N THR B 233 -17.17 -8.74 7.29
CA THR B 233 -18.25 -7.82 7.62
C THR B 233 -19.56 -8.57 7.80
N PHE B 234 -19.87 -9.47 6.87
CA PHE B 234 -21.13 -10.19 6.94
C PHE B 234 -21.22 -11.02 8.21
N ILE B 235 -20.23 -11.87 8.45
CA ILE B 235 -20.36 -12.83 9.53
C ILE B 235 -20.30 -12.13 10.90
N GLY B 236 -19.46 -11.12 11.04
CA GLY B 236 -19.24 -10.57 12.37
C GLY B 236 -19.91 -9.23 12.63
N GLY B 237 -20.52 -8.64 11.60
CA GLY B 237 -21.05 -7.30 11.71
C GLY B 237 -22.53 -7.23 12.02
N GLY B 238 -23.22 -8.37 12.02
CA GLY B 238 -24.62 -8.45 12.38
C GLY B 238 -25.52 -9.06 11.32
N ASP B 239 -25.07 -9.12 10.07
CA ASP B 239 -25.96 -9.61 9.01
C ASP B 239 -26.28 -11.10 9.20
N ALA B 240 -25.29 -11.91 9.58
CA ALA B 240 -25.58 -13.31 9.89
C ALA B 240 -26.54 -13.43 11.07
N TYR B 241 -26.33 -12.61 12.10
CA TYR B 241 -27.28 -12.58 13.21
C TYR B 241 -28.67 -12.19 12.72
N ASP B 242 -28.75 -11.25 11.77
CA ASP B 242 -30.04 -10.91 11.20
C ASP B 242 -30.66 -12.10 10.49
N LEU B 243 -29.84 -12.96 9.88
CA LEU B 243 -30.38 -14.19 9.30
C LEU B 243 -30.99 -15.08 10.38
N LEU B 244 -30.37 -15.13 11.55
CA LEU B 244 -31.00 -15.87 12.65
C LEU B 244 -32.36 -15.28 13.01
N ILE B 245 -32.44 -13.95 13.08
CA ILE B 245 -33.72 -13.30 13.38
C ILE B 245 -34.75 -13.59 12.29
N ASP B 246 -34.33 -13.54 11.03
CA ASP B 246 -35.24 -13.80 9.92
C ASP B 246 -35.74 -15.25 9.94
N TRP B 247 -34.85 -16.18 10.24
CA TRP B 247 -35.25 -17.57 10.38
C TRP B 247 -36.24 -17.73 11.52
N GLN B 248 -35.97 -17.06 12.65
CA GLN B 248 -36.91 -17.08 13.77
C GLN B 248 -38.28 -16.53 13.36
N ASP B 249 -38.28 -15.48 12.54
CA ASP B 249 -39.51 -14.81 12.10
C ASP B 249 -40.30 -15.62 11.08
N GLY B 250 -39.70 -16.64 10.48
CA GLY B 250 -40.35 -17.35 9.39
C GLY B 250 -40.09 -16.77 8.01
N THR B 251 -39.34 -15.66 7.91
CA THR B 251 -39.01 -15.11 6.61
C THR B 251 -38.22 -16.10 5.77
N TYR B 252 -37.31 -16.83 6.41
CA TYR B 252 -36.53 -17.86 5.73
C TYR B 252 -36.70 -19.18 6.46
N THR B 253 -36.50 -20.27 5.73
CA THR B 253 -36.37 -21.58 6.35
C THR B 253 -34.90 -21.86 6.65
N ALA B 254 -34.67 -22.86 7.51
CA ALA B 254 -33.30 -23.26 7.82
C ALA B 254 -32.57 -23.72 6.57
N SER B 255 -33.25 -24.52 5.73
CA SER B 255 -32.62 -25.00 4.51
C SER B 255 -32.26 -23.84 3.59
N GLU B 256 -33.15 -22.86 3.45
CA GLU B 256 -32.85 -21.70 2.62
C GLU B 256 -31.63 -20.95 3.15
N VAL B 257 -31.60 -20.67 4.46
CA VAL B 257 -30.45 -20.01 5.04
C VAL B 257 -29.17 -20.76 4.70
N GLU B 258 -29.14 -22.06 5.02
CA GLU B 258 -27.93 -22.84 4.84
C GLU B 258 -27.49 -22.90 3.38
N ASP B 259 -28.43 -23.11 2.47
CA ASP B 259 -28.08 -23.40 1.09
C ASP B 259 -27.83 -22.17 0.25
N GLU B 260 -28.42 -21.02 0.61
CA GLU B 260 -28.37 -19.85 -0.27
C GLU B 260 -27.84 -18.57 0.36
N LEU B 261 -27.75 -18.48 1.69
CA LEU B 261 -27.52 -17.17 2.30
C LEU B 261 -26.23 -17.08 3.12
N VAL B 262 -25.98 -18.04 4.01
CA VAL B 262 -25.04 -17.79 5.08
C VAL B 262 -23.58 -18.01 4.66
N ASN B 263 -23.30 -18.93 3.72
CA ASN B 263 -21.94 -19.31 3.38
C ASN B 263 -21.47 -18.74 2.04
N THR B 264 -22.28 -17.91 1.38
CA THR B 264 -21.91 -17.39 0.07
C THR B 264 -20.61 -16.59 0.14
N ASP B 265 -20.51 -15.70 1.12
CA ASP B 265 -19.32 -14.85 1.20
C ASP B 265 -18.08 -15.67 1.53
N ALA B 266 -18.19 -16.64 2.43
CA ALA B 266 -17.03 -17.47 2.75
C ALA B 266 -16.52 -18.21 1.52
N ASN B 267 -17.45 -18.84 0.78
CA ASN B 267 -17.03 -19.61 -0.38
C ASN B 267 -16.47 -18.71 -1.48
N GLN B 268 -17.01 -17.51 -1.65
CA GLN B 268 -16.38 -16.59 -2.59
C GLN B 268 -15.01 -16.14 -2.09
N ALA B 269 -14.88 -15.96 -0.77
CA ALA B 269 -13.66 -15.41 -0.22
C ALA B 269 -12.47 -16.34 -0.40
N VAL B 270 -12.69 -17.66 -0.39
CA VAL B 270 -11.54 -18.55 -0.54
C VAL B 270 -11.11 -18.76 -1.98
N GLU B 271 -11.79 -18.17 -2.96
CA GLU B 271 -11.35 -18.30 -4.34
C GLU B 271 -10.02 -17.57 -4.54
N GLU B 272 -9.19 -18.11 -5.43
CA GLU B 272 -7.92 -17.46 -5.74
C GLU B 272 -8.18 -16.17 -6.50
N ALA B 273 -7.35 -15.17 -6.22
CA ALA B 273 -7.46 -13.88 -6.91
C ALA B 273 -7.25 -14.04 -8.40
N SER B 274 -7.97 -13.25 -9.18
CA SER B 274 -7.81 -13.28 -10.63
C SER B 274 -6.49 -12.65 -11.04
N SER B 275 -5.97 -13.10 -12.18
CA SER B 275 -4.72 -12.56 -12.68
C SER B 275 -4.83 -11.07 -12.96
N SER B 276 -6.01 -10.59 -13.35
CA SER B 276 -6.19 -9.16 -13.59
C SER B 276 -6.09 -8.37 -12.30
N THR B 277 -6.43 -8.98 -11.16
CA THR B 277 -6.37 -8.26 -9.89
C THR B 277 -4.94 -7.95 -9.49
N THR B 278 -4.02 -8.90 -9.70
CA THR B 278 -2.67 -8.78 -9.16
C THR B 278 -1.66 -9.46 -10.07
N ASP B 279 -0.49 -8.83 -10.20
CA ASP B 279 0.63 -9.45 -10.88
C ASP B 279 1.18 -10.66 -10.13
N LEU B 280 0.81 -10.83 -8.86
CA LEU B 280 1.27 -11.95 -8.08
C LEU B 280 0.60 -13.26 -8.48
N VAL B 281 -0.40 -13.21 -9.35
CA VAL B 281 -1.05 -14.40 -9.89
C VAL B 281 -0.86 -14.37 -11.40
N ASN B 282 -0.33 -15.46 -11.95
CA ASN B 282 0.07 -15.48 -13.35
C ASN B 282 -1.11 -15.68 -14.27
N ALA B 283 -1.20 -14.85 -15.30
CA ALA B 283 -2.20 -15.05 -16.35
C ALA B 283 -1.88 -16.31 -17.16
N LYS B 284 -0.71 -16.33 -17.78
CA LYS B 284 -0.25 -17.47 -18.56
C LYS B 284 0.51 -18.46 -17.68
N VAL B 285 0.65 -19.69 -18.18
CA VAL B 285 1.42 -20.69 -17.47
C VAL B 285 2.88 -20.25 -17.35
N LYS B 286 3.42 -19.71 -18.43
CA LYS B 286 4.82 -19.26 -18.44
C LYS B 286 5.03 -17.97 -17.65
N ASP B 287 3.99 -17.18 -17.43
CA ASP B 287 4.15 -15.94 -16.68
C ASP B 287 4.51 -16.23 -15.23
N SER B 288 5.26 -15.32 -14.63
CA SER B 288 5.71 -15.50 -13.25
C SER B 288 4.61 -15.10 -12.27
N SER B 289 4.77 -15.56 -11.03
CA SER B 289 3.81 -15.29 -9.97
C SER B 289 4.50 -15.51 -8.64
N LEU B 290 3.78 -15.19 -7.56
CA LEU B 290 4.27 -15.42 -6.21
C LEU B 290 4.11 -16.90 -5.90
N ASP B 291 5.22 -17.62 -5.95
CA ASP B 291 5.23 -19.05 -5.64
C ASP B 291 4.99 -19.25 -4.15
N THR B 292 3.84 -19.83 -3.80
CA THR B 292 3.50 -20.01 -2.39
C THR B 292 4.38 -21.04 -1.71
N GLY B 293 5.05 -21.91 -2.47
CA GLY B 293 5.97 -22.85 -1.87
C GLY B 293 7.34 -22.30 -1.58
N SER B 294 7.64 -21.10 -2.06
CA SER B 294 8.94 -20.48 -1.84
C SER B 294 8.85 -19.03 -1.41
N PHE B 295 7.66 -18.42 -1.42
CA PHE B 295 7.47 -17.03 -1.03
C PHE B 295 8.20 -16.06 -1.95
N VAL B 296 8.59 -16.49 -3.14
CA VAL B 296 9.39 -15.69 -4.05
C VAL B 296 8.56 -15.36 -5.28
N TYR B 297 8.59 -14.08 -5.67
CA TYR B 297 8.05 -13.62 -6.95
C TYR B 297 9.24 -13.19 -7.81
N ASP B 298 9.49 -13.94 -8.88
CA ASP B 298 10.62 -13.67 -9.76
C ASP B 298 10.20 -12.63 -10.79
N THR B 299 10.55 -11.37 -10.54
CA THR B 299 10.02 -10.31 -11.40
C THR B 299 10.59 -10.47 -12.81
N PRO B 300 9.75 -10.35 -13.83
CA PRO B 300 10.20 -10.59 -15.21
C PRO B 300 11.28 -9.63 -15.68
N GLU B 301 11.46 -8.49 -15.02
CA GLU B 301 12.46 -7.49 -15.39
C GLU B 301 13.35 -7.18 -14.20
N LEU B 302 14.50 -6.58 -14.48
CA LEU B 302 15.38 -6.12 -13.42
C LEU B 302 14.82 -4.87 -12.75
N LEU B 303 14.95 -4.82 -11.42
CA LEU B 303 14.46 -3.67 -10.66
C LEU B 303 15.57 -2.71 -10.25
N SER B 304 16.82 -3.15 -10.30
CA SER B 304 17.93 -2.29 -9.90
C SER B 304 19.21 -2.84 -10.50
N TYR B 305 20.22 -1.98 -10.58
CA TYR B 305 21.55 -2.40 -10.99
C TYR B 305 22.43 -2.46 -9.76
N PRO B 306 22.96 -3.62 -9.38
CA PRO B 306 23.87 -3.65 -8.23
C PRO B 306 25.21 -3.04 -8.59
N SER B 307 25.80 -2.35 -7.61
CA SER B 307 27.08 -1.66 -7.75
C SER B 307 28.16 -2.39 -6.96
N PHE B 308 29.36 -2.51 -7.54
CA PHE B 308 30.43 -3.27 -6.93
C PHE B 308 31.75 -2.50 -6.93
N THR B 309 32.55 -2.78 -5.91
CA THR B 309 33.96 -2.44 -5.89
C THR B 309 34.74 -3.73 -6.17
N VAL B 310 35.59 -3.70 -7.19
CA VAL B 310 36.45 -4.82 -7.54
C VAL B 310 37.88 -4.44 -7.17
N TYR B 311 38.46 -5.17 -6.21
CA TYR B 311 39.84 -4.95 -5.80
C TYR B 311 40.75 -5.87 -6.61
N VAL B 312 41.58 -5.28 -7.46
CA VAL B 312 42.50 -6.02 -8.32
C VAL B 312 43.92 -5.83 -7.81
N ASP B 313 44.61 -6.94 -7.55
CA ASP B 313 46.02 -6.95 -7.18
C ASP B 313 46.80 -7.53 -8.36
N ALA B 314 47.31 -6.64 -9.21
CA ALA B 314 48.06 -7.01 -10.41
C ALA B 314 49.54 -6.68 -10.28
N GLY B 315 50.07 -6.70 -9.06
CA GLY B 315 51.47 -6.43 -8.84
C GLY B 315 51.80 -4.94 -8.82
N GLU B 316 53.11 -4.68 -8.86
CA GLU B 316 53.60 -3.31 -8.76
C GLU B 316 53.26 -2.49 -9.99
N ASN B 317 53.40 -3.07 -11.18
CA ASN B 317 53.15 -2.38 -12.44
C ASN B 317 51.87 -2.87 -13.12
N GLY B 318 50.92 -3.41 -12.35
CA GLY B 318 49.69 -3.90 -12.92
C GLY B 318 48.71 -2.77 -13.20
N TYR B 319 48.05 -2.84 -14.36
CA TYR B 319 47.11 -1.82 -14.77
C TYR B 319 45.86 -2.49 -15.32
N ILE B 320 44.86 -1.68 -15.65
CA ILE B 320 43.57 -2.15 -16.11
C ILE B 320 43.23 -1.50 -17.44
N GLU B 321 42.54 -2.26 -18.28
CA GLU B 321 41.88 -1.73 -19.47
C GLU B 321 40.46 -2.27 -19.51
N VAL B 322 39.63 -1.64 -20.33
CA VAL B 322 38.25 -2.04 -20.53
C VAL B 322 38.06 -2.36 -22.00
N THR B 323 37.48 -3.52 -22.29
CA THR B 323 37.05 -3.88 -23.63
C THR B 323 35.52 -3.79 -23.65
N LYS B 324 34.99 -3.02 -24.60
CA LYS B 324 33.55 -2.75 -24.67
C LYS B 324 33.04 -3.13 -26.05
N PRO B 325 32.55 -4.36 -26.23
CA PRO B 325 31.91 -4.73 -27.49
C PRO B 325 30.63 -3.93 -27.74
N THR B 326 30.30 -3.77 -29.02
CA THR B 326 29.07 -3.12 -29.43
C THR B 326 28.39 -3.96 -30.49
N GLY B 327 27.06 -3.82 -30.57
CA GLY B 327 26.26 -4.60 -31.50
C GLY B 327 25.48 -3.75 -32.49
N ASP B 328 24.50 -4.35 -33.16
CA ASP B 328 23.68 -3.65 -34.13
C ASP B 328 22.22 -4.12 -33.98
N PRO B 329 21.31 -3.28 -33.49
CA PRO B 329 19.92 -3.72 -33.31
C PRO B 329 19.16 -3.80 -34.63
N ASP B 330 18.38 -4.86 -34.79
CA ASP B 330 17.50 -5.02 -35.94
C ASP B 330 16.16 -5.55 -35.45
N ILE B 331 15.10 -4.77 -35.60
CA ILE B 331 13.76 -5.22 -35.23
C ILE B 331 13.27 -6.21 -36.27
N ILE B 332 12.91 -7.42 -35.82
CA ILE B 332 12.48 -8.47 -36.75
C ILE B 332 10.96 -8.61 -36.73
N SER B 333 10.32 -8.35 -35.59
CA SER B 333 8.87 -8.45 -35.53
C SER B 333 8.34 -7.61 -34.39
N THR B 334 7.03 -7.35 -34.44
CA THR B 334 6.32 -6.62 -33.40
C THR B 334 4.94 -7.25 -33.20
N SER B 335 4.35 -6.94 -32.05
CA SER B 335 3.02 -7.44 -31.72
C SER B 335 2.36 -6.49 -30.73
N SER B 336 1.03 -6.60 -30.63
CA SER B 336 0.29 -5.83 -29.64
C SER B 336 -0.99 -6.60 -29.27
N THR B 337 -1.41 -6.42 -28.03
CA THR B 337 -2.67 -6.96 -27.54
C THR B 337 -3.74 -5.89 -27.59
N GLU B 338 -5.00 -6.33 -27.74
CA GLU B 338 -6.12 -5.41 -27.58
C GLU B 338 -6.05 -4.74 -26.23
N ILE B 339 -6.18 -3.42 -26.20
CA ILE B 339 -6.12 -2.65 -24.96
C ILE B 339 -7.55 -2.31 -24.57
N LYS B 340 -7.99 -2.85 -23.44
CA LYS B 340 -9.34 -2.63 -22.93
C LYS B 340 -9.29 -1.52 -21.89
N GLU B 341 -10.06 -0.46 -22.13
CA GLU B 341 -10.16 0.65 -21.19
C GLU B 341 -10.31 0.15 -19.77
N GLY B 342 -9.39 0.56 -18.90
CA GLY B 342 -9.37 0.10 -17.53
C GLY B 342 -8.30 -0.94 -17.22
N ASP B 343 -7.70 -1.55 -18.25
CA ASP B 343 -6.59 -2.46 -18.09
C ASP B 343 -5.56 -2.16 -19.17
N GLU B 344 -4.29 -2.12 -18.78
CA GLU B 344 -3.24 -1.90 -19.77
C GLU B 344 -3.10 -3.12 -20.66
N GLY B 345 -2.88 -2.88 -21.95
CA GLY B 345 -2.40 -3.89 -22.86
C GLY B 345 -0.89 -3.82 -22.99
N THR B 346 -0.37 -4.57 -23.96
CA THR B 346 1.07 -4.64 -24.16
C THR B 346 1.42 -4.47 -25.63
N VAL B 347 2.55 -3.82 -25.87
CA VAL B 347 3.20 -3.77 -27.18
C VAL B 347 4.56 -4.43 -27.03
N CYS B 348 4.88 -5.35 -27.94
CA CYS B 348 6.10 -6.12 -27.90
C CYS B 348 6.86 -5.97 -29.22
N ALA B 349 8.18 -6.13 -29.12
CA ALA B 349 9.04 -6.14 -30.30
C ALA B 349 10.14 -7.15 -30.06
N THR B 350 10.47 -7.89 -31.12
CA THR B 350 11.58 -8.84 -31.11
C THR B 350 12.75 -8.21 -31.86
N VAL B 351 13.92 -8.19 -31.23
CA VAL B 351 15.10 -7.53 -31.77
C VAL B 351 16.24 -8.54 -31.85
N GLU B 352 16.91 -8.56 -33.01
CA GLU B 352 18.10 -9.38 -33.21
C GLU B 352 19.34 -8.49 -33.29
N ASN B 353 20.44 -8.98 -32.72
CA ASN B 353 21.74 -8.32 -32.84
C ASN B 353 22.41 -8.88 -34.09
N VAL B 354 22.36 -8.11 -35.18
CA VAL B 354 22.93 -8.54 -36.45
C VAL B 354 24.40 -8.15 -36.58
N GLY B 355 25.00 -7.59 -35.52
CA GLY B 355 26.41 -7.27 -35.53
C GLY B 355 27.27 -8.46 -35.15
N ASP B 356 28.58 -8.24 -35.20
CA ASP B 356 29.54 -9.27 -34.86
C ASP B 356 29.89 -9.29 -33.38
N GLY B 357 29.54 -8.26 -32.62
CA GLY B 357 29.87 -8.18 -31.22
C GLY B 357 28.66 -8.11 -30.30
N GLU B 358 28.88 -8.45 -29.03
CA GLU B 358 27.84 -8.37 -28.01
C GLU B 358 27.27 -6.96 -27.92
N GLY B 359 25.99 -6.86 -27.56
CA GLY B 359 25.30 -5.58 -27.55
C GLY B 359 24.57 -5.33 -26.25
N GLU B 360 24.33 -4.04 -25.99
CA GLU B 360 23.54 -3.57 -24.85
C GLU B 360 22.40 -2.73 -25.43
N PHE B 361 21.21 -3.31 -25.50
CA PHE B 361 20.08 -2.75 -26.23
C PHE B 361 19.00 -2.28 -25.26
N SER B 362 18.73 -0.98 -25.28
CA SER B 362 17.67 -0.38 -24.48
C SER B 362 16.42 -0.25 -25.33
N GLY B 363 15.40 -1.04 -25.01
CA GLY B 363 14.13 -0.95 -25.70
C GLY B 363 13.15 -0.05 -24.95
N ARG B 364 12.28 0.60 -25.72
CA ARG B 364 11.26 1.45 -25.13
C ARG B 364 10.19 1.73 -26.17
N LEU B 365 9.07 2.26 -25.70
CA LEU B 365 8.11 2.95 -26.55
C LEU B 365 8.43 4.43 -26.49
N SER B 366 8.61 5.05 -27.66
CA SER B 366 8.95 6.45 -27.71
C SER B 366 7.76 7.37 -27.94
N SER B 367 6.63 6.85 -28.45
CA SER B 367 5.42 7.65 -28.58
C SER B 367 4.22 6.72 -28.77
N CYS B 368 3.04 7.27 -28.47
CA CYS B 368 1.76 6.63 -28.75
C CYS B 368 0.75 7.70 -29.16
N GLY B 369 -0.14 7.32 -30.06
CA GLY B 369 -1.12 8.25 -30.59
C GLY B 369 -2.24 8.59 -29.63
N GLU B 370 -3.16 9.42 -30.12
CA GLU B 370 -4.22 9.97 -29.27
C GLU B 370 -5.08 8.86 -28.68
N GLY B 371 -5.35 8.99 -27.38
CA GLY B 371 -6.07 8.00 -26.63
C GLY B 371 -5.21 6.97 -25.92
N PHE B 372 -3.95 6.82 -26.34
CA PHE B 372 -3.06 5.81 -25.78
C PHE B 372 -1.90 6.47 -25.05
N SER B 373 -1.55 5.89 -23.90
CA SER B 373 -0.51 6.44 -23.03
C SER B 373 0.46 5.34 -22.66
N ILE B 374 1.76 5.64 -22.72
CA ILE B 374 2.80 4.71 -22.30
C ILE B 374 2.86 4.76 -20.78
N VAL B 375 2.69 3.60 -20.14
CA VAL B 375 2.69 3.53 -18.67
C VAL B 375 3.77 2.54 -18.24
N ASP B 376 4.90 2.54 -18.94
CA ASP B 376 6.00 1.64 -18.65
C ASP B 376 7.33 2.37 -18.83
N ASP B 377 8.38 1.80 -18.25
CA ASP B 377 9.73 2.30 -18.40
C ASP B 377 10.47 1.50 -19.47
N GLN B 378 11.70 1.94 -19.77
CA GLN B 378 12.52 1.23 -20.73
C GLN B 378 12.98 -0.10 -20.15
N ASN B 379 13.51 -0.94 -21.03
CA ASN B 379 14.19 -2.17 -20.65
C ASN B 379 15.48 -2.31 -21.44
N THR B 380 16.58 -2.56 -20.74
CA THR B 380 17.87 -2.79 -21.36
C THR B 380 18.25 -4.26 -21.20
N LYS B 381 18.60 -4.88 -22.32
CA LYS B 381 18.98 -6.29 -22.34
C LYS B 381 20.33 -6.46 -23.01
N ASN B 382 21.13 -7.39 -22.49
CA ASN B 382 22.39 -7.77 -23.11
C ASN B 382 22.12 -8.87 -24.12
N VAL B 383 22.48 -8.62 -25.38
CA VAL B 383 22.15 -9.50 -26.49
C VAL B 383 23.43 -9.92 -27.18
N GLY B 384 23.68 -11.23 -27.24
CA GLY B 384 24.84 -11.72 -27.96
C GLY B 384 24.68 -11.61 -29.46
N ALA B 385 25.82 -11.60 -30.15
CA ALA B 385 25.81 -11.52 -31.61
C ALA B 385 25.05 -12.70 -32.17
N GLY B 386 24.08 -12.41 -33.04
CA GLY B 386 23.22 -13.44 -33.60
C GLY B 386 22.05 -13.83 -32.74
N GLU B 387 21.99 -13.37 -31.50
N GLU B 387 21.99 -13.37 -31.49
CA GLU B 387 20.90 -13.71 -30.60
CA GLU B 387 20.90 -13.71 -30.60
C GLU B 387 19.74 -12.70 -30.76
C GLU B 387 19.75 -12.72 -30.77
N SER B 388 18.58 -13.09 -30.23
CA SER B 388 17.39 -12.26 -30.29
C SER B 388 16.78 -12.14 -28.90
N VAL B 389 16.15 -10.99 -28.67
CA VAL B 389 15.41 -10.77 -27.43
C VAL B 389 14.06 -10.15 -27.77
N THR B 390 13.13 -10.26 -26.83
CA THR B 390 11.79 -9.69 -26.97
C THR B 390 11.55 -8.73 -25.81
N TYR B 391 11.01 -7.56 -26.14
CA TYR B 391 10.63 -6.56 -25.16
C TYR B 391 9.10 -6.50 -25.05
N SER B 392 8.62 -6.00 -23.92
CA SER B 392 7.19 -5.90 -23.67
C SER B 392 6.90 -4.67 -22.82
N PHE B 393 5.96 -3.84 -23.27
CA PHE B 393 5.69 -2.56 -22.61
C PHE B 393 4.19 -2.36 -22.43
N ASP B 394 3.82 -1.82 -21.27
CA ASP B 394 2.41 -1.62 -20.94
C ASP B 394 1.91 -0.33 -21.57
N VAL B 395 0.76 -0.41 -22.24
CA VAL B 395 0.11 0.75 -22.85
C VAL B 395 -1.34 0.82 -22.35
N ALA B 396 -1.76 2.01 -21.95
CA ALA B 396 -3.10 2.25 -21.43
C ALA B 396 -3.93 3.00 -22.45
N PHE B 397 -5.24 2.77 -22.43
CA PHE B 397 -6.16 3.39 -23.37
C PHE B 397 -7.33 4.01 -22.62
N SER B 398 -7.69 5.23 -23.01
CA SER B 398 -8.83 5.91 -22.44
C SER B 398 -9.45 6.82 -23.50
N SER B 399 -10.76 7.01 -23.43
CA SER B 399 -11.46 7.81 -24.43
C SER B 399 -12.83 8.20 -23.90
N VAL B 400 -13.35 9.31 -24.44
CA VAL B 400 -14.71 9.76 -24.18
C VAL B 400 -15.55 9.79 -25.44
N SER B 401 -15.09 9.14 -26.51
CA SER B 401 -15.84 9.15 -27.75
C SER B 401 -17.23 8.53 -27.54
N SER B 402 -18.24 9.20 -28.09
CA SER B 402 -19.60 8.66 -28.07
C SER B 402 -19.95 7.96 -29.37
N GLU B 403 -19.02 7.89 -30.33
CA GLU B 403 -19.31 7.37 -31.66
C GLU B 403 -18.72 6.00 -31.94
N SER B 404 -17.58 5.67 -31.35
CA SER B 404 -16.90 4.42 -31.64
C SER B 404 -16.41 3.77 -30.37
N LYS B 405 -16.79 2.50 -30.19
CA LYS B 405 -16.28 1.72 -29.06
C LYS B 405 -14.85 1.25 -29.31
N GLU B 406 -14.46 1.09 -30.58
CA GLU B 406 -13.10 0.69 -30.94
C GLU B 406 -12.38 1.88 -31.57
N ILE B 407 -11.17 2.14 -31.09
CA ILE B 407 -10.35 3.25 -31.54
C ILE B 407 -9.01 2.68 -31.96
N SER B 408 -8.59 2.99 -33.18
CA SER B 408 -7.32 2.53 -33.69
C SER B 408 -6.25 3.60 -33.51
N GLY B 409 -5.03 3.14 -33.28
CA GLY B 409 -3.92 4.04 -33.10
C GLY B 409 -2.61 3.33 -33.36
N SER B 410 -1.52 4.01 -33.02
CA SER B 410 -0.20 3.46 -33.24
C SER B 410 0.73 3.90 -32.12
N CYS B 411 1.71 3.06 -31.84
CA CYS B 411 2.81 3.39 -30.95
C CYS B 411 4.12 3.11 -31.69
N THR B 412 5.18 3.79 -31.29
CA THR B 412 6.49 3.62 -31.88
C THR B 412 7.39 2.88 -30.90
N PHE B 413 7.92 1.74 -31.32
CA PHE B 413 8.92 1.02 -30.57
C PHE B 413 10.30 1.42 -31.08
N GLU B 414 11.18 1.78 -30.16
CA GLU B 414 12.55 2.17 -30.45
C GLU B 414 13.49 1.31 -29.65
N VAL B 415 14.57 0.84 -30.28
CA VAL B 415 15.64 0.12 -29.59
C VAL B 415 16.95 0.82 -29.89
N ASN B 416 17.66 1.23 -28.83
CA ASN B 416 18.92 1.94 -28.97
C ASN B 416 20.04 1.07 -28.44
N GLY B 417 20.95 0.69 -29.33
CA GLY B 417 22.24 0.21 -28.91
C GLY B 417 23.14 1.38 -28.57
N VAL B 418 24.34 1.05 -28.09
CA VAL B 418 25.31 2.10 -27.79
C VAL B 418 25.73 2.84 -29.06
N GLU B 419 25.82 2.12 -30.18
CA GLU B 419 26.31 2.68 -31.44
C GLU B 419 25.20 2.97 -32.45
N SER B 420 24.22 2.08 -32.58
CA SER B 420 23.17 2.22 -33.58
C SER B 420 21.80 2.04 -32.93
N SER B 421 20.75 2.19 -33.75
CA SER B 421 19.39 2.17 -33.27
C SER B 421 18.47 1.68 -34.38
N ASP B 422 17.24 1.35 -34.00
CA ASP B 422 16.20 1.01 -34.96
C ASP B 422 14.87 1.42 -34.36
N SER B 423 13.88 1.62 -35.23
CA SER B 423 12.57 2.07 -34.80
C SER B 423 11.51 1.51 -35.74
N THR B 424 10.29 1.37 -35.24
CA THR B 424 9.17 0.91 -36.06
C THR B 424 7.86 1.27 -35.39
N SER B 425 6.81 1.31 -36.20
CA SER B 425 5.45 1.59 -35.74
C SER B 425 4.68 0.30 -35.52
N VAL B 426 3.81 0.31 -34.50
CA VAL B 426 2.99 -0.84 -34.15
C VAL B 426 1.54 -0.39 -34.03
N SER B 427 0.65 -1.04 -34.78
CA SER B 427 -0.77 -0.75 -34.67
C SER B 427 -1.31 -1.24 -33.33
N VAL B 428 -2.16 -0.43 -32.70
CA VAL B 428 -2.82 -0.79 -31.46
C VAL B 428 -4.30 -0.51 -31.59
N THR B 429 -5.09 -1.26 -30.84
CA THR B 429 -6.55 -1.13 -30.84
C THR B 429 -7.02 -0.92 -29.41
N GLY B 430 -7.85 0.10 -29.22
CA GLY B 430 -8.43 0.40 -27.92
C GLY B 430 -9.92 0.09 -27.96
N ILE B 431 -10.42 -0.53 -26.89
CA ILE B 431 -11.83 -0.86 -26.75
C ILE B 431 -12.35 -0.13 -25.51
N GLN B 432 -13.39 0.68 -25.69
CA GLN B 432 -13.95 1.40 -24.57
C GLN B 432 -14.77 0.46 -23.68
N GLN B 433 -14.84 0.83 -22.41
CA GLN B 433 -15.91 0.29 -21.59
C GLN B 433 -17.24 0.80 -22.14
N SER B 434 -18.24 -0.06 -22.16
CA SER B 434 -19.58 0.37 -22.55
C SER B 434 -20.19 1.23 -21.43
N GLU B 435 -20.94 2.25 -21.83
CA GLU B 435 -21.70 3.04 -20.87
C GLU B 435 -23.03 2.40 -20.53
N CYS B 436 -23.54 1.51 -21.39
CA CYS B 436 -24.84 0.90 -21.19
C CYS B 436 -24.95 -0.33 -22.08
N ASN B 437 -25.91 -1.18 -21.76
CA ASN B 437 -26.17 -2.37 -22.57
C ASN B 437 -27.23 -2.06 -23.61
N PRO B 438 -26.98 -2.32 -24.90
CA PRO B 438 -27.96 -1.95 -25.93
C PRO B 438 -29.33 -2.55 -25.64
N GLY B 439 -30.37 -1.72 -25.81
CA GLY B 439 -31.73 -2.09 -25.53
C GLY B 439 -32.24 -1.73 -24.15
N ASP B 440 -31.35 -1.59 -23.17
CA ASP B 440 -31.77 -1.17 -21.85
C ASP B 440 -32.27 0.27 -21.89
N GLN B 441 -33.21 0.58 -21.00
CA GLN B 441 -33.78 1.91 -20.91
C GLN B 441 -33.41 2.58 -19.59
N ARG B 442 -33.51 3.90 -19.59
CA ARG B 442 -33.14 4.74 -18.46
C ARG B 442 -34.24 5.77 -18.27
N ARG B 443 -34.39 6.26 -17.03
CA ARG B 443 -35.39 7.28 -16.74
C ARG B 443 -34.73 8.45 -16.02
N GLU B 444 -35.26 9.64 -16.30
CA GLU B 444 -34.72 10.86 -15.71
C GLU B 444 -35.84 11.90 -15.67
N LYS B 445 -35.77 12.77 -14.67
CA LYS B 445 -36.69 13.90 -14.54
C LYS B 445 -36.03 15.16 -15.06
N ASN B 446 -36.71 15.84 -15.99
CA ASN B 446 -36.17 17.02 -16.63
C ASN B 446 -36.38 18.25 -15.76
N GLU B 447 -35.93 19.41 -16.25
CA GLU B 447 -36.07 20.64 -15.49
C GLU B 447 -37.53 20.99 -15.21
N ASN B 448 -38.46 20.43 -15.98
CA ASN B 448 -39.89 20.66 -15.78
C ASN B 448 -40.53 19.60 -14.87
N ASP B 449 -39.72 18.84 -14.13
CA ASP B 449 -40.22 17.83 -13.19
C ASP B 449 -41.20 16.87 -13.86
N ARG B 450 -40.82 16.39 -15.05
CA ARG B 450 -41.61 15.38 -15.75
C ARG B 450 -40.66 14.31 -16.28
N TRP B 451 -41.14 13.07 -16.28
CA TRP B 451 -40.28 11.93 -16.54
C TRP B 451 -40.06 11.68 -18.02
N GLU B 452 -38.81 11.37 -18.37
CA GLU B 452 -38.40 11.05 -19.72
C GLU B 452 -37.71 9.69 -19.72
N ILE B 453 -37.84 8.96 -20.83
CA ILE B 453 -37.29 7.64 -20.98
C ILE B 453 -36.35 7.63 -22.18
N TYR B 454 -35.18 7.01 -22.02
CA TYR B 454 -34.17 6.94 -23.07
C TYR B 454 -33.75 5.48 -23.25
N THR B 455 -33.32 5.15 -24.47
CA THR B 455 -32.89 3.79 -24.79
C THR B 455 -31.41 3.78 -25.17
N CYS B 456 -30.68 2.78 -24.65
CA CYS B 456 -29.28 2.61 -24.98
C CYS B 456 -29.11 2.15 -26.41
N GLN B 457 -28.21 2.82 -27.14
CA GLN B 457 -28.04 2.57 -28.57
C GLN B 457 -27.18 1.33 -28.81
N ASP B 458 -27.05 0.98 -30.09
CA ASP B 458 -26.41 -0.28 -30.44
C ASP B 458 -24.93 -0.31 -30.07
N ASN B 459 -24.27 0.85 -30.04
CA ASN B 459 -22.84 0.89 -29.70
C ASN B 459 -22.58 0.90 -28.20
N GLY B 460 -23.63 1.00 -27.38
CA GLY B 460 -23.47 0.92 -25.95
C GLY B 460 -22.79 2.11 -25.30
N LEU B 461 -22.83 3.29 -25.94
CA LEU B 461 -22.17 4.47 -25.40
C LEU B 461 -23.09 5.64 -25.13
N THR B 462 -24.27 5.70 -25.76
CA THR B 462 -25.14 6.87 -25.63
C THR B 462 -26.59 6.41 -25.51
N TYR B 463 -27.42 7.33 -25.04
CA TYR B 463 -28.85 7.15 -24.95
C TYR B 463 -29.57 8.08 -25.91
N GLU B 464 -30.65 7.61 -26.52
CA GLU B 464 -31.49 8.42 -27.37
C GLU B 464 -32.87 8.56 -26.74
N TYR B 465 -33.40 9.79 -26.77
CA TYR B 465 -34.70 10.08 -26.20
C TYR B 465 -35.78 9.23 -26.86
N ASP B 466 -36.70 8.69 -26.05
CA ASP B 466 -37.83 7.94 -26.57
C ASP B 466 -39.15 8.68 -26.38
N VAL B 467 -39.51 9.05 -25.14
CA VAL B 467 -40.82 9.64 -24.87
C VAL B 467 -40.77 10.35 -23.52
N THR B 468 -41.71 11.28 -23.33
CA THR B 468 -41.91 12.00 -22.07
C THR B 468 -43.29 11.65 -21.50
N CYS B 469 -43.32 11.30 -20.21
CA CYS B 469 -44.59 10.95 -19.57
C CYS B 469 -45.39 12.20 -19.22
N ALA B 470 -46.71 12.01 -19.08
CA ALA B 470 -47.63 13.09 -18.77
C ALA B 470 -47.44 13.56 -17.32
N GLU B 471 -48.14 14.65 -16.97
CA GLU B 471 -48.00 15.22 -15.64
C GLU B 471 -48.40 14.24 -14.55
N ASP B 472 -49.52 13.54 -14.74
CA ASP B 472 -50.01 12.59 -13.75
C ASP B 472 -49.33 11.23 -13.85
N GLU B 473 -48.47 11.02 -14.84
CA GLU B 473 -47.83 9.73 -15.06
C GLU B 473 -46.42 9.73 -14.51
N LYS B 474 -45.87 8.53 -14.37
CA LYS B 474 -44.51 8.32 -13.91
C LYS B 474 -43.89 7.22 -14.76
N ALA B 475 -42.56 7.32 -14.94
CA ALA B 475 -41.83 6.29 -15.67
C ALA B 475 -41.54 5.15 -14.72
N VAL B 476 -42.15 4.00 -14.98
CA VAL B 476 -42.23 2.90 -14.04
C VAL B 476 -41.55 1.68 -14.65
N ALA B 477 -40.75 1.00 -13.84
CA ALA B 477 -40.05 -0.19 -14.32
C ALA B 477 -41.05 -1.27 -14.72
N GLN B 478 -40.72 -2.00 -15.78
CA GLN B 478 -41.56 -3.06 -16.29
C GLN B 478 -40.81 -4.37 -16.47
N GLY B 479 -39.57 -4.46 -15.97
CA GLY B 479 -38.76 -5.65 -16.15
C GLY B 479 -37.95 -5.61 -17.43
N ASP B 480 -36.87 -6.40 -17.44
CA ASP B 480 -35.97 -6.48 -18.58
C ASP B 480 -35.52 -5.09 -19.04
N ASN B 481 -35.14 -4.25 -18.08
CA ASN B 481 -34.51 -2.95 -18.35
C ASN B 481 -35.40 -2.02 -19.18
N GLN B 482 -36.72 -2.17 -19.10
CA GLN B 482 -37.64 -1.31 -19.83
C GLN B 482 -38.44 -0.45 -18.87
N PHE B 483 -38.82 0.74 -19.33
CA PHE B 483 -39.65 1.66 -18.57
C PHE B 483 -40.85 2.07 -19.40
N SER B 484 -41.95 2.35 -18.71
CA SER B 484 -43.18 2.80 -19.35
C SER B 484 -43.88 3.83 -18.48
N CYS B 485 -44.65 4.70 -19.12
CA CYS B 485 -45.43 5.70 -18.41
C CYS B 485 -46.72 5.06 -17.91
N GLU B 486 -47.00 5.24 -16.61
CA GLU B 486 -48.17 4.66 -15.96
C GLU B 486 -48.82 5.71 -15.07
N LYS B 487 -50.13 5.52 -14.85
CA LYS B 487 -50.92 6.45 -14.06
C LYS B 487 -50.36 6.59 -12.65
N GLN B 488 -50.21 7.85 -12.21
CA GLN B 488 -49.80 8.21 -10.85
C GLN B 488 -49.06 7.10 -10.09
N GLU B 516 -48.92 -0.89 -3.84
CA GLU B 516 -48.24 -2.09 -4.43
C GLU B 516 -48.27 -3.29 -3.48
N HIS B 517 -49.35 -3.44 -2.70
CA HIS B 517 -49.44 -4.53 -1.71
C HIS B 517 -50.86 -5.09 -1.71
N HIS B 518 -51.12 -6.04 -2.61
CA HIS B 518 -52.40 -6.73 -2.56
C HIS B 518 -52.48 -7.68 -1.38
N HIS B 519 -51.33 -8.15 -0.90
CA HIS B 519 -51.30 -9.10 0.20
C HIS B 519 -51.44 -8.43 1.57
N HIS B 520 -51.46 -7.10 1.63
CA HIS B 520 -51.75 -6.40 2.87
C HIS B 520 -53.26 -6.17 3.01
N SER C 5 41.99 8.27 -18.68
CA SER C 5 43.17 7.71 -18.02
C SER C 5 43.11 6.18 -17.98
N ILE C 6 41.97 5.61 -18.35
CA ILE C 6 41.80 4.17 -18.51
C ILE C 6 41.55 3.89 -19.98
N THR C 7 42.36 2.98 -20.54
CA THR C 7 42.27 2.66 -21.96
C THR C 7 41.03 1.84 -22.26
N TYR C 8 40.39 2.14 -23.39
CA TYR C 8 39.21 1.42 -23.85
C TYR C 8 39.54 0.75 -25.17
N ASN C 9 38.99 -0.44 -25.38
CA ASN C 9 39.26 -1.23 -26.57
C ASN C 9 37.95 -1.81 -27.09
N SER C 10 37.89 -2.00 -28.40
CA SER C 10 36.72 -2.63 -29.03
C SER C 10 37.00 -3.04 -30.46
N GLY C 11 36.59 -4.26 -30.83
CA GLY C 11 36.72 -4.71 -32.20
C GLY C 11 35.66 -4.20 -33.14
N THR C 12 34.51 -3.76 -32.61
CA THR C 12 33.36 -3.38 -33.42
C THR C 12 33.08 -1.88 -33.44
N SER C 13 33.65 -1.11 -32.53
CA SER C 13 33.42 0.32 -32.43
C SER C 13 34.74 1.06 -32.52
N GLU C 14 34.84 1.99 -33.47
CA GLU C 14 36.02 2.85 -33.53
C GLU C 14 36.00 3.85 -32.38
N PHE C 15 34.80 4.24 -31.93
CA PHE C 15 34.70 5.20 -30.83
C PHE C 15 35.32 4.65 -29.56
N PHE C 16 35.04 3.40 -29.23
CA PHE C 16 35.56 2.78 -28.01
C PHE C 16 36.90 2.10 -28.23
N ASP C 17 37.43 2.12 -29.45
CA ASP C 17 38.78 1.64 -29.72
C ASP C 17 39.79 2.78 -29.73
N GLY C 18 39.34 4.03 -29.67
CA GLY C 18 40.21 5.18 -29.71
C GLY C 18 40.67 5.59 -28.33
N ASP C 19 40.92 6.88 -28.16
CA ASP C 19 41.41 7.44 -26.90
C ASP C 19 40.27 7.97 -26.03
N VAL C 20 39.23 7.18 -25.83
CA VAL C 20 38.13 7.58 -24.95
C VAL C 20 38.49 7.29 -23.50
N PHE C 21 37.92 8.08 -22.58
CA PHE C 21 37.99 7.80 -21.17
C PHE C 21 36.65 8.14 -20.53
N ALA C 22 36.32 7.45 -19.45
CA ALA C 22 34.99 7.47 -18.89
C ALA C 22 34.94 8.31 -17.63
N ILE C 23 33.96 9.21 -17.56
CA ILE C 23 33.73 10.09 -16.42
C ILE C 23 32.37 9.77 -15.82
N GLU C 24 32.31 9.68 -14.49
CA GLU C 24 31.07 9.42 -13.77
C GLU C 24 30.50 10.76 -13.33
N VAL C 25 29.25 11.03 -13.73
CA VAL C 25 28.57 12.28 -13.43
C VAL C 25 27.16 11.96 -12.97
N THR C 26 26.73 12.59 -11.87
CA THR C 26 25.39 12.47 -11.34
C THR C 26 24.66 13.79 -11.49
N ALA C 27 23.47 13.76 -12.09
CA ALA C 27 22.62 14.95 -12.23
C ALA C 27 21.94 15.23 -10.90
N ASP C 28 22.59 16.06 -10.08
CA ASP C 28 22.20 16.24 -8.68
C ASP C 28 21.94 17.70 -8.33
N GLN C 29 21.60 18.53 -9.30
CA GLN C 29 21.35 19.96 -9.12
C GLN C 29 22.61 20.76 -8.80
N SER C 30 23.81 20.17 -8.94
CA SER C 30 25.02 20.91 -8.66
C SER C 30 25.35 21.86 -9.81
N THR C 31 26.38 22.68 -9.59
CA THR C 31 26.84 23.63 -10.60
C THR C 31 27.97 23.08 -11.46
N ASP C 32 28.37 21.82 -11.25
CA ASP C 32 29.54 21.28 -11.89
C ASP C 32 29.45 21.38 -13.41
N GLU C 33 30.53 21.84 -14.03
CA GLU C 33 30.69 21.86 -15.48
C GLU C 33 31.90 21.03 -15.85
N ILE C 34 31.74 20.13 -16.81
CA ILE C 34 32.82 19.26 -17.26
C ILE C 34 33.52 19.97 -18.42
N ASP C 35 34.72 20.48 -18.16
CA ASP C 35 35.48 21.22 -19.16
C ASP C 35 36.32 20.22 -19.96
N ILE C 36 36.18 20.25 -21.28
CA ILE C 36 36.88 19.33 -22.17
C ILE C 36 38.01 20.09 -22.83
N TYR C 37 39.22 19.53 -22.77
CA TYR C 37 40.39 20.12 -23.40
C TYR C 37 40.93 19.13 -24.42
N LEU C 38 41.15 19.62 -25.64
CA LEU C 38 41.65 18.80 -26.73
C LEU C 38 43.17 18.91 -26.75
N GLY C 39 43.85 17.85 -26.34
CA GLY C 39 45.29 17.86 -26.25
C GLY C 39 45.80 18.66 -25.07
N GLN C 53 39.81 26.37 -27.18
CA GLN C 53 39.27 25.07 -26.82
C GLN C 53 38.32 25.18 -25.62
N ASP C 54 37.20 25.86 -25.82
CA ASP C 54 36.25 26.15 -24.75
C ASP C 54 35.00 25.29 -24.96
N LEU C 55 35.04 24.07 -24.43
CA LEU C 55 33.88 23.18 -24.44
C LEU C 55 33.60 22.70 -23.03
N SER C 56 32.33 22.75 -22.63
CA SER C 56 31.91 22.28 -21.32
C SER C 56 30.60 21.53 -21.45
N ILE C 57 30.45 20.47 -20.65
CA ILE C 57 29.22 19.70 -20.59
C ILE C 57 28.59 19.92 -19.22
N GLU C 58 27.27 20.07 -19.20
CA GLU C 58 26.56 20.34 -17.96
C GLU C 58 25.14 19.77 -18.02
N PHE C 59 24.65 19.36 -16.86
CA PHE C 59 23.25 18.98 -16.68
C PHE C 59 22.48 20.18 -16.14
N THR C 60 21.42 20.57 -16.84
CA THR C 60 20.69 21.80 -16.53
C THR C 60 19.35 21.54 -15.86
N HIS C 61 18.46 20.79 -16.51
CA HIS C 61 17.08 20.62 -16.06
C HIS C 61 16.77 19.16 -15.84
N GLN C 62 16.10 18.87 -14.72
CA GLN C 62 15.73 17.53 -14.33
C GLN C 62 14.27 17.51 -13.89
N ASP C 63 13.65 16.35 -14.00
CA ASP C 63 12.26 16.20 -13.58
C ASP C 63 12.00 14.75 -13.22
N SER C 64 11.15 14.55 -12.22
CA SER C 64 10.66 13.24 -11.82
C SER C 64 9.16 13.16 -12.11
N LYS C 65 8.74 12.07 -12.73
CA LYS C 65 7.33 11.81 -13.00
C LYS C 65 6.97 10.41 -12.52
N LEU C 66 5.73 10.24 -12.10
CA LEU C 66 5.20 8.93 -11.76
C LEU C 66 4.12 8.60 -12.77
N LYS C 67 4.26 7.44 -13.43
CA LYS C 67 3.31 6.98 -14.43
C LYS C 67 2.48 5.87 -13.80
N TYR C 68 1.16 6.03 -13.79
CA TYR C 68 0.22 5.11 -13.16
C TYR C 68 -0.50 4.26 -14.20
N SER C 69 -1.10 3.17 -13.73
CA SER C 69 -1.98 2.34 -14.55
C SER C 69 -3.14 1.89 -13.68
N THR C 70 -4.09 1.18 -14.30
CA THR C 70 -5.26 0.70 -13.59
C THR C 70 -5.47 -0.78 -13.89
N SER C 71 -6.27 -1.43 -13.04
CA SER C 71 -6.57 -2.85 -13.20
C SER C 71 -8.03 -3.09 -12.83
N THR C 72 -8.80 -3.68 -13.76
CA THR C 72 -10.18 -4.07 -13.47
C THR C 72 -10.21 -5.48 -12.88
N SER C 73 -11.40 -5.88 -12.43
CA SER C 73 -11.57 -7.19 -11.82
C SER C 73 -13.06 -7.46 -11.64
N ASP C 74 -13.42 -8.75 -11.71
CA ASP C 74 -14.80 -9.15 -11.45
C ASP C 74 -15.25 -8.73 -10.06
N GLU C 75 -14.32 -8.73 -9.10
CA GLU C 75 -14.66 -8.30 -7.74
C GLU C 75 -15.12 -6.85 -7.70
N LEU C 76 -14.63 -6.03 -8.63
CA LEU C 76 -14.97 -4.60 -8.67
C LEU C 76 -16.16 -4.40 -9.61
N ARG C 77 -17.35 -4.67 -9.08
CA ARG C 77 -18.56 -4.56 -9.89
C ARG C 77 -18.84 -3.09 -10.23
N ASP C 78 -19.58 -2.92 -11.32
CA ASP C 78 -19.95 -1.58 -11.79
C ASP C 78 -20.74 -0.85 -10.72
N ILE C 79 -20.67 0.48 -10.76
CA ILE C 79 -21.49 1.34 -9.90
C ILE C 79 -22.76 1.66 -10.68
N VAL C 80 -23.90 1.19 -10.17
CA VAL C 80 -25.17 1.39 -10.84
C VAL C 80 -26.14 2.03 -9.86
N THR C 81 -27.11 2.76 -10.42
CA THR C 81 -28.28 3.22 -9.71
C THR C 81 -29.45 2.30 -10.02
N LEU C 82 -30.40 2.22 -9.09
CA LEU C 82 -31.51 1.28 -9.20
C LEU C 82 -32.85 1.99 -8.98
N THR C 83 -33.89 1.41 -9.55
CA THR C 83 -35.26 1.71 -9.22
C THR C 83 -35.94 0.44 -8.73
N THR C 84 -37.11 0.60 -8.12
CA THR C 84 -37.92 -0.54 -7.76
C THR C 84 -38.68 -1.05 -8.98
N TYR C 85 -38.96 -2.34 -8.98
CA TYR C 85 -39.79 -2.97 -10.00
C TYR C 85 -40.85 -3.82 -9.30
N TYR C 86 -42.12 -3.51 -9.58
CA TYR C 86 -43.25 -4.26 -9.04
C TYR C 86 -44.15 -4.70 -10.18
N GLU C 87 -44.66 -5.93 -10.08
CA GLU C 87 -45.71 -6.40 -10.98
C GLU C 87 -46.55 -7.44 -10.27
N ASP C 88 -47.82 -7.51 -10.64
CA ASP C 88 -48.76 -8.48 -10.06
C ASP C 88 -49.36 -9.33 -11.17
N GLY C 89 -50.36 -10.13 -10.80
CA GLY C 89 -51.09 -10.94 -11.75
C GLY C 89 -50.48 -12.29 -12.06
N PHE C 90 -49.37 -12.65 -11.42
CA PHE C 90 -48.77 -13.95 -11.67
C PHE C 90 -49.68 -15.04 -11.12
N ASP C 91 -49.90 -16.09 -11.92
CA ASP C 91 -50.87 -17.12 -11.58
C ASP C 91 -50.37 -18.07 -10.51
N THR C 92 -49.09 -18.44 -10.55
CA THR C 92 -48.53 -19.42 -9.63
C THR C 92 -47.22 -18.93 -9.04
N GLU C 93 -46.82 -19.57 -7.95
CA GLU C 93 -45.55 -19.26 -7.31
C GLU C 93 -44.40 -19.45 -8.30
N GLN C 94 -44.47 -20.52 -9.11
CA GLN C 94 -43.43 -20.77 -10.09
C GLN C 94 -43.39 -19.66 -11.14
N ASP C 95 -44.55 -19.16 -11.56
CA ASP C 95 -44.57 -18.05 -12.51
C ASP C 95 -43.82 -16.86 -11.95
N ALA C 96 -44.09 -16.51 -10.69
CA ALA C 96 -43.41 -15.38 -10.07
C ALA C 96 -41.91 -15.63 -9.95
N ILE C 97 -41.53 -16.85 -9.57
CA ILE C 97 -40.10 -17.16 -9.45
C ILE C 97 -39.40 -17.00 -10.78
N ASP C 98 -40.01 -17.53 -11.85
CA ASP C 98 -39.41 -17.42 -13.17
C ASP C 98 -39.30 -15.96 -13.61
N ALA C 99 -40.36 -15.18 -13.36
CA ALA C 99 -40.31 -13.77 -13.75
C ALA C 99 -39.22 -13.02 -12.99
N ILE C 100 -39.05 -13.32 -11.70
CA ILE C 100 -37.99 -12.68 -10.93
C ILE C 100 -36.63 -13.06 -11.52
N LYS C 101 -36.42 -14.34 -11.79
CA LYS C 101 -35.12 -14.77 -12.29
C LYS C 101 -34.81 -14.14 -13.64
N SER C 102 -35.83 -13.90 -14.47
CA SER C 102 -35.60 -13.42 -15.82
C SER C 102 -35.52 -11.90 -15.94
N ASP C 103 -36.37 -11.16 -15.21
CA ASP C 103 -36.60 -9.75 -15.50
C ASP C 103 -36.11 -8.80 -14.40
N CYS C 104 -35.58 -9.31 -13.29
CA CYS C 104 -35.17 -8.48 -12.18
C CYS C 104 -33.65 -8.36 -12.11
N TYR C 105 -33.18 -7.26 -11.53
CA TYR C 105 -31.74 -7.02 -11.42
C TYR C 105 -31.11 -8.09 -10.54
N ASP C 106 -29.91 -8.53 -10.94
CA ASP C 106 -29.16 -9.58 -10.25
C ASP C 106 -28.29 -8.92 -9.18
N LEU C 107 -28.82 -8.83 -7.97
CA LEU C 107 -28.12 -8.12 -6.90
C LEU C 107 -26.82 -8.84 -6.52
N ASN C 108 -26.86 -10.15 -6.40
CA ASN C 108 -25.72 -10.92 -5.89
C ASN C 108 -24.82 -11.46 -7.00
N GLN C 109 -25.07 -11.06 -8.26
CA GLN C 109 -24.22 -11.45 -9.38
C GLN C 109 -24.10 -12.97 -9.47
N ASN C 110 -25.24 -13.66 -9.40
CA ASN C 110 -25.25 -15.11 -9.53
C ASN C 110 -25.88 -15.57 -10.83
N GLY C 111 -26.10 -14.65 -11.78
CA GLY C 111 -26.64 -14.97 -13.08
C GLY C 111 -28.14 -14.83 -13.21
N ASN C 112 -28.88 -14.77 -12.10
CA ASN C 112 -30.33 -14.67 -12.11
C ASN C 112 -30.78 -13.44 -11.34
N GLY C 113 -31.91 -12.87 -11.79
CA GLY C 113 -32.49 -11.74 -11.09
C GLY C 113 -32.83 -12.08 -9.65
N SER C 114 -32.77 -11.05 -8.80
CA SER C 114 -33.06 -11.17 -7.38
C SER C 114 -34.36 -10.46 -7.07
N GLY C 115 -35.16 -11.02 -6.17
CA GLY C 115 -36.41 -10.39 -5.80
C GLY C 115 -37.20 -11.22 -4.80
N ARG C 116 -38.26 -10.60 -4.30
CA ARG C 116 -39.19 -11.20 -3.35
C ARG C 116 -40.55 -11.30 -4.01
N TYR C 117 -41.37 -12.23 -3.52
CA TYR C 117 -42.73 -12.37 -4.02
C TYR C 117 -43.69 -12.62 -2.87
N SER C 118 -44.94 -12.18 -3.06
CA SER C 118 -46.00 -12.34 -2.09
C SER C 118 -47.25 -12.86 -2.80
N ARG C 119 -47.94 -13.77 -2.15
CA ARG C 119 -49.22 -14.26 -2.64
C ARG C 119 -50.36 -13.41 -2.09
N TYR C 120 -51.41 -13.29 -2.89
CA TYR C 120 -52.61 -12.61 -2.45
C TYR C 120 -53.83 -13.37 -2.95
N TYR C 121 -54.89 -13.34 -2.15
CA TYR C 121 -56.08 -14.11 -2.47
C TYR C 121 -56.69 -13.63 -3.78
N SER C 122 -56.99 -14.58 -4.66
CA SER C 122 -57.51 -14.27 -5.99
C SER C 122 -58.73 -15.13 -6.28
N VAL C 123 -59.89 -14.49 -6.42
CA VAL C 123 -61.10 -15.22 -6.81
C VAL C 123 -61.01 -15.66 -8.27
N THR C 124 -60.45 -14.80 -9.13
CA THR C 124 -60.45 -15.07 -10.56
C THR C 124 -59.44 -16.17 -10.95
N SER C 125 -58.31 -16.24 -10.25
CA SER C 125 -57.31 -17.27 -10.49
C SER C 125 -56.99 -17.92 -9.16
N PRO C 126 -57.91 -18.71 -8.62
CA PRO C 126 -57.72 -19.27 -7.28
C PRO C 126 -56.66 -20.37 -7.30
N VAL C 127 -56.11 -20.64 -6.12
CA VAL C 127 -56.43 -19.97 -4.87
C VAL C 127 -55.74 -18.61 -4.75
N TYR C 128 -54.53 -18.49 -5.33
CA TYR C 128 -53.74 -17.28 -5.16
C TYR C 128 -53.22 -16.77 -6.50
N ASP C 129 -52.99 -15.46 -6.56
CA ASP C 129 -52.06 -14.84 -7.48
C ASP C 129 -50.88 -14.30 -6.68
N TYR C 130 -49.87 -13.80 -7.39
CA TYR C 130 -48.60 -13.43 -6.75
C TYR C 130 -48.09 -12.09 -7.26
N GLU C 131 -47.52 -11.32 -6.33
CA GLU C 131 -46.79 -10.09 -6.62
C GLU C 131 -45.29 -10.34 -6.50
N ILE C 132 -44.50 -9.50 -7.16
CA ILE C 132 -43.05 -9.57 -7.08
C ILE C 132 -42.50 -8.19 -6.72
N TYR C 133 -41.46 -8.19 -5.89
CA TYR C 133 -40.77 -6.98 -5.47
C TYR C 133 -39.31 -7.09 -5.87
N CYS C 134 -38.86 -6.18 -6.72
CA CYS C 134 -37.57 -6.28 -7.38
C CYS C 134 -36.93 -4.90 -7.50
N PHE C 135 -35.66 -4.92 -7.86
CA PHE C 135 -34.96 -3.74 -8.37
C PHE C 135 -34.78 -3.85 -9.87
N GLN C 136 -34.55 -2.71 -10.50
CA GLN C 136 -34.19 -2.62 -11.91
C GLN C 136 -33.11 -1.56 -12.06
N LYS C 137 -32.10 -1.87 -12.87
CA LYS C 137 -31.01 -0.93 -13.08
C LYS C 137 -31.50 0.29 -13.85
N ASN C 138 -31.12 1.48 -13.37
CA ASN C 138 -31.40 2.69 -14.13
C ASN C 138 -30.20 3.08 -14.99
N GLU C 139 -29.06 3.37 -14.35
CA GLU C 139 -27.88 3.83 -15.07
C GLU C 139 -26.63 3.20 -14.48
N LYS C 140 -25.60 3.08 -15.29
CA LYS C 140 -24.28 2.72 -14.83
C LYS C 140 -23.49 4.01 -14.64
N LEU C 141 -23.11 4.29 -13.40
CA LEU C 141 -22.40 5.54 -13.13
C LEU C 141 -20.92 5.44 -13.48
N ALA C 142 -20.30 4.29 -13.26
CA ALA C 142 -18.88 4.13 -13.56
C ALA C 142 -18.50 2.66 -13.48
N THR C 143 -17.43 2.33 -14.18
CA THR C 143 -16.75 1.05 -14.05
C THR C 143 -15.52 1.25 -13.18
N PRO C 144 -15.43 0.65 -12.01
CA PRO C 144 -14.28 0.89 -11.13
C PRO C 144 -13.07 0.07 -11.53
N ALA C 145 -11.89 0.55 -11.10
CA ALA C 145 -10.64 -0.15 -11.34
C ALA C 145 -9.65 0.20 -10.24
N TYR C 146 -8.79 -0.77 -9.90
CA TYR C 146 -7.67 -0.48 -9.01
C TYR C 146 -6.71 0.49 -9.68
N ILE C 147 -5.96 1.23 -8.86
CA ILE C 147 -4.87 2.07 -9.34
C ILE C 147 -3.56 1.40 -8.94
N ASP C 148 -2.71 1.13 -9.94
CA ASP C 148 -1.51 0.34 -9.71
C ASP C 148 -0.36 1.19 -9.19
N ASN C 149 0.65 0.51 -8.65
CA ASN C 149 1.87 1.21 -8.28
C ASN C 149 2.50 1.83 -9.53
N PRO C 150 3.02 3.03 -9.44
CA PRO C 150 3.56 3.71 -10.63
C PRO C 150 5.01 3.35 -10.89
N ASP C 151 5.39 3.48 -12.16
CA ASP C 151 6.79 3.51 -12.54
C ASP C 151 7.32 4.93 -12.35
N GLU C 152 8.56 5.06 -11.90
CA GLU C 152 9.18 6.37 -11.69
C GLU C 152 10.04 6.70 -12.91
N ILE C 153 9.72 7.80 -13.56
CA ILE C 153 10.40 8.24 -14.78
C ILE C 153 11.21 9.49 -14.45
N PHE C 154 12.44 9.55 -14.95
CA PHE C 154 13.28 10.72 -14.82
C PHE C 154 13.56 11.29 -16.19
N THR C 155 13.80 12.60 -16.23
CA THR C 155 14.40 13.25 -17.38
C THR C 155 15.55 14.10 -16.89
N ALA C 156 16.61 14.16 -17.68
CA ALA C 156 17.76 14.98 -17.34
C ALA C 156 18.34 15.52 -18.63
N LYS C 157 18.48 16.83 -18.71
CA LYS C 157 18.96 17.50 -19.92
C LYS C 157 20.45 17.79 -19.78
N ALA C 158 21.23 17.36 -20.75
CA ALA C 158 22.65 17.65 -20.81
C ALA C 158 22.90 18.65 -21.92
N GLU C 159 23.72 19.65 -21.63
CA GLU C 159 24.02 20.73 -22.58
C GLU C 159 25.51 20.80 -22.83
N LEU C 160 25.85 21.08 -24.10
CA LEU C 160 27.22 21.30 -24.54
C LEU C 160 27.35 22.78 -24.87
N GLN C 161 28.32 23.46 -24.25
CA GLN C 161 28.47 24.90 -24.41
C GLN C 161 29.81 25.23 -25.05
N ALA C 162 29.76 26.03 -26.11
CA ALA C 162 30.94 26.69 -26.66
C ALA C 162 30.97 28.09 -26.05
N GLY C 163 31.99 28.37 -25.25
CA GLY C 163 32.01 29.63 -24.53
C GLY C 163 30.88 29.67 -23.52
N ASP C 164 30.06 30.72 -23.57
CA ASP C 164 28.89 30.84 -22.71
C ASP C 164 27.60 30.40 -23.37
N LYS C 165 27.65 29.97 -24.63
CA LYS C 165 26.44 29.60 -25.38
C LYS C 165 26.35 28.09 -25.55
N THR C 166 25.13 27.57 -25.39
CA THR C 166 24.84 26.16 -25.60
C THR C 166 24.73 25.85 -27.08
N ILE C 167 25.53 24.90 -27.55
CA ILE C 167 25.56 24.55 -28.97
C ILE C 167 24.81 23.25 -29.26
N GLN C 168 24.63 22.37 -28.27
CA GLN C 168 23.91 21.12 -28.46
C GLN C 168 23.28 20.71 -27.13
N SER C 169 22.09 20.11 -27.21
CA SER C 169 21.38 19.62 -26.04
C SER C 169 20.92 18.18 -26.28
N ALA C 170 20.85 17.43 -25.19
CA ALA C 170 20.30 16.08 -25.22
C ALA C 170 19.55 15.84 -23.92
N THR C 171 18.43 15.15 -24.01
CA THR C 171 17.64 14.79 -22.85
C THR C 171 17.67 13.29 -22.67
N LEU C 172 18.08 12.84 -21.50
CA LEU C 172 18.11 11.42 -21.19
C LEU C 172 16.94 11.09 -20.28
N SER C 173 16.44 9.85 -20.43
CA SER C 173 15.29 9.42 -19.65
C SER C 173 15.19 7.91 -19.69
N ASN C 174 14.57 7.35 -18.65
CA ASN C 174 14.20 5.95 -18.64
C ASN C 174 12.78 5.73 -19.17
N GLY C 175 12.12 6.79 -19.62
CA GLY C 175 10.83 6.68 -20.26
C GLY C 175 10.85 7.04 -21.72
N ASP C 176 9.80 7.71 -22.19
CA ASP C 176 9.60 7.99 -23.60
C ASP C 176 10.16 9.33 -24.04
N ALA C 177 10.49 10.22 -23.12
CA ALA C 177 11.02 11.52 -23.48
C ALA C 177 12.46 11.41 -23.98
N GLY C 178 12.92 12.47 -24.63
CA GLY C 178 14.32 12.56 -24.97
C GLY C 178 14.79 11.46 -25.90
N ASP C 179 16.09 11.20 -25.82
CA ASP C 179 16.76 10.22 -26.65
C ASP C 179 16.86 8.85 -25.97
N GLY C 180 16.41 8.73 -24.73
CA GLY C 180 16.46 7.47 -24.00
C GLY C 180 17.59 7.43 -22.99
N THR C 181 18.09 6.23 -22.71
CA THR C 181 19.10 6.02 -21.69
C THR C 181 20.52 6.24 -22.20
N VAL C 182 20.73 6.26 -23.52
CA VAL C 182 22.04 6.48 -24.12
C VAL C 182 21.88 7.40 -25.32
N THR C 183 22.76 8.38 -25.44
CA THR C 183 22.68 9.31 -26.55
C THR C 183 24.05 9.91 -26.82
N ASP C 184 24.21 10.43 -28.03
CA ASP C 184 25.42 11.15 -28.39
C ASP C 184 25.21 12.63 -28.12
N LEU C 185 26.27 13.28 -27.61
CA LEU C 185 26.27 14.72 -27.37
C LEU C 185 27.58 15.26 -27.90
N GLY C 186 27.55 15.82 -29.11
CA GLY C 186 28.80 16.19 -29.76
C GLY C 186 29.64 14.95 -30.01
N ASP C 187 30.92 15.04 -29.68
CA ASP C 187 31.84 13.92 -29.82
C ASP C 187 31.83 12.99 -28.61
N SER C 188 31.05 13.32 -27.58
CA SER C 188 30.95 12.51 -26.37
C SER C 188 29.71 11.63 -26.41
N LYS C 189 29.63 10.73 -25.44
CA LYS C 189 28.50 9.82 -25.27
C LYS C 189 28.11 9.81 -23.80
N ILE C 190 26.80 9.78 -23.54
CA ILE C 190 26.25 9.78 -22.19
C ILE C 190 25.42 8.52 -22.01
N SER C 191 25.66 7.80 -20.92
CA SER C 191 25.01 6.51 -20.66
C SER C 191 24.46 6.48 -19.23
N TRP C 192 23.16 6.22 -19.11
CA TRP C 192 22.51 6.12 -17.81
C TRP C 192 22.97 4.87 -17.07
N ASN C 193 23.29 5.01 -15.78
CA ASN C 193 23.69 3.89 -14.95
C ASN C 193 22.66 3.50 -13.91
N GLY C 194 21.60 4.26 -13.75
CA GLY C 194 20.66 4.09 -12.66
C GLY C 194 20.57 5.34 -11.79
N ASN C 195 19.64 5.29 -10.85
CA ASN C 195 19.28 6.43 -10.04
C ASN C 195 19.67 6.22 -8.59
N LEU C 196 20.12 7.30 -7.96
CA LEU C 196 20.34 7.33 -6.52
C LEU C 196 19.09 7.92 -5.85
N ASP C 197 18.71 7.31 -4.73
CA ASP C 197 17.45 7.64 -4.07
C ASP C 197 17.63 8.79 -3.09
N LEU C 198 16.61 9.65 -3.01
CA LEU C 198 16.62 10.79 -2.10
C LEU C 198 15.82 10.54 -0.82
N GLY C 199 15.00 9.50 -0.77
CA GLY C 199 14.20 9.21 0.39
C GLY C 199 12.82 9.85 0.41
N ALA C 200 12.49 10.68 -0.57
CA ALA C 200 11.17 11.29 -0.63
C ALA C 200 10.09 10.24 -0.91
N SER C 201 8.89 10.51 -0.40
CA SER C 201 7.78 9.55 -0.49
C SER C 201 6.98 9.75 -1.78
N GLU C 202 6.25 8.71 -2.15
CA GLU C 202 5.27 8.74 -3.24
C GLU C 202 3.86 8.75 -2.67
N PRO C 203 2.86 9.13 -3.45
CA PRO C 203 1.47 9.09 -2.96
C PRO C 203 1.00 7.66 -2.73
N GLU C 204 0.01 7.53 -1.85
CA GLU C 204 -0.57 6.22 -1.51
C GLU C 204 -1.72 5.92 -2.46
N ASN C 205 -1.50 4.98 -3.38
CA ASN C 205 -2.50 4.60 -4.38
C ASN C 205 -3.60 3.71 -3.82
N SER C 206 -3.39 3.11 -2.64
CA SER C 206 -4.32 2.14 -2.09
C SER C 206 -5.59 2.77 -1.52
N ARG C 207 -5.58 4.08 -1.25
CA ARG C 207 -6.76 4.79 -0.74
C ARG C 207 -7.74 5.17 -1.83
N VAL C 208 -7.36 5.02 -3.09
CA VAL C 208 -8.14 5.55 -4.19
C VAL C 208 -8.43 4.47 -5.21
N ILE C 209 -9.38 4.76 -6.09
CA ILE C 209 -9.77 3.88 -7.17
C ILE C 209 -10.03 4.74 -8.40
N ALA C 210 -9.90 4.12 -9.56
CA ALA C 210 -10.26 4.78 -10.80
C ALA C 210 -11.72 4.49 -11.10
N LEU C 211 -12.41 5.50 -11.63
CA LEU C 211 -13.82 5.40 -11.98
C LEU C 211 -13.94 5.79 -13.45
N TYR C 212 -14.25 4.81 -14.29
CA TYR C 212 -14.28 5.02 -15.73
C TYR C 212 -15.69 5.35 -16.19
N SER C 213 -15.84 6.49 -16.84
CA SER C 213 -17.09 6.87 -17.50
C SER C 213 -16.80 8.02 -18.46
N ASN C 214 -17.49 8.01 -19.60
CA ASN C 214 -17.38 9.10 -20.56
C ASN C 214 -17.95 10.40 -20.02
N ASP C 215 -18.67 10.35 -18.89
CA ASP C 215 -19.11 11.57 -18.22
C ASP C 215 -17.95 12.32 -17.55
N PHE C 216 -16.82 11.65 -17.37
CA PHE C 216 -15.70 12.21 -16.62
C PHE C 216 -14.63 12.71 -17.58
N GLU C 217 -13.92 13.75 -17.14
CA GLU C 217 -12.86 14.33 -17.96
C GLU C 217 -11.80 13.29 -18.27
N ASN C 218 -11.49 13.15 -19.56
CA ASN C 218 -10.56 12.16 -20.10
C ASN C 218 -11.06 10.73 -19.94
N GLY C 219 -12.30 10.53 -19.51
CA GLY C 219 -12.87 9.20 -19.43
C GLY C 219 -12.77 8.52 -18.09
N TRP C 220 -12.09 9.11 -17.11
CA TRP C 220 -12.07 8.51 -15.78
C TRP C 220 -11.68 9.54 -14.74
N ARG C 221 -11.89 9.15 -13.47
CA ARG C 221 -11.80 10.04 -12.34
C ARG C 221 -11.22 9.27 -11.16
N ILE C 222 -10.61 9.99 -10.23
CA ILE C 222 -10.07 9.38 -9.02
C ILE C 222 -11.15 9.43 -7.94
N GLY C 223 -11.54 8.28 -7.44
CA GLY C 223 -12.53 8.17 -6.39
C GLY C 223 -11.91 7.65 -5.10
N ASN C 224 -12.73 7.71 -4.05
CA ASN C 224 -12.36 7.21 -2.73
C ASN C 224 -12.65 5.72 -2.65
N LYS C 225 -11.64 4.93 -2.26
CA LYS C 225 -11.84 3.49 -2.23
C LYS C 225 -12.84 3.09 -1.15
N GLN C 226 -12.84 3.78 -0.02
CA GLN C 226 -13.77 3.43 1.06
C GLN C 226 -15.22 3.58 0.61
N SER C 227 -15.52 4.67 -0.10
CA SER C 227 -16.88 4.88 -0.57
C SER C 227 -17.30 3.76 -1.51
N TYR C 228 -16.42 3.38 -2.44
CA TYR C 228 -16.77 2.30 -3.34
C TYR C 228 -16.96 0.99 -2.58
N GLU C 229 -16.11 0.72 -1.60
CA GLU C 229 -16.23 -0.52 -0.84
C GLU C 229 -17.59 -0.57 -0.17
N ASP C 230 -18.01 0.54 0.45
CA ASP C 230 -19.30 0.54 1.13
C ASP C 230 -20.44 0.37 0.13
N TYR C 231 -20.34 1.00 -1.05
CA TYR C 231 -21.36 0.78 -2.08
C TYR C 231 -21.46 -0.69 -2.45
N LYS C 232 -20.31 -1.33 -2.69
CA LYS C 232 -20.31 -2.73 -3.10
C LYS C 232 -20.86 -3.62 -2.00
N THR C 233 -20.45 -3.35 -0.75
CA THR C 233 -20.97 -4.08 0.38
C THR C 233 -22.49 -3.96 0.42
N PHE C 234 -23.00 -2.74 0.27
CA PHE C 234 -24.44 -2.52 0.34
C PHE C 234 -25.18 -3.28 -0.75
N ILE C 235 -24.78 -3.09 -2.01
CA ILE C 235 -25.59 -3.61 -3.09
C ILE C 235 -25.50 -5.13 -3.16
N GLY C 236 -24.33 -5.71 -2.90
CA GLY C 236 -24.15 -7.13 -3.12
C GLY C 236 -24.08 -7.97 -1.87
N GLY C 237 -24.08 -7.34 -0.69
CA GLY C 237 -23.89 -8.08 0.54
C GLY C 237 -25.18 -8.44 1.24
N GLY C 238 -26.31 -7.91 0.77
CA GLY C 238 -27.61 -8.26 1.30
C GLY C 238 -28.47 -7.09 1.72
N ASP C 239 -27.87 -5.92 1.97
CA ASP C 239 -28.64 -4.78 2.48
C ASP C 239 -29.67 -4.28 1.46
N ALA C 240 -29.31 -4.25 0.18
CA ALA C 240 -30.31 -3.90 -0.84
C ALA C 240 -31.45 -4.91 -0.87
N TYR C 241 -31.11 -6.20 -0.78
CA TYR C 241 -32.14 -7.23 -0.70
C TYR C 241 -33.03 -7.01 0.51
N ASP C 242 -32.43 -6.61 1.63
CA ASP C 242 -33.23 -6.30 2.81
C ASP C 242 -34.16 -5.13 2.55
N LEU C 243 -33.75 -4.18 1.71
CA LEU C 243 -34.68 -3.11 1.34
C LEU C 243 -35.87 -3.68 0.58
N LEU C 244 -35.63 -4.67 -0.29
CA LEU C 244 -36.77 -5.31 -0.95
C LEU C 244 -37.70 -5.95 0.07
N ILE C 245 -37.14 -6.63 1.06
CA ILE C 245 -37.98 -7.28 2.08
C ILE C 245 -38.77 -6.23 2.85
N ASP C 246 -38.13 -5.12 3.21
CA ASP C 246 -38.80 -4.05 3.95
C ASP C 246 -39.90 -3.41 3.11
N TRP C 247 -39.65 -3.21 1.82
CA TRP C 247 -40.69 -2.68 0.94
C TRP C 247 -41.87 -3.63 0.87
N GLN C 248 -41.59 -4.93 0.75
CA GLN C 248 -42.65 -5.93 0.75
C GLN C 248 -43.44 -5.90 2.05
N ASP C 249 -42.75 -5.69 3.19
CA ASP C 249 -43.38 -5.70 4.50
C ASP C 249 -44.20 -4.45 4.81
N GLY C 250 -44.06 -3.39 4.03
CA GLY C 250 -44.69 -2.13 4.34
C GLY C 250 -43.87 -1.18 5.19
N THR C 251 -42.65 -1.59 5.59
CA THR C 251 -41.79 -0.68 6.35
C THR C 251 -41.47 0.58 5.54
N TYR C 252 -41.24 0.42 4.24
CA TYR C 252 -40.99 1.53 3.33
C TYR C 252 -41.94 1.45 2.15
N THR C 253 -42.18 2.59 1.54
CA THR C 253 -42.81 2.65 0.23
C THR C 253 -41.73 2.58 -0.86
N ALA C 254 -42.18 2.29 -2.08
CA ALA C 254 -41.24 2.27 -3.20
C ALA C 254 -40.59 3.64 -3.38
N SER C 255 -41.37 4.71 -3.25
CA SER C 255 -40.83 6.05 -3.41
C SER C 255 -39.75 6.33 -2.37
N GLU C 256 -39.99 5.93 -1.12
CA GLU C 256 -39.00 6.12 -0.07
C GLU C 256 -37.70 5.39 -0.40
N VAL C 257 -37.80 4.12 -0.79
CA VAL C 257 -36.62 3.34 -1.16
C VAL C 257 -35.84 4.08 -2.24
N GLU C 258 -36.51 4.41 -3.34
CA GLU C 258 -35.83 5.01 -4.48
C GLU C 258 -35.17 6.32 -4.11
N ASP C 259 -35.88 7.18 -3.38
CA ASP C 259 -35.43 8.55 -3.19
C ASP C 259 -34.43 8.71 -2.06
N GLU C 260 -34.47 7.84 -1.05
CA GLU C 260 -33.69 8.07 0.15
C GLU C 260 -32.75 6.94 0.53
N LEU C 261 -32.92 5.73 -0.03
CA LEU C 261 -32.24 4.57 0.53
C LEU C 261 -31.30 3.87 -0.44
N VAL C 262 -31.76 3.56 -1.65
CA VAL C 262 -31.09 2.51 -2.41
C VAL C 262 -29.86 3.02 -3.18
N ASN C 263 -29.86 4.27 -3.62
CA ASN C 263 -28.79 4.81 -4.48
C ASN C 263 -27.83 5.74 -3.75
N THR C 264 -27.98 5.91 -2.43
CA THR C 264 -27.14 6.86 -1.71
C THR C 264 -25.65 6.48 -1.81
N ASP C 265 -25.35 5.20 -1.57
CA ASP C 265 -23.95 4.77 -1.63
C ASP C 265 -23.40 4.89 -3.04
N ALA C 266 -24.21 4.52 -4.04
CA ALA C 266 -23.76 4.62 -5.43
C ALA C 266 -23.40 6.06 -5.78
N ASN C 267 -24.27 7.00 -5.42
CA ASN C 267 -24.00 8.39 -5.77
C ASN C 267 -22.83 8.96 -4.98
N GLN C 268 -22.63 8.51 -3.74
CA GLN C 268 -21.45 8.97 -3.00
C GLN C 268 -20.17 8.40 -3.62
N ALA C 269 -20.21 7.16 -4.10
CA ALA C 269 -18.99 6.50 -4.55
C ALA C 269 -18.37 7.15 -5.77
N VAL C 270 -19.18 7.73 -6.67
CA VAL C 270 -18.61 8.33 -7.88
C VAL C 270 -18.08 9.74 -7.66
N GLU C 271 -18.21 10.29 -6.46
CA GLU C 271 -17.63 11.60 -6.20
C GLU C 271 -16.10 11.51 -6.27
N GLU C 272 -15.48 12.59 -6.73
CA GLU C 272 -14.02 12.63 -6.78
C GLU C 272 -13.45 12.63 -5.38
N ALA C 273 -12.31 11.95 -5.22
CA ALA C 273 -11.63 11.96 -3.93
C ALA C 273 -11.24 13.39 -3.58
N SER C 274 -11.33 13.71 -2.29
CA SER C 274 -10.97 15.03 -1.82
C SER C 274 -9.46 15.22 -1.84
N SER C 275 -9.04 16.49 -1.94
CA SER C 275 -7.60 16.78 -1.97
C SER C 275 -6.93 16.35 -0.68
N SER C 276 -7.64 16.40 0.44
CA SER C 276 -7.07 15.95 1.71
C SER C 276 -6.83 14.44 1.71
N THR C 277 -7.63 13.70 0.94
CA THR C 277 -7.47 12.24 0.92
C THR C 277 -6.19 11.83 0.22
N THR C 278 -5.83 12.50 -0.88
CA THR C 278 -4.75 12.02 -1.74
C THR C 278 -4.02 13.18 -2.40
N ASP C 279 -2.69 13.04 -2.52
CA ASP C 279 -1.91 13.99 -3.29
C ASP C 279 -2.19 13.87 -4.79
N LEU C 280 -2.85 12.80 -5.22
CA LEU C 280 -3.18 12.61 -6.62
C LEU C 280 -4.31 13.52 -7.10
N VAL C 281 -4.95 14.26 -6.20
CA VAL C 281 -5.97 15.23 -6.56
C VAL C 281 -5.51 16.59 -6.06
N ASN C 282 -5.48 17.58 -6.95
CA ASN C 282 -4.89 18.86 -6.64
C ASN C 282 -5.84 19.72 -5.82
N ALA C 283 -5.31 20.27 -4.71
CA ALA C 283 -6.04 21.27 -3.93
C ALA C 283 -6.15 22.57 -4.71
N LYS C 284 -5.01 23.16 -5.04
CA LYS C 284 -4.93 24.40 -5.80
C LYS C 284 -4.84 24.10 -7.29
N VAL C 285 -5.13 25.12 -8.10
CA VAL C 285 -4.99 24.96 -9.54
C VAL C 285 -3.53 24.71 -9.90
N LYS C 286 -2.62 25.43 -9.23
CA LYS C 286 -1.20 25.28 -9.51
C LYS C 286 -0.63 23.96 -8.99
N ASP C 287 -1.26 23.36 -7.99
CA ASP C 287 -0.76 22.12 -7.44
C ASP C 287 -0.89 20.99 -8.46
N SER C 288 0.03 20.03 -8.37
CA SER C 288 0.05 18.90 -9.29
C SER C 288 -0.94 17.82 -8.85
N SER C 289 -1.26 16.94 -9.80
CA SER C 289 -2.19 15.85 -9.57
C SER C 289 -1.97 14.81 -10.64
N LEU C 290 -2.65 13.67 -10.48
CA LEU C 290 -2.59 12.61 -11.49
C LEU C 290 -3.51 12.99 -12.65
N ASP C 291 -2.91 13.38 -13.77
CA ASP C 291 -3.65 13.74 -14.97
C ASP C 291 -4.26 12.48 -15.58
N THR C 292 -5.59 12.39 -15.55
CA THR C 292 -6.26 11.19 -16.06
C THR C 292 -6.16 11.09 -17.59
N GLY C 293 -5.82 12.18 -18.26
CA GLY C 293 -5.61 12.11 -19.70
C GLY C 293 -4.25 11.60 -20.12
N SER C 294 -3.30 11.46 -19.19
CA SER C 294 -1.97 10.98 -19.50
C SER C 294 -1.45 9.95 -18.52
N PHE C 295 -2.16 9.68 -17.42
CA PHE C 295 -1.74 8.74 -16.40
C PHE C 295 -0.45 9.16 -15.70
N VAL C 296 -0.08 10.45 -15.78
CA VAL C 296 1.17 10.95 -15.23
C VAL C 296 0.88 11.85 -14.05
N TYR C 297 1.61 11.66 -12.96
CA TYR C 297 1.64 12.56 -11.82
C TYR C 297 3.02 13.21 -11.79
N ASP C 298 3.07 14.51 -12.05
CA ASP C 298 4.33 15.25 -12.10
C ASP C 298 4.69 15.66 -10.68
N THR C 299 5.57 14.90 -10.04
CA THR C 299 5.89 15.13 -8.65
C THR C 299 6.45 16.54 -8.46
N PRO C 300 6.03 17.27 -7.42
CA PRO C 300 6.55 18.63 -7.24
C PRO C 300 8.04 18.66 -6.89
N GLU C 301 8.62 17.55 -6.45
CA GLU C 301 10.03 17.49 -6.06
C GLU C 301 10.70 16.34 -6.79
N LEU C 302 12.03 16.40 -6.84
CA LEU C 302 12.80 15.30 -7.39
C LEU C 302 12.82 14.13 -6.42
N LEU C 303 12.71 12.92 -6.97
CA LEU C 303 12.68 11.68 -6.18
C LEU C 303 13.99 10.92 -6.20
N SER C 304 14.87 11.20 -7.16
CA SER C 304 16.14 10.49 -7.24
C SER C 304 17.09 11.31 -8.11
N TYR C 305 18.39 11.03 -7.96
CA TYR C 305 19.39 11.61 -8.85
C TYR C 305 19.85 10.56 -9.84
N PRO C 306 19.66 10.75 -11.14
CA PRO C 306 20.19 9.78 -12.11
C PRO C 306 21.69 9.89 -12.24
N SER C 307 22.35 8.75 -12.40
CA SER C 307 23.79 8.67 -12.53
C SER C 307 24.16 8.33 -13.96
N PHE C 308 25.19 8.99 -14.48
CA PHE C 308 25.60 8.81 -15.87
C PHE C 308 27.09 8.58 -15.97
N THR C 309 27.48 7.83 -16.99
CA THR C 309 28.86 7.74 -17.43
C THR C 309 28.99 8.59 -18.69
N VAL C 310 29.95 9.51 -18.69
CA VAL C 310 30.24 10.34 -19.84
C VAL C 310 31.52 9.83 -20.48
N TYR C 311 31.42 9.33 -21.71
CA TYR C 311 32.57 8.88 -22.47
C TYR C 311 33.06 10.04 -23.33
N VAL C 312 34.24 10.54 -23.02
CA VAL C 312 34.83 11.68 -23.70
C VAL C 312 35.98 11.18 -24.56
N ASP C 313 35.94 11.52 -25.85
CA ASP C 313 37.04 11.27 -26.79
C ASP C 313 37.62 12.63 -27.15
N ALA C 314 38.66 13.02 -26.40
CA ALA C 314 39.32 14.31 -26.59
C ALA C 314 40.71 14.13 -27.18
N GLY C 315 40.90 13.09 -27.99
CA GLY C 315 42.17 12.83 -28.62
C GLY C 315 43.14 12.12 -27.70
N GLU C 316 44.39 12.07 -28.15
CA GLU C 316 45.41 11.32 -27.42
C GLU C 316 45.73 11.96 -26.08
N ASN C 317 45.96 13.28 -26.07
CA ASN C 317 46.33 14.01 -24.85
C ASN C 317 45.16 14.79 -24.27
N GLY C 318 43.93 14.36 -24.52
CA GLY C 318 42.78 15.09 -24.01
C GLY C 318 42.50 14.79 -22.54
N TYR C 319 42.18 15.84 -21.80
CA TYR C 319 41.96 15.74 -20.36
C TYR C 319 40.72 16.54 -19.98
N ILE C 320 40.35 16.43 -18.71
CA ILE C 320 39.15 17.05 -18.16
C ILE C 320 39.51 17.91 -16.97
N GLU C 321 38.74 18.99 -16.78
CA GLU C 321 38.74 19.75 -15.54
C GLU C 321 37.28 19.96 -15.13
N VAL C 322 37.07 20.37 -13.90
CA VAL C 322 35.74 20.68 -13.39
C VAL C 322 35.72 22.12 -12.94
N THR C 323 34.72 22.87 -13.41
CA THR C 323 34.44 24.22 -12.95
C THR C 323 33.19 24.17 -12.07
N LYS C 324 33.31 24.67 -10.85
CA LYS C 324 32.24 24.62 -9.85
C LYS C 324 31.92 26.02 -9.36
N PRO C 325 30.94 26.69 -9.95
CA PRO C 325 30.47 27.96 -9.38
C PRO C 325 29.83 27.75 -8.02
N THR C 326 29.88 28.79 -7.20
CA THR C 326 29.22 28.81 -5.90
C THR C 326 28.45 30.11 -5.76
N GLY C 327 27.40 30.07 -4.94
CA GLY C 327 26.54 31.22 -4.72
C GLY C 327 26.48 31.62 -3.26
N ASP C 328 25.52 32.49 -2.92
CA ASP C 328 25.36 32.97 -1.55
C ASP C 328 23.88 33.02 -1.18
N PRO C 329 23.41 32.16 -0.29
CA PRO C 329 21.98 32.15 0.04
C PRO C 329 21.58 33.33 0.91
N ASP C 330 20.46 33.94 0.57
CA ASP C 330 19.86 35.00 1.36
C ASP C 330 18.37 34.72 1.47
N ILE C 331 17.89 34.47 2.69
CA ILE C 331 16.48 34.27 2.91
C ILE C 331 15.77 35.61 2.78
N ILE C 332 14.75 35.67 1.93
CA ILE C 332 14.05 36.91 1.64
C ILE C 332 12.73 37.02 2.41
N SER C 333 12.07 35.89 2.61
CA SER C 333 10.78 35.90 3.28
C SER C 333 10.54 34.50 3.81
N THR C 334 9.57 34.40 4.71
CA THR C 334 9.14 33.12 5.24
C THR C 334 7.63 33.12 5.39
N SER C 335 7.06 31.92 5.46
CA SER C 335 5.62 31.81 5.63
C SER C 335 5.31 30.47 6.27
N SER C 336 4.12 30.40 6.88
CA SER C 336 3.65 29.16 7.48
C SER C 336 2.14 29.16 7.46
N THR C 337 1.58 27.96 7.35
CA THR C 337 0.14 27.75 7.48
C THR C 337 -0.18 27.32 8.90
N GLU C 338 -1.40 27.62 9.33
CA GLU C 338 -1.91 27.04 10.57
C GLU C 338 -1.84 25.52 10.44
N ILE C 339 -1.29 24.87 11.45
CA ILE C 339 -1.17 23.42 11.47
C ILE C 339 -2.29 22.84 12.32
N LYS C 340 -3.17 22.07 11.69
CA LYS C 340 -4.30 21.45 12.36
C LYS C 340 -3.94 20.00 12.71
N GLU C 341 -4.01 19.68 14.00
CA GLU C 341 -3.81 18.32 14.49
C GLU C 341 -4.52 17.30 13.61
N GLY C 342 -3.77 16.35 13.06
CA GLY C 342 -4.28 15.34 12.16
C GLY C 342 -3.91 15.55 10.71
N ASP C 343 -3.47 16.74 10.33
CA ASP C 343 -2.99 17.03 8.98
C ASP C 343 -1.73 17.87 9.08
N GLU C 344 -0.69 17.52 8.33
CA GLU C 344 0.52 18.32 8.36
C GLU C 344 0.28 19.68 7.71
N GLY C 345 0.84 20.72 8.32
CA GLY C 345 0.96 22.01 7.68
C GLY C 345 2.30 22.15 7.01
N THR C 346 2.60 23.36 6.56
CA THR C 346 3.83 23.64 5.84
C THR C 346 4.49 24.91 6.35
N VAL C 347 5.81 24.90 6.36
CA VAL C 347 6.64 26.08 6.59
C VAL C 347 7.45 26.33 5.32
N CYS C 348 7.44 27.57 4.84
CA CYS C 348 8.07 27.91 3.58
C CYS C 348 9.08 29.03 3.76
N ALA C 349 10.07 29.06 2.88
CA ALA C 349 11.06 30.12 2.84
C ALA C 349 11.42 30.41 1.39
N THR C 350 11.57 31.69 1.09
CA THR C 350 12.06 32.14 -0.22
C THR C 350 13.52 32.57 -0.08
N VAL C 351 14.37 32.01 -0.93
CA VAL C 351 15.82 32.22 -0.84
C VAL C 351 16.31 32.83 -2.16
N GLU C 352 17.12 33.87 -2.05
CA GLU C 352 17.75 34.51 -3.20
C GLU C 352 19.24 34.20 -3.20
N ASN C 353 19.78 34.00 -4.39
CA ASN C 353 21.23 33.86 -4.57
C ASN C 353 21.78 35.25 -4.85
N VAL C 354 22.33 35.90 -3.80
CA VAL C 354 22.86 37.24 -3.95
C VAL C 354 24.33 37.26 -4.35
N GLY C 355 24.92 36.09 -4.60
CA GLY C 355 26.27 36.01 -5.09
C GLY C 355 26.35 36.18 -6.60
N ASP C 356 27.58 36.18 -7.09
CA ASP C 356 27.85 36.35 -8.52
C ASP C 356 27.83 35.04 -9.30
N GLY C 357 27.83 33.90 -8.61
CA GLY C 357 27.85 32.62 -9.31
C GLY C 357 26.64 31.75 -9.02
N GLU C 358 26.38 30.81 -9.92
CA GLU C 358 25.30 29.85 -9.74
C GLU C 358 25.50 29.09 -8.43
N GLY C 359 24.39 28.67 -7.82
CA GLY C 359 24.43 28.06 -6.51
C GLY C 359 23.66 26.75 -6.45
N GLU C 360 24.03 25.95 -5.47
CA GLU C 360 23.36 24.68 -5.14
C GLU C 360 22.90 24.80 -3.69
N PHE C 361 21.62 25.08 -3.49
CA PHE C 361 21.09 25.43 -2.18
C PHE C 361 20.19 24.31 -1.68
N SER C 362 20.61 23.70 -0.57
CA SER C 362 19.83 22.66 0.11
C SER C 362 19.04 23.33 1.23
N GLY C 363 17.72 23.40 1.07
CA GLY C 363 16.85 23.90 2.10
C GLY C 363 16.30 22.78 2.97
N ARG C 364 16.05 23.11 4.22
CA ARG C 364 15.48 22.15 5.16
C ARG C 364 14.93 22.90 6.37
N LEU C 365 14.17 22.19 7.18
CA LEU C 365 13.89 22.63 8.53
C LEU C 365 14.88 21.92 9.44
N SER C 366 15.60 22.68 10.27
CA SER C 366 16.60 22.10 11.14
C SER C 366 16.07 21.82 12.54
N SER C 367 14.96 22.46 12.94
CA SER C 367 14.37 22.15 14.24
C SER C 367 12.94 22.67 14.30
N CYS C 368 12.18 22.10 15.22
CA CYS C 368 10.87 22.61 15.59
C CYS C 368 10.70 22.42 17.09
N GLY C 369 10.03 23.36 17.74
CA GLY C 369 9.85 23.30 19.17
C GLY C 369 8.84 22.23 19.56
N GLU C 370 8.61 22.14 20.88
CA GLU C 370 7.81 21.08 21.44
C GLU C 370 6.40 21.08 20.85
N GLY C 371 5.90 19.89 20.54
CA GLY C 371 4.60 19.72 19.92
C GLY C 371 4.62 19.63 18.42
N PHE C 372 5.70 20.11 17.79
CA PHE C 372 5.80 20.17 16.34
C PHE C 372 6.90 19.22 15.89
N SER C 373 6.63 18.49 14.81
CA SER C 373 7.54 17.48 14.31
C SER C 373 7.74 17.71 12.81
N ILE C 374 8.99 17.66 12.39
CA ILE C 374 9.33 17.75 10.97
C ILE C 374 9.05 16.40 10.34
N VAL C 375 8.20 16.37 9.32
CA VAL C 375 7.81 15.13 8.65
C VAL C 375 8.14 15.25 7.16
N ASP C 376 9.26 15.90 6.85
CA ASP C 376 9.69 16.10 5.47
C ASP C 376 11.21 15.95 5.39
N ASP C 377 11.72 15.74 4.18
CA ASP C 377 13.15 15.71 3.93
C ASP C 377 13.58 17.08 3.40
N GLN C 378 14.89 17.23 3.21
CA GLN C 378 15.44 18.44 2.63
C GLN C 378 15.11 18.50 1.14
N ASN C 379 15.33 19.67 0.56
CA ASN C 379 15.22 19.88 -0.88
C ASN C 379 16.42 20.70 -1.35
N THR C 380 17.07 20.23 -2.41
CA THR C 380 18.18 20.92 -3.03
C THR C 380 17.75 21.48 -4.38
N LYS C 381 17.98 22.76 -4.59
CA LYS C 381 17.63 23.44 -5.82
C LYS C 381 18.85 24.16 -6.37
N ASN C 382 18.98 24.17 -7.68
CA ASN C 382 20.01 24.93 -8.37
C ASN C 382 19.46 26.33 -8.64
N VAL C 383 20.15 27.34 -8.13
CA VAL C 383 19.67 28.72 -8.18
C VAL C 383 20.69 29.56 -8.94
N GLY C 384 20.25 30.21 -10.01
CA GLY C 384 21.12 31.11 -10.73
C GLY C 384 21.38 32.39 -9.97
N ALA C 385 22.48 33.04 -10.33
CA ALA C 385 22.84 34.30 -9.68
C ALA C 385 21.73 35.31 -9.87
N GLY C 386 21.31 35.94 -8.77
CA GLY C 386 20.26 36.91 -8.78
C GLY C 386 18.85 36.35 -8.74
N GLU C 387 18.69 35.05 -8.94
CA GLU C 387 17.36 34.44 -8.93
C GLU C 387 16.98 33.95 -7.53
N SER C 388 15.70 33.65 -7.36
CA SER C 388 15.17 33.21 -6.08
C SER C 388 14.33 31.96 -6.28
N VAL C 389 14.28 31.14 -5.23
CA VAL C 389 13.45 29.93 -5.21
C VAL C 389 12.72 29.88 -3.88
N THR C 390 11.67 29.08 -3.83
CA THR C 390 10.86 28.89 -2.63
C THR C 390 10.90 27.44 -2.22
N TYR C 391 11.08 27.21 -0.92
CA TYR C 391 11.08 25.88 -0.33
C TYR C 391 9.81 25.70 0.49
N SER C 392 9.42 24.44 0.68
CA SER C 392 8.23 24.11 1.43
C SER C 392 8.44 22.79 2.15
N PHE C 393 8.14 22.74 3.45
CA PHE C 393 8.38 21.56 4.25
C PHE C 393 7.17 21.25 5.12
N ASP C 394 6.86 19.98 5.25
CA ASP C 394 5.69 19.54 6.00
C ASP C 394 6.00 19.45 7.49
N VAL C 395 5.13 20.02 8.31
CA VAL C 395 5.27 19.99 9.77
C VAL C 395 3.98 19.46 10.37
N ALA C 396 4.10 18.52 11.30
CA ALA C 396 2.98 17.90 11.97
C ALA C 396 2.89 18.40 13.40
N PHE C 397 1.68 18.46 13.93
CA PHE C 397 1.42 18.95 15.28
C PHE C 397 0.59 17.94 16.06
N SER C 398 0.94 17.75 17.32
CA SER C 398 0.22 16.86 18.20
C SER C 398 0.29 17.43 19.62
N SER C 399 -0.76 17.18 20.39
CA SER C 399 -0.87 17.71 21.74
C SER C 399 -1.92 16.93 22.50
N VAL C 400 -1.75 16.85 23.82
CA VAL C 400 -2.75 16.30 24.73
C VAL C 400 -3.22 17.32 25.74
N SER C 401 -2.92 18.60 25.52
CA SER C 401 -3.30 19.63 26.46
C SER C 401 -4.81 19.69 26.61
N SER C 402 -5.28 19.81 27.85
CA SER C 402 -6.69 20.03 28.13
C SER C 402 -7.01 21.50 28.36
N GLU C 403 -6.02 22.38 28.29
CA GLU C 403 -6.18 23.77 28.67
C GLU C 403 -6.21 24.73 27.49
N SER C 404 -5.57 24.39 26.38
CA SER C 404 -5.44 25.29 25.24
C SER C 404 -5.66 24.52 23.95
N LYS C 405 -6.57 25.01 23.12
CA LYS C 405 -6.76 24.41 21.79
C LYS C 405 -5.70 24.89 20.80
N GLU C 406 -5.17 26.09 20.99
CA GLU C 406 -4.13 26.63 20.13
C GLU C 406 -2.82 26.66 20.89
N ILE C 407 -1.77 26.14 20.26
CA ILE C 407 -0.43 26.09 20.84
C ILE C 407 0.53 26.73 19.86
N SER C 408 1.30 27.70 20.32
CA SER C 408 2.26 28.40 19.48
C SER C 408 3.65 27.82 19.64
N GLY C 409 4.41 27.87 18.56
CA GLY C 409 5.77 27.37 18.55
C GLY C 409 6.54 28.00 17.41
N SER C 410 7.73 27.46 17.17
CA SER C 410 8.57 27.98 16.10
C SER C 410 9.34 26.84 15.46
N CYS C 411 9.67 27.00 14.19
CA CYS C 411 10.58 26.11 13.50
C CYS C 411 11.69 26.92 12.86
N THR C 412 12.84 26.29 12.68
CA THR C 412 14.01 26.93 12.11
C THR C 412 14.20 26.43 10.69
N PHE C 413 14.22 27.35 9.74
CA PHE C 413 14.56 27.05 8.35
C PHE C 413 16.03 27.31 8.10
N GLU C 414 16.70 26.35 7.46
CA GLU C 414 18.11 26.45 7.10
C GLU C 414 18.24 26.26 5.60
N VAL C 415 19.10 27.07 4.98
CA VAL C 415 19.48 26.87 3.59
C VAL C 415 21.00 26.83 3.53
N ASN C 416 21.55 25.72 3.04
CA ASN C 416 22.99 25.53 2.97
C ASN C 416 23.43 25.51 1.51
N GLY C 417 24.25 26.48 1.13
CA GLY C 417 25.06 26.37 -0.05
C GLY C 417 26.30 25.52 0.25
N VAL C 418 27.09 25.30 -0.80
CA VAL C 418 28.35 24.57 -0.62
C VAL C 418 29.30 25.38 0.26
N GLU C 419 29.29 26.71 0.12
CA GLU C 419 30.22 27.60 0.81
C GLU C 419 29.63 28.34 2.00
N SER C 420 28.39 28.83 1.89
CA SER C 420 27.77 29.64 2.93
C SER C 420 26.36 29.14 3.22
N SER C 421 25.71 29.78 4.20
CA SER C 421 24.41 29.34 4.67
C SER C 421 23.63 30.54 5.21
N ASP C 422 22.34 30.31 5.42
CA ASP C 422 21.47 31.28 6.08
C ASP C 422 20.41 30.50 6.83
N SER C 423 19.87 31.12 7.87
CA SER C 423 18.85 30.47 8.68
C SER C 423 17.95 31.54 9.28
N THR C 424 16.73 31.13 9.60
CA THR C 424 15.80 32.03 10.26
C THR C 424 14.74 31.18 10.94
N SER C 425 14.08 31.80 11.93
CA SER C 425 13.01 31.17 12.68
C SER C 425 11.66 31.58 12.10
N VAL C 426 10.70 30.67 12.18
CA VAL C 426 9.36 30.89 11.64
C VAL C 426 8.36 30.51 12.72
N SER C 427 7.47 31.44 13.06
CA SER C 427 6.41 31.15 14.00
C SER C 427 5.40 30.18 13.39
N VAL C 428 4.97 29.21 14.19
CA VAL C 428 3.94 28.26 13.78
C VAL C 428 2.89 28.18 14.87
N THR C 429 1.66 27.86 14.46
CA THR C 429 0.53 27.72 15.36
C THR C 429 -0.11 26.36 15.15
N GLY C 430 -0.32 25.62 16.22
CA GLY C 430 -0.97 24.32 16.18
C GLY C 430 -2.36 24.42 16.77
N ILE C 431 -3.32 23.75 16.12
CA ILE C 431 -4.71 23.70 16.57
C ILE C 431 -5.08 22.24 16.80
N GLN C 432 -5.56 21.95 18.01
CA GLN C 432 -5.97 20.60 18.34
C GLN C 432 -7.31 20.23 17.71
N GLN C 433 -7.51 18.93 17.50
CA GLN C 433 -8.85 18.39 17.32
C GLN C 433 -9.66 18.58 18.60
N SER C 434 -10.93 18.92 18.44
CA SER C 434 -11.82 18.98 19.59
C SER C 434 -12.11 17.58 20.11
N GLU C 435 -12.19 17.45 21.43
CA GLU C 435 -12.61 16.20 22.04
C GLU C 435 -14.13 16.10 22.16
N CYS C 436 -14.83 17.23 22.17
CA CYS C 436 -16.28 17.25 22.34
C CYS C 436 -16.80 18.62 21.91
N ASN C 437 -18.11 18.70 21.69
CA ASN C 437 -18.74 19.96 21.33
C ASN C 437 -19.22 20.68 22.58
N PRO C 438 -18.82 21.94 22.80
CA PRO C 438 -19.20 22.61 24.05
C PRO C 438 -20.70 22.61 24.27
N GLY C 439 -21.10 22.30 25.49
CA GLY C 439 -22.49 22.22 25.86
C GLY C 439 -23.05 20.80 25.78
N ASP C 440 -22.47 19.96 24.95
CA ASP C 440 -22.92 18.58 24.88
C ASP C 440 -22.65 17.88 26.19
N GLN C 441 -23.50 16.91 26.51
CA GLN C 441 -23.39 16.15 27.74
C GLN C 441 -23.05 14.71 27.46
N ARG C 442 -22.53 14.04 28.48
CA ARG C 442 -22.09 12.67 28.41
C ARG C 442 -22.55 11.98 29.69
N ARG C 443 -22.74 10.67 29.62
CA ARG C 443 -23.15 9.90 30.78
C ARG C 443 -22.18 8.76 31.01
N GLU C 444 -21.97 8.43 32.28
CA GLU C 444 -21.05 7.38 32.66
C GLU C 444 -21.48 6.83 34.02
N LYS C 445 -21.23 5.56 34.23
CA LYS C 445 -21.47 4.92 35.53
C LYS C 445 -20.16 4.85 36.29
N ASN C 446 -20.17 5.39 37.51
CA ASN C 446 -18.96 5.49 38.31
C ASN C 446 -18.66 4.14 38.98
N GLU C 447 -17.58 4.12 39.75
CA GLU C 447 -17.17 2.90 40.44
C GLU C 447 -18.24 2.44 41.43
N ASN C 448 -19.14 3.33 41.85
CA ASN C 448 -20.20 2.99 42.78
C ASN C 448 -21.50 2.59 42.07
N ASP C 449 -21.42 2.21 40.79
CA ASP C 449 -22.57 1.75 40.02
C ASP C 449 -23.71 2.75 40.06
N ARG C 450 -23.38 4.03 39.88
CA ARG C 450 -24.36 5.10 39.78
C ARG C 450 -24.01 6.01 38.60
N TRP C 451 -25.03 6.55 37.96
CA TRP C 451 -24.84 7.30 36.73
C TRP C 451 -24.45 8.73 37.04
N GLU C 452 -23.51 9.25 36.25
CA GLU C 452 -23.05 10.62 36.36
C GLU C 452 -23.17 11.30 35.00
N ILE C 453 -23.41 12.60 35.04
CA ILE C 453 -23.57 13.42 33.85
C ILE C 453 -22.48 14.49 33.85
N TYR C 454 -21.85 14.67 32.69
CA TYR C 454 -20.81 15.67 32.50
C TYR C 454 -21.13 16.55 31.30
N THR C 455 -20.66 17.79 31.35
CA THR C 455 -20.86 18.75 30.28
C THR C 455 -19.52 19.14 29.67
N CYS C 456 -19.50 19.19 28.35
CA CYS C 456 -18.31 19.61 27.63
C CYS C 456 -18.07 21.10 27.87
N GLN C 457 -16.82 21.46 28.15
CA GLN C 457 -16.48 22.83 28.50
C GLN C 457 -16.35 23.68 27.24
N ASP C 458 -16.16 24.98 27.47
CA ASP C 458 -16.20 25.93 26.35
C ASP C 458 -15.08 25.69 25.36
N ASN C 459 -13.95 25.14 25.81
CA ASN C 459 -12.81 24.92 24.93
C ASN C 459 -12.90 23.64 24.12
N GLY C 460 -13.92 22.82 24.33
CA GLY C 460 -14.10 21.65 23.51
C GLY C 460 -13.06 20.57 23.73
N LEU C 461 -12.43 20.54 24.90
CA LEU C 461 -11.39 19.56 25.19
C LEU C 461 -11.69 18.67 26.39
N THR C 462 -12.56 19.09 27.30
CA THR C 462 -12.79 18.35 28.53
C THR C 462 -14.27 18.38 28.90
N TYR C 463 -14.63 17.46 29.79
CA TYR C 463 -15.95 17.38 30.39
C TYR C 463 -15.84 17.69 31.88
N GLU C 464 -16.83 18.39 32.41
CA GLU C 464 -16.89 18.69 33.83
C GLU C 464 -18.11 18.04 34.48
N TYR C 465 -17.90 17.48 35.67
CA TYR C 465 -18.96 16.82 36.41
C TYR C 465 -20.12 17.77 36.66
N ASP C 466 -21.34 17.27 36.47
CA ASP C 466 -22.56 18.03 36.76
C ASP C 466 -23.31 17.46 37.96
N VAL C 467 -23.68 16.18 37.93
CA VAL C 467 -24.52 15.60 38.98
C VAL C 467 -24.40 14.08 38.90
N THR C 468 -24.75 13.42 40.00
CA THR C 468 -24.83 11.96 40.06
C THR C 468 -26.28 11.57 40.33
N CYS C 469 -26.79 10.65 39.52
CA CYS C 469 -28.16 10.20 39.67
C CYS C 469 -28.28 9.24 40.85
N ALA C 470 -29.50 9.10 41.37
CA ALA C 470 -29.73 8.17 42.47
C ALA C 470 -29.65 6.74 41.97
N GLU C 471 -29.63 5.78 42.91
CA GLU C 471 -29.47 4.38 42.53
C GLU C 471 -30.66 3.92 41.69
N ASP C 472 -31.87 4.36 42.03
CA ASP C 472 -33.05 3.95 41.28
C ASP C 472 -33.22 4.73 40.00
N GLU C 473 -32.39 5.73 39.74
CA GLU C 473 -32.48 6.58 38.57
C GLU C 473 -31.45 6.16 37.52
N LYS C 474 -31.64 6.68 36.31
CA LYS C 474 -30.74 6.42 35.20
C LYS C 474 -30.55 7.73 34.44
N ALA C 475 -29.38 7.89 33.84
CA ALA C 475 -29.09 9.05 33.01
C ALA C 475 -29.67 8.79 31.62
N VAL C 476 -30.67 9.56 31.24
CA VAL C 476 -31.49 9.26 30.06
C VAL C 476 -31.37 10.42 29.08
N ALA C 477 -31.15 10.07 27.81
CA ALA C 477 -31.04 11.09 26.77
C ALA C 477 -32.34 11.87 26.66
N GLN C 478 -32.21 13.16 26.35
CA GLN C 478 -33.34 14.06 26.24
C GLN C 478 -33.34 14.79 24.91
N GLY C 479 -32.47 14.43 23.99
CA GLY C 479 -32.35 15.14 22.73
C GLY C 479 -31.42 16.32 22.83
N ASP C 480 -30.88 16.72 21.68
CA ASP C 480 -29.95 17.84 21.59
C ASP C 480 -28.82 17.67 22.62
N ASN C 481 -28.28 16.46 22.67
CA ASN C 481 -27.06 16.14 23.42
C ASN C 481 -27.20 16.38 24.92
N GLN C 482 -28.42 16.29 25.46
CA GLN C 482 -28.64 16.49 26.89
C GLN C 482 -29.06 15.19 27.55
N PHE C 483 -28.72 15.06 28.83
CA PHE C 483 -29.08 13.93 29.65
C PHE C 483 -29.72 14.43 30.94
N SER C 484 -30.62 13.61 31.50
CA SER C 484 -31.25 13.92 32.77
C SER C 484 -31.44 12.63 33.56
N CYS C 485 -31.47 12.76 34.88
CA CYS C 485 -31.71 11.62 35.75
C CYS C 485 -33.21 11.34 35.83
N GLU C 486 -33.61 10.10 35.55
CA GLU C 486 -35.01 9.72 35.57
C GLU C 486 -35.19 8.41 36.30
N LYS C 487 -36.30 8.31 37.04
CA LYS C 487 -36.61 7.09 37.77
C LYS C 487 -36.92 5.96 36.80
N GLN C 488 -36.39 4.78 37.10
CA GLN C 488 -36.60 3.60 36.25
C GLN C 488 -37.62 2.70 36.92
N ASP C 489 -38.78 2.55 36.29
CA ASP C 489 -39.87 1.75 36.83
C ASP C 489 -40.67 1.08 35.72
N GLU C 516 -41.98 2.09 26.76
CA GLU C 516 -41.44 2.91 25.63
C GLU C 516 -42.11 2.59 24.29
N HIS C 517 -43.24 1.87 24.34
CA HIS C 517 -43.97 1.51 23.12
C HIS C 517 -45.46 1.74 23.34
N HIS C 518 -45.91 2.97 23.11
CA HIS C 518 -47.34 3.26 23.21
C HIS C 518 -48.11 2.65 22.05
N HIS C 519 -47.45 2.46 20.89
CA HIS C 519 -48.11 1.90 19.72
C HIS C 519 -48.20 0.38 19.75
N HIS C 520 -47.59 -0.27 20.72
CA HIS C 520 -47.77 -1.72 20.89
C HIS C 520 -49.04 -2.01 21.68
CA CA D . -25.68 -4.68 6.81
CA CA E . -15.47 -3.00 4.16
CA CA F . -52.57 14.55 18.54
CA CA G . -0.35 -26.31 6.65
CA CA H . 6.39 13.49 4.65
CA CA I . -1.11 14.10 5.15
CA CA J . 15.99 -7.37 6.69
CA CA K . 18.53 4.01 15.34
CA CA L . 36.24 2.43 12.35
CA CA M . -15.67 -5.58 14.59
CA CA N . -12.19 10.83 26.20
NA NA O . -10.46 -1.90 2.81
NA NA P . 22.78 -20.78 -0.71
NA NA Q . -37.92 12.76 28.62
NA NA R . -30.78 -2.27 6.06
NA NA S . 17.04 3.11 12.40
CL CL T . 36.38 -7.83 7.77
CL CL U . -2.46 4.98 23.59
CL CL V . 4.22 -4.32 8.60
CL CL W . -17.35 -23.29 17.33
CL CL X . -20.20 1.01 17.09
CL CL Y . -1.51 -5.25 3.64
CL CL Z . -4.90 -5.47 15.05
CA CA AA . -41.08 -24.45 31.06
CA CA BA . -14.51 5.58 -22.27
CA CA CA . 11.05 -9.74 5.11
CA CA DA . 4.78 -10.92 8.96
CA CA EA . 8.69 -2.16 -16.75
CA CA FA . 14.56 -14.94 -13.06
CA CA GA . 29.41 -10.50 -21.87
CA CA HA . -20.65 -11.71 -1.79
CA CA IA . -10.54 -28.38 4.19
CA CA JA . 20.35 -0.99 -36.97
CA CA KA . -24.18 -27.15 27.35
NA NA LA . 8.85 11.29 -26.88
NA NA MA . -31.84 -32.14 18.25
NA NA NA . -46.80 -2.40 -14.65
NA NA OA . -28.81 -5.35 11.49
NA NA PA . 13.54 -11.65 -11.90
NA NA QA . 27.47 1.74 -17.34
CL CL RA . 25.52 -2.02 -28.21
CL CL SA . -4.51 -23.58 -4.46
CL CL TA . -0.24 -5.70 -8.90
CL CL UA . -29.55 -5.36 -15.55
CL CL VA . -20.14 -16.67 4.43
CL CL WA . -4.73 -1.15 -4.74
CL CL XA . -10.12 -11.46 -7.61
CA CA YA . -53.79 -18.09 -9.56
CA CA ZA . -4.96 16.67 20.87
CA CA AB . 3.41 0.72 -15.10
CA CA BB . -3.06 -2.84 -14.40
CA CA CB . 9.77 16.04 0.49
CA CA DB . 7.78 18.93 -13.64
CA CA EB . 24.28 25.47 -14.69
CA CA FB . -22.62 5.84 2.76
CA CA GB . -23.70 8.61 -17.76
NA NA HB . 18.40 19.71 14.05
NA NA IB . -29.77 -9.03 6.00
NA NA JB . 8.39 16.42 -11.23
CL CL KB . 26.58 26.96 -3.64
CL CL LB . -14.27 14.30 -13.70
CL CL MB . -1.26 10.65 -0.70
CL CL NB . -24.54 14.98 17.74
CL CL OB . -26.16 2.52 -3.88
CL CL PB . -3.53 4.60 3.59
CL CL QB . -12.44 11.35 -0.52
#